data_6UVF
#
_entry.id   6UVF
#
_cell.length_a   92.386
_cell.length_b   104.650
_cell.length_c   110.076
_cell.angle_alpha   90.000
_cell.angle_beta   110.990
_cell.angle_gamma   90.000
#
_symmetry.space_group_name_H-M   'P 1 21 1'
#
loop_
_entity.id
_entity.type
_entity.pdbx_description
1 polymer 'Bcl-2-like protein 1'
2 non-polymer 'SULFATE ION'
3 non-polymer 1,2-ETHANEDIOL
4 non-polymer "(R)-2-(3-([1,1'-Biphenyl]-4-carbonyl)-3-(4-methylbenzyl)ureido)-3-((cyclohexylmethyl)sulfonyl)propanoic acid"
5 water water
#
_entity_poly.entity_id   1
_entity_poly.type   'polypeptide(L)'
_entity_poly.pdbx_seq_one_letter_code
;GPLGSMSQSNRELVVDFLSYKLSQKGYSWSQMAAVKQALREAGDEFELRYRRAFSDLTSQLHITPGTAYQSFEQVVNELF
RDGVNWGRIVAFFSFGGALCVESVDKEMQVLVSRIAAWMATYLNDHLEPWIQENGGWDTFVELYGNNAAAESRKGQER
;
_entity_poly.pdbx_strand_id   A,B,C,D,E,F,G,H,I,J,K,L
#
# COMPACT_ATOMS: atom_id res chain seq x y z
N GLY A 1 14.80 9.92 13.02
CA GLY A 1 14.75 10.96 14.05
C GLY A 1 15.31 12.30 13.61
N PRO A 2 16.00 13.06 14.51
CA PRO A 2 16.53 14.38 14.14
C PRO A 2 17.64 14.38 13.06
N LEU A 3 17.77 15.50 12.35
CA LEU A 3 18.73 15.64 11.25
C LEU A 3 20.20 15.84 11.69
N GLY A 4 20.87 14.72 12.00
CA GLY A 4 22.24 14.70 12.47
C GLY A 4 23.27 14.37 11.40
N SER A 5 24.50 14.06 11.83
CA SER A 5 25.60 13.73 10.91
C SER A 5 25.30 12.54 10.03
N MET A 6 24.62 11.50 10.57
CA MET A 6 24.29 10.34 9.74
C MET A 6 23.34 10.66 8.57
N SER A 7 22.40 11.60 8.74
CA SER A 7 21.46 11.96 7.66
C SER A 7 22.16 12.59 6.43
N GLN A 8 23.26 13.32 6.69
CA GLN A 8 24.05 14.02 5.67
C GLN A 8 24.92 13.08 4.89
N SER A 9 25.56 12.15 5.57
CA SER A 9 26.39 11.15 4.93
C SER A 9 25.48 10.11 4.19
N ASN A 10 24.26 9.86 4.73
CA ASN A 10 23.30 8.95 4.07
C ASN A 10 22.79 9.56 2.75
N ARG A 11 22.59 10.87 2.73
CA ARG A 11 22.18 11.64 1.53
C ARG A 11 23.29 11.57 0.46
N GLU A 12 24.55 11.69 0.92
CA GLU A 12 25.74 11.57 0.06
C GLU A 12 25.81 10.17 -0.62
N LEU A 13 25.50 9.12 0.15
CA LEU A 13 25.44 7.76 -0.35
C LEU A 13 24.33 7.60 -1.39
N VAL A 14 23.13 8.18 -1.10
CA VAL A 14 21.99 8.15 -2.02
C VAL A 14 22.38 8.80 -3.36
N VAL A 15 22.98 10.00 -3.32
CA VAL A 15 23.38 10.74 -4.53
C VAL A 15 24.42 9.95 -5.32
N ASP A 16 25.42 9.39 -4.62
CA ASP A 16 26.43 8.58 -5.29
C ASP A 16 25.83 7.34 -5.96
N PHE A 17 24.96 6.63 -5.24
CA PHE A 17 24.39 5.41 -5.80
C PHE A 17 23.49 5.71 -7.00
N LEU A 18 22.66 6.78 -6.91
CA LEU A 18 21.78 7.16 -8.00
C LEU A 18 22.58 7.62 -9.23
N SER A 19 23.67 8.35 -9.01
CA SER A 19 24.57 8.79 -10.07
C SER A 19 25.15 7.58 -10.81
N TYR A 20 25.56 6.57 -10.05
CA TYR A 20 26.10 5.32 -10.62
C TYR A 20 25.03 4.58 -11.44
N LYS A 21 23.83 4.39 -10.87
CA LYS A 21 22.77 3.70 -11.65
C LYS A 21 22.37 4.41 -12.91
N LEU A 22 22.25 5.74 -12.85
CA LEU A 22 21.86 6.49 -14.05
C LEU A 22 22.95 6.36 -15.12
N SER A 23 24.22 6.46 -14.72
CA SER A 23 25.36 6.37 -15.67
C SER A 23 25.41 5.01 -16.36
N GLN A 24 24.99 3.92 -15.66
CA GLN A 24 24.96 2.57 -16.28
C GLN A 24 24.00 2.49 -17.46
N LYS A 25 23.00 3.38 -17.52
CA LYS A 25 21.99 3.40 -18.57
C LYS A 25 22.19 4.56 -19.56
N GLY A 26 23.32 5.25 -19.43
CA GLY A 26 23.69 6.37 -20.29
C GLY A 26 23.09 7.70 -19.88
N TYR A 27 22.59 7.79 -18.63
CA TYR A 27 21.96 9.00 -18.07
C TYR A 27 22.89 9.60 -17.03
N SER A 28 22.59 10.79 -16.53
CA SER A 28 23.43 11.43 -15.50
C SER A 28 22.61 12.16 -14.45
N TRP A 29 23.11 12.11 -13.19
CA TRP A 29 22.50 12.78 -12.05
C TRP A 29 22.54 14.32 -12.25
N SER A 30 23.64 14.85 -12.81
CA SER A 30 23.88 16.26 -13.03
C SER A 30 24.95 16.43 -14.11
N GLN A 31 25.19 17.66 -14.54
CA GLN A 31 26.25 17.98 -15.48
C GLN A 31 27.65 17.65 -14.93
N MET A 32 27.90 17.86 -13.62
CA MET A 32 29.15 17.54 -12.97
C MET A 32 29.35 16.00 -12.98
N ALA A 33 28.27 15.23 -12.70
CA ALA A 33 28.31 13.76 -12.73
C ALA A 33 28.64 13.31 -14.16
N ALA A 34 28.10 14.00 -15.18
CA ALA A 34 28.38 13.70 -16.60
C ALA A 34 29.85 13.93 -16.95
N VAL A 35 30.46 15.01 -16.44
CA VAL A 35 31.88 15.32 -16.64
C VAL A 35 32.75 14.21 -15.99
N LYS A 36 32.45 13.89 -14.73
CA LYS A 36 33.16 12.85 -13.98
C LYS A 36 33.11 11.51 -14.72
N GLN A 37 31.93 11.10 -15.19
CA GLN A 37 31.74 9.85 -15.90
C GLN A 37 32.50 9.80 -17.23
N ALA A 38 32.42 10.87 -18.04
CA ALA A 38 33.11 10.98 -19.32
C ALA A 38 34.63 10.86 -19.13
N LEU A 39 35.17 11.52 -18.07
CA LEU A 39 36.60 11.52 -17.74
C LEU A 39 37.05 10.13 -17.25
N ARG A 40 36.24 9.47 -16.41
CA ARG A 40 36.51 8.10 -15.98
C ARG A 40 36.65 7.17 -17.20
N GLU A 41 35.66 7.23 -18.11
CA GLU A 41 35.63 6.39 -19.32
C GLU A 41 36.75 6.73 -20.30
N ALA A 42 37.01 8.04 -20.49
CA ALA A 42 38.08 8.52 -21.38
C ALA A 42 39.46 8.02 -20.88
N GLY A 43 39.67 8.03 -19.55
CA GLY A 43 40.89 7.52 -18.94
C GLY A 43 41.07 6.04 -19.19
N ASP A 44 39.99 5.25 -19.04
CA ASP A 44 40.04 3.83 -19.34
C ASP A 44 40.40 3.58 -20.81
N GLU A 45 39.75 4.32 -21.73
CA GLU A 45 39.95 4.19 -23.17
C GLU A 45 41.39 4.54 -23.55
N PHE A 46 41.91 5.65 -22.99
CA PHE A 46 43.28 6.08 -23.21
C PHE A 46 44.30 5.02 -22.74
N GLU A 47 44.13 4.51 -21.49
CA GLU A 47 45.02 3.54 -20.87
C GLU A 47 45.07 2.22 -21.66
N LEU A 48 43.94 1.87 -22.31
CA LEU A 48 43.80 0.66 -23.12
C LEU A 48 44.47 0.90 -24.50
N ARG A 49 44.19 2.03 -25.16
CA ARG A 49 44.73 2.32 -26.49
C ARG A 49 46.21 2.65 -26.50
N TYR A 50 46.72 3.29 -25.46
CA TYR A 50 48.12 3.72 -25.41
C TYR A 50 48.89 3.08 -24.29
N ARG A 51 48.56 1.82 -23.95
CA ARG A 51 49.19 1.09 -22.86
C ARG A 51 50.75 1.16 -22.86
N ARG A 52 51.39 0.84 -24.01
CA ARG A 52 52.86 0.84 -24.12
C ARG A 52 53.46 2.22 -23.99
N ALA A 53 52.96 3.19 -24.77
CA ALA A 53 53.44 4.58 -24.71
C ALA A 53 53.21 5.21 -23.31
N PHE A 54 52.05 4.89 -22.69
CA PHE A 54 51.71 5.37 -21.35
C PHE A 54 52.67 4.82 -20.30
N SER A 55 53.06 3.54 -20.43
CA SER A 55 54.02 2.87 -19.55
C SER A 55 55.37 3.62 -19.55
N ASP A 56 55.80 4.11 -20.75
CA ASP A 56 57.03 4.89 -20.90
C ASP A 56 56.92 6.22 -20.16
N LEU A 57 55.71 6.82 -20.17
CA LEU A 57 55.45 8.08 -19.48
C LEU A 57 55.50 7.91 -17.96
N THR A 58 54.78 6.91 -17.41
CA THR A 58 54.71 6.66 -15.95
C THR A 58 56.07 6.30 -15.36
N SER A 59 56.92 5.60 -16.14
CA SER A 59 58.29 5.22 -15.77
C SER A 59 59.25 6.44 -15.64
N GLN A 60 58.88 7.61 -16.23
CA GLN A 60 59.65 8.87 -16.19
C GLN A 60 59.66 9.55 -14.80
N LEU A 61 58.74 9.17 -13.93
CA LEU A 61 58.69 9.77 -12.61
C LEU A 61 58.73 8.69 -11.53
N HIS A 62 59.89 8.68 -10.85
CA HIS A 62 60.27 7.80 -9.76
C HIS A 62 59.85 8.49 -8.47
N ILE A 63 58.59 8.25 -8.06
CA ILE A 63 58.03 8.86 -6.86
C ILE A 63 58.73 8.35 -5.60
N THR A 64 58.93 9.26 -4.64
CA THR A 64 59.55 8.98 -3.35
C THR A 64 58.87 9.91 -2.31
N PRO A 65 58.95 9.63 -0.99
CA PRO A 65 58.35 10.58 -0.01
C PRO A 65 58.93 12.01 -0.07
N GLY A 66 60.00 12.19 -0.81
CA GLY A 66 60.64 13.49 -0.99
C GLY A 66 60.34 14.19 -2.30
N THR A 67 59.52 13.54 -3.17
CA THR A 67 59.15 14.10 -4.48
C THR A 67 58.30 15.35 -4.33
N ALA A 68 58.76 16.44 -4.98
CA ALA A 68 58.17 17.77 -5.02
C ALA A 68 57.35 17.94 -6.27
N TYR A 69 56.48 18.96 -6.25
CA TYR A 69 55.63 19.35 -7.35
C TYR A 69 56.38 19.56 -8.65
N GLN A 70 57.55 20.21 -8.57
CA GLN A 70 58.44 20.56 -9.67
C GLN A 70 58.78 19.35 -10.55
N SER A 71 59.03 18.19 -9.90
CA SER A 71 59.36 16.95 -10.58
C SER A 71 58.15 16.43 -11.39
N PHE A 72 56.93 16.52 -10.81
CA PHE A 72 55.67 16.14 -11.50
C PHE A 72 55.46 17.10 -12.66
N GLU A 73 55.60 18.41 -12.39
CA GLU A 73 55.45 19.51 -13.35
C GLU A 73 56.41 19.38 -14.55
N GLN A 74 57.67 18.99 -14.31
CA GLN A 74 58.65 18.80 -15.38
C GLN A 74 58.15 17.75 -16.38
N VAL A 75 57.78 16.57 -15.88
CA VAL A 75 57.26 15.46 -16.68
C VAL A 75 55.93 15.85 -17.39
N VAL A 76 54.98 16.47 -16.65
CA VAL A 76 53.69 16.87 -17.22
C VAL A 76 53.92 17.92 -18.34
N ASN A 77 54.82 18.90 -18.12
CA ASN A 77 55.19 19.93 -19.12
C ASN A 77 55.59 19.33 -20.47
N GLU A 78 56.27 18.19 -20.43
CA GLU A 78 56.70 17.44 -21.60
C GLU A 78 55.49 16.90 -22.37
N LEU A 79 54.47 16.51 -21.66
CA LEU A 79 53.22 15.99 -22.20
C LEU A 79 52.49 17.11 -22.98
N PHE A 80 52.60 18.37 -22.54
CA PHE A 80 51.95 19.51 -23.19
C PHE A 80 52.92 20.37 -24.00
N ARG A 81 54.10 19.81 -24.36
CA ARG A 81 55.16 20.47 -25.16
C ARG A 81 54.64 21.03 -26.48
N ASP A 82 53.76 20.28 -27.18
CA ASP A 82 53.17 20.66 -28.47
C ASP A 82 51.80 21.39 -28.33
N GLY A 83 51.47 21.79 -27.11
CA GLY A 83 50.20 22.45 -26.80
C GLY A 83 49.20 21.58 -26.06
N VAL A 84 48.08 22.17 -25.70
CA VAL A 84 46.99 21.52 -24.98
C VAL A 84 45.89 21.09 -25.96
N ASN A 85 45.29 19.94 -25.68
CA ASN A 85 44.12 19.35 -26.34
C ASN A 85 43.47 18.44 -25.29
N TRP A 86 42.23 18.00 -25.54
CA TRP A 86 41.50 17.15 -24.60
C TRP A 86 42.20 15.82 -24.32
N GLY A 87 42.76 15.21 -25.36
CA GLY A 87 43.46 13.93 -25.25
C GLY A 87 44.66 13.95 -24.32
N ARG A 88 45.43 15.03 -24.36
CA ARG A 88 46.59 15.18 -23.49
C ARG A 88 46.18 15.56 -22.05
N ILE A 89 44.96 16.14 -21.87
CA ILE A 89 44.38 16.41 -20.55
C ILE A 89 43.96 15.05 -19.94
N VAL A 90 43.37 14.14 -20.76
CA VAL A 90 42.97 12.80 -20.33
C VAL A 90 44.24 12.04 -19.87
N ALA A 91 45.32 12.08 -20.68
CA ALA A 91 46.62 11.47 -20.39
C ALA A 91 47.20 12.01 -19.07
N PHE A 92 47.04 13.32 -18.80
CA PHE A 92 47.46 13.96 -17.54
C PHE A 92 46.73 13.35 -16.32
N PHE A 93 45.39 13.18 -16.42
CA PHE A 93 44.59 12.57 -15.35
C PHE A 93 45.02 11.13 -15.12
N SER A 94 45.15 10.35 -16.24
CA SER A 94 45.61 8.94 -16.22
C SER A 94 46.97 8.83 -15.56
N PHE A 95 47.90 9.74 -15.88
CA PHE A 95 49.24 9.80 -15.30
C PHE A 95 49.17 9.97 -13.76
N GLY A 96 48.39 10.95 -13.28
CA GLY A 96 48.16 11.16 -11.86
C GLY A 96 47.54 9.94 -11.17
N GLY A 97 46.57 9.32 -11.84
CA GLY A 97 45.94 8.08 -11.35
C GLY A 97 46.92 6.94 -11.18
N ALA A 98 47.78 6.70 -12.21
CA ALA A 98 48.82 5.66 -12.18
C ALA A 98 49.84 5.95 -11.07
N LEU A 99 50.18 7.22 -10.83
CA LEU A 99 51.13 7.60 -9.77
C LEU A 99 50.56 7.28 -8.39
N CYS A 100 49.24 7.47 -8.20
CA CYS A 100 48.53 7.19 -6.94
C CYS A 100 48.51 5.71 -6.67
N VAL A 101 48.18 4.91 -7.71
CA VAL A 101 48.18 3.44 -7.63
C VAL A 101 49.57 2.93 -7.25
N GLU A 102 50.61 3.42 -7.97
CA GLU A 102 52.03 3.07 -7.71
C GLU A 102 52.44 3.41 -6.27
N SER A 103 52.00 4.55 -5.76
CA SER A 103 52.32 5.01 -4.40
C SER A 103 51.76 4.05 -3.35
N VAL A 104 50.52 3.59 -3.55
CA VAL A 104 49.86 2.67 -2.64
C VAL A 104 50.53 1.31 -2.74
N ASP A 105 50.82 0.85 -3.99
CA ASP A 105 51.54 -0.41 -4.24
C ASP A 105 52.84 -0.43 -3.43
N LYS A 106 53.61 0.68 -3.45
CA LYS A 106 54.90 0.81 -2.76
C LYS A 106 54.78 1.20 -1.28
N GLU A 107 53.56 1.16 -0.70
CA GLU A 107 53.28 1.50 0.70
C GLU A 107 53.74 2.92 1.07
N MET A 108 53.37 3.88 0.21
CA MET A 108 53.68 5.32 0.36
C MET A 108 52.39 6.06 0.14
N GLN A 109 51.37 5.60 0.86
CA GLN A 109 50.00 6.10 0.87
C GLN A 109 49.93 7.61 0.99
N VAL A 110 50.82 8.20 1.79
CA VAL A 110 50.97 9.63 2.06
C VAL A 110 51.07 10.48 0.78
N LEU A 111 51.65 9.92 -0.29
CA LEU A 111 51.84 10.60 -1.55
C LEU A 111 50.55 10.84 -2.35
N VAL A 112 49.49 10.07 -2.10
CA VAL A 112 48.21 10.18 -2.80
C VAL A 112 47.59 11.60 -2.69
N SER A 113 47.44 12.11 -1.45
CA SER A 113 46.92 13.46 -1.22
C SER A 113 47.86 14.52 -1.81
N ARG A 114 49.18 14.23 -1.82
CA ARG A 114 50.19 15.10 -2.41
C ARG A 114 50.01 15.17 -3.94
N ILE A 115 49.71 14.02 -4.61
CA ILE A 115 49.43 13.93 -6.07
C ILE A 115 48.12 14.69 -6.42
N ALA A 116 47.03 14.49 -5.65
CA ALA A 116 45.75 15.19 -5.87
C ALA A 116 45.95 16.74 -5.89
N ALA A 117 46.66 17.29 -4.88
CA ALA A 117 47.04 18.70 -4.78
C ALA A 117 47.96 19.16 -5.96
N TRP A 118 48.88 18.31 -6.43
CA TRP A 118 49.72 18.63 -7.59
C TRP A 118 48.87 18.78 -8.85
N MET A 119 47.94 17.83 -9.05
CA MET A 119 47.02 17.82 -10.18
C MET A 119 46.17 19.06 -10.22
N ALA A 120 45.58 19.44 -9.07
CA ALA A 120 44.74 20.65 -8.95
C ALA A 120 45.57 21.92 -9.26
N THR A 121 46.84 22.00 -8.75
CA THR A 121 47.74 23.12 -9.03
C THR A 121 48.05 23.20 -10.52
N TYR A 122 48.41 22.06 -11.15
CA TYR A 122 48.74 22.02 -12.57
C TYR A 122 47.50 22.39 -13.40
N LEU A 123 46.33 21.87 -13.00
CA LEU A 123 45.04 22.17 -13.63
C LEU A 123 44.78 23.69 -13.64
N ASN A 124 44.86 24.35 -12.47
CA ASN A 124 44.62 25.79 -12.30
C ASN A 124 45.65 26.68 -12.98
N ASP A 125 46.96 26.36 -12.84
CA ASP A 125 48.06 27.13 -13.41
C ASP A 125 48.17 27.04 -14.91
N HIS A 126 48.04 25.83 -15.50
CA HIS A 126 48.32 25.62 -16.92
C HIS A 126 47.17 25.25 -17.84
N LEU A 127 46.19 24.51 -17.35
CA LEU A 127 45.15 23.97 -18.22
C LEU A 127 43.83 24.69 -18.21
N GLU A 128 43.43 25.26 -17.05
CA GLU A 128 42.17 25.96 -16.90
C GLU A 128 41.96 27.10 -17.93
N PRO A 129 42.96 27.99 -18.24
CA PRO A 129 42.73 29.03 -19.26
C PRO A 129 42.36 28.42 -20.61
N TRP A 130 43.06 27.34 -21.02
CA TRP A 130 42.74 26.64 -22.27
C TRP A 130 41.34 26.00 -22.21
N ILE A 131 40.95 25.42 -21.06
CA ILE A 131 39.65 24.74 -20.94
C ILE A 131 38.51 25.75 -21.13
N GLN A 132 38.62 26.94 -20.49
CA GLN A 132 37.65 28.02 -20.64
C GLN A 132 37.60 28.55 -22.07
N GLU A 133 38.77 28.69 -22.73
CA GLU A 133 38.88 29.14 -24.12
C GLU A 133 38.27 28.14 -25.12
N ASN A 134 38.20 26.84 -24.73
CA ASN A 134 37.75 25.75 -25.62
C ASN A 134 36.41 25.10 -25.23
N GLY A 135 35.50 25.90 -24.68
CA GLY A 135 34.15 25.49 -24.35
C GLY A 135 33.89 24.83 -23.01
N GLY A 136 34.93 24.73 -22.18
CA GLY A 136 34.81 24.12 -20.86
C GLY A 136 34.61 22.62 -20.88
N TRP A 137 34.43 22.04 -19.69
CA TRP A 137 34.24 20.60 -19.51
C TRP A 137 32.99 20.03 -20.21
N ASP A 138 31.97 20.87 -20.43
CA ASP A 138 30.73 20.53 -21.14
C ASP A 138 31.02 20.17 -22.61
N THR A 139 32.02 20.86 -23.23
CA THR A 139 32.44 20.58 -24.61
C THR A 139 33.16 19.23 -24.64
N PHE A 140 33.98 18.94 -23.60
CA PHE A 140 34.67 17.66 -23.51
C PHE A 140 33.64 16.51 -23.48
N VAL A 141 32.55 16.67 -22.70
CA VAL A 141 31.45 15.71 -22.58
C VAL A 141 30.77 15.49 -23.93
N GLU A 142 30.50 16.58 -24.68
CA GLU A 142 29.87 16.48 -25.99
C GLU A 142 30.82 15.83 -27.01
N LEU A 143 32.12 16.18 -26.99
CA LEU A 143 33.12 15.59 -27.87
C LEU A 143 33.33 14.09 -27.61
N TYR A 144 33.43 13.71 -26.32
CA TYR A 144 33.64 12.32 -25.92
C TYR A 144 32.35 11.48 -26.13
N GLY A 145 32.49 10.32 -26.78
CA GLY A 145 31.37 9.42 -27.06
C GLY A 145 30.01 10.06 -27.37
N PRO B 2 31.98 33.10 -8.90
CA PRO B 2 32.46 32.99 -7.52
C PRO B 2 33.96 32.63 -7.45
N LEU B 3 34.70 33.36 -6.58
CA LEU B 3 36.16 33.29 -6.36
C LEU B 3 36.78 31.89 -6.33
N GLY B 4 36.16 30.97 -5.56
CA GLY B 4 36.62 29.60 -5.38
C GLY B 4 35.93 28.52 -6.19
N SER B 5 35.07 28.91 -7.19
CA SER B 5 34.31 27.97 -8.03
C SER B 5 35.13 26.91 -8.79
N MET B 6 36.11 27.35 -9.62
CA MET B 6 36.92 26.42 -10.41
C MET B 6 37.86 25.56 -9.53
N SER B 7 38.36 26.12 -8.41
CA SER B 7 39.20 25.40 -7.42
C SER B 7 38.43 24.23 -6.94
N GLN B 8 37.19 24.50 -6.50
CA GLN B 8 36.20 23.59 -5.92
C GLN B 8 35.75 22.52 -6.91
N SER B 9 35.45 22.89 -8.17
CA SER B 9 35.01 21.90 -9.16
C SER B 9 36.24 21.08 -9.70
N ASN B 10 37.41 21.71 -9.83
CA ASN B 10 38.65 21.03 -10.27
C ASN B 10 39.06 19.99 -9.27
N ARG B 11 39.00 20.32 -7.97
CA ARG B 11 39.31 19.45 -6.86
C ARG B 11 38.35 18.26 -6.86
N GLU B 12 37.07 18.54 -7.12
CA GLU B 12 36.03 17.53 -7.19
C GLU B 12 36.28 16.50 -8.29
N LEU B 13 36.70 16.98 -9.46
CA LEU B 13 37.06 16.17 -10.61
C LEU B 13 38.30 15.32 -10.33
N VAL B 14 39.31 15.93 -9.67
CA VAL B 14 40.57 15.25 -9.31
C VAL B 14 40.26 14.11 -8.36
N VAL B 15 39.47 14.40 -7.28
CA VAL B 15 39.10 13.43 -6.24
C VAL B 15 38.30 12.32 -6.87
N ASP B 16 37.35 12.66 -7.74
CA ASP B 16 36.54 11.62 -8.39
C ASP B 16 37.39 10.68 -9.25
N PHE B 17 38.24 11.24 -10.07
CA PHE B 17 39.05 10.44 -10.98
C PHE B 17 40.03 9.54 -10.19
N LEU B 18 40.70 10.11 -9.17
CA LEU B 18 41.64 9.33 -8.35
C LEU B 18 40.93 8.27 -7.53
N SER B 19 39.72 8.54 -7.03
CA SER B 19 38.92 7.56 -6.29
C SER B 19 38.61 6.39 -7.18
N TYR B 20 38.22 6.68 -8.43
CA TYR B 20 37.93 5.67 -9.43
C TYR B 20 39.16 4.80 -9.72
N LYS B 21 40.32 5.42 -9.98
CA LYS B 21 41.55 4.67 -10.31
C LYS B 21 42.02 3.80 -9.18
N LEU B 22 41.96 4.32 -7.95
CA LEU B 22 42.31 3.55 -6.77
C LEU B 22 41.37 2.34 -6.63
N SER B 23 40.05 2.54 -6.75
CA SER B 23 39.02 1.48 -6.60
C SER B 23 39.20 0.35 -7.62
N GLN B 24 39.66 0.68 -8.84
CA GLN B 24 39.92 -0.33 -9.89
C GLN B 24 41.03 -1.31 -9.48
N LYS B 25 41.92 -0.90 -8.57
CA LYS B 25 43.03 -1.73 -8.09
C LYS B 25 42.79 -2.25 -6.67
N GLY B 26 41.56 -2.12 -6.16
CA GLY B 26 41.21 -2.60 -4.85
C GLY B 26 41.59 -1.66 -3.72
N TYR B 27 41.92 -0.39 -4.03
CA TYR B 27 42.31 0.62 -3.05
C TYR B 27 41.16 1.65 -2.92
N SER B 28 41.19 2.48 -1.90
CA SER B 28 40.15 3.51 -1.77
C SER B 28 40.75 4.87 -1.36
N TRP B 29 40.15 5.92 -1.87
CA TRP B 29 40.54 7.30 -1.60
C TRP B 29 40.28 7.64 -0.11
N SER B 30 39.17 7.11 0.44
CA SER B 30 38.75 7.39 1.82
C SER B 30 37.75 6.31 2.23
N GLN B 31 37.38 6.30 3.53
CA GLN B 31 36.38 5.38 4.05
C GLN B 31 34.99 5.60 3.41
N MET B 32 34.63 6.86 3.13
CA MET B 32 33.38 7.21 2.46
C MET B 32 33.40 6.67 1.00
N ALA B 33 34.55 6.78 0.31
CA ALA B 33 34.71 6.24 -1.04
C ALA B 33 34.57 4.74 -1.02
N ALA B 34 35.07 4.07 0.04
CA ALA B 34 34.96 2.62 0.21
C ALA B 34 33.48 2.20 0.42
N VAL B 35 32.70 2.97 1.23
CA VAL B 35 31.26 2.71 1.45
C VAL B 35 30.51 2.83 0.10
N LYS B 36 30.76 3.93 -0.63
CA LYS B 36 30.15 4.20 -1.93
C LYS B 36 30.42 3.06 -2.91
N GLN B 37 31.68 2.60 -3.00
CA GLN B 37 32.07 1.54 -3.90
C GLN B 37 31.42 0.21 -3.56
N ALA B 38 31.42 -0.16 -2.25
CA ALA B 38 30.82 -1.39 -1.77
C ALA B 38 29.31 -1.42 -2.10
N LEU B 39 28.61 -0.29 -1.91
CA LEU B 39 27.18 -0.15 -2.18
C LEU B 39 26.87 -0.21 -3.70
N ARG B 40 27.72 0.40 -4.53
CA ARG B 40 27.60 0.34 -5.99
C ARG B 40 27.68 -1.15 -6.46
N GLU B 41 28.70 -1.86 -5.97
CA GLU B 41 28.94 -3.27 -6.30
C GLU B 41 27.87 -4.17 -5.73
N ALA B 42 27.42 -3.92 -4.47
CA ALA B 42 26.35 -4.70 -3.84
C ALA B 42 25.03 -4.56 -4.62
N GLY B 43 24.72 -3.36 -5.12
CA GLY B 43 23.54 -3.11 -5.94
C GLY B 43 23.59 -3.90 -7.23
N ASP B 44 24.78 -3.92 -7.89
CA ASP B 44 24.94 -4.73 -9.13
C ASP B 44 24.73 -6.18 -8.83
N GLU B 45 25.35 -6.69 -7.74
CA GLU B 45 25.24 -8.09 -7.34
C GLU B 45 23.81 -8.49 -7.05
N PHE B 46 23.09 -7.64 -6.28
CA PHE B 46 21.69 -7.88 -5.92
C PHE B 46 20.80 -7.96 -7.19
N GLU B 47 20.95 -6.99 -8.09
CA GLU B 47 20.18 -6.86 -9.32
C GLU B 47 20.38 -8.06 -10.24
N LEU B 48 21.58 -8.63 -10.22
CA LEU B 48 21.95 -9.81 -10.98
C LEU B 48 21.37 -11.09 -10.33
N ARG B 49 21.53 -11.26 -9.01
CA ARG B 49 21.05 -12.47 -8.33
C ARG B 49 19.53 -12.55 -8.19
N TYR B 50 18.87 -11.41 -8.04
CA TYR B 50 17.42 -11.35 -7.84
C TYR B 50 16.70 -10.65 -8.95
N ARG B 51 17.17 -10.80 -10.17
CA ARG B 51 16.59 -10.14 -11.34
C ARG B 51 15.03 -10.28 -11.43
N ARG B 52 14.51 -11.53 -11.34
CA ARG B 52 13.06 -11.77 -11.45
C ARG B 52 12.29 -11.22 -10.26
N ALA B 53 12.76 -11.51 -9.02
CA ALA B 53 12.13 -10.98 -7.82
C ALA B 53 12.17 -9.45 -7.78
N PHE B 54 13.29 -8.84 -8.24
CA PHE B 54 13.43 -7.38 -8.25
C PHE B 54 12.46 -6.73 -9.26
N SER B 55 12.24 -7.39 -10.40
CA SER B 55 11.27 -6.96 -11.43
C SER B 55 9.84 -6.90 -10.82
N ASP B 56 9.49 -7.88 -9.96
CA ASP B 56 8.20 -7.88 -9.23
C ASP B 56 8.08 -6.69 -8.30
N LEU B 57 9.19 -6.29 -7.67
CA LEU B 57 9.21 -5.15 -6.73
C LEU B 57 9.06 -3.82 -7.50
N THR B 58 9.87 -3.62 -8.55
CA THR B 58 9.85 -2.37 -9.34
C THR B 58 8.51 -2.14 -10.04
N SER B 59 7.79 -3.22 -10.42
CA SER B 59 6.44 -3.18 -11.02
C SER B 59 5.39 -2.61 -10.06
N GLN B 60 5.66 -2.58 -8.74
CA GLN B 60 4.74 -2.12 -7.70
C GLN B 60 4.56 -0.60 -7.69
N LEU B 61 5.52 0.16 -8.25
CA LEU B 61 5.46 1.62 -8.17
C LEU B 61 6.00 2.29 -9.42
N HIS B 62 5.23 3.21 -9.98
CA HIS B 62 5.62 4.01 -11.16
C HIS B 62 5.44 5.51 -10.81
N ILE B 63 6.54 6.22 -10.56
CA ILE B 63 6.54 7.64 -10.19
C ILE B 63 6.05 8.57 -11.31
N THR B 64 5.12 9.45 -10.99
CA THR B 64 4.57 10.49 -11.87
C THR B 64 4.80 11.83 -11.19
N PRO B 65 4.68 13.01 -11.88
CA PRO B 65 4.88 14.29 -11.18
C PRO B 65 3.92 14.50 -9.99
N GLY B 66 2.85 13.73 -9.94
CA GLY B 66 1.83 13.78 -8.89
C GLY B 66 2.00 12.80 -7.73
N THR B 67 2.87 11.82 -7.87
CA THR B 67 3.13 10.83 -6.82
C THR B 67 3.62 11.49 -5.50
N ALA B 68 2.98 11.10 -4.40
CA ALA B 68 3.33 11.56 -3.06
C ALA B 68 4.37 10.62 -2.41
N TYR B 69 5.20 11.14 -1.49
CA TYR B 69 6.24 10.40 -0.74
C TYR B 69 5.62 9.14 -0.09
N GLN B 70 4.39 9.30 0.43
CA GLN B 70 3.62 8.24 1.11
C GLN B 70 3.52 6.95 0.28
N SER B 71 3.36 7.08 -1.05
CA SER B 71 3.26 5.93 -1.97
C SER B 71 4.61 5.20 -2.05
N PHE B 72 5.70 5.96 -2.06
CA PHE B 72 7.06 5.40 -2.05
C PHE B 72 7.30 4.70 -0.67
N GLU B 73 6.97 5.40 0.42
CA GLU B 73 7.15 4.92 1.80
C GLU B 73 6.36 3.65 2.08
N GLN B 74 5.14 3.55 1.52
CA GLN B 74 4.31 2.36 1.66
C GLN B 74 5.00 1.14 1.06
N VAL B 75 5.53 1.26 -0.20
CA VAL B 75 6.18 0.15 -0.89
C VAL B 75 7.48 -0.26 -0.16
N VAL B 76 8.29 0.74 0.23
CA VAL B 76 9.56 0.50 0.93
C VAL B 76 9.34 -0.16 2.30
N ASN B 77 8.25 0.22 3.00
CA ASN B 77 7.86 -0.36 4.29
C ASN B 77 7.61 -1.87 4.18
N GLU B 78 7.06 -2.34 3.03
CA GLU B 78 6.76 -3.77 2.79
C GLU B 78 8.02 -4.55 2.62
N LEU B 79 9.06 -3.88 2.10
CA LEU B 79 10.39 -4.44 1.94
C LEU B 79 11.04 -4.73 3.33
N PHE B 80 10.68 -3.90 4.36
CA PHE B 80 11.24 -4.06 5.71
C PHE B 80 10.22 -4.51 6.79
N ARG B 81 8.98 -4.90 6.42
CA ARG B 81 7.97 -5.33 7.41
C ARG B 81 8.48 -6.48 8.36
N ASP B 82 9.25 -7.45 7.85
CA ASP B 82 9.76 -8.56 8.68
C ASP B 82 11.12 -8.22 9.30
N GLY B 83 11.55 -6.99 9.16
CA GLY B 83 12.83 -6.57 9.72
C GLY B 83 13.84 -6.08 8.71
N VAL B 84 14.91 -5.50 9.24
CA VAL B 84 15.97 -4.91 8.45
C VAL B 84 17.19 -5.84 8.47
N ASN B 85 17.91 -5.86 7.35
CA ASN B 85 19.20 -6.50 7.16
C ASN B 85 19.91 -5.73 6.06
N TRP B 86 21.22 -5.94 5.89
CA TRP B 86 22.00 -5.24 4.88
C TRP B 86 21.49 -5.47 3.47
N GLY B 87 21.06 -6.72 3.16
CA GLY B 87 20.54 -7.11 1.86
C GLY B 87 19.28 -6.34 1.47
N ARG B 88 18.38 -6.11 2.45
CA ARG B 88 17.14 -5.36 2.26
C ARG B 88 17.43 -3.88 2.05
N ILE B 89 18.50 -3.36 2.69
CA ILE B 89 18.95 -1.96 2.52
C ILE B 89 19.49 -1.80 1.11
N VAL B 90 20.24 -2.82 0.61
CA VAL B 90 20.79 -2.80 -0.74
C VAL B 90 19.62 -2.78 -1.74
N ALA B 91 18.60 -3.64 -1.51
CA ALA B 91 17.37 -3.72 -2.33
C ALA B 91 16.67 -2.37 -2.37
N PHE B 92 16.61 -1.64 -1.24
CA PHE B 92 16.02 -0.29 -1.12
C PHE B 92 16.75 0.72 -2.05
N PHE B 93 18.11 0.72 -2.02
CA PHE B 93 18.94 1.59 -2.88
C PHE B 93 18.70 1.25 -4.36
N SER B 94 18.73 -0.05 -4.71
CA SER B 94 18.50 -0.59 -6.08
C SER B 94 17.11 -0.17 -6.57
N PHE B 95 16.07 -0.25 -5.67
CA PHE B 95 14.71 0.14 -5.97
C PHE B 95 14.62 1.63 -6.36
N GLY B 96 15.26 2.50 -5.57
CA GLY B 96 15.36 3.93 -5.84
C GLY B 96 16.07 4.22 -7.15
N GLY B 97 17.14 3.46 -7.43
CA GLY B 97 17.88 3.56 -8.68
C GLY B 97 17.04 3.20 -9.89
N ALA B 98 16.27 2.10 -9.83
CA ALA B 98 15.39 1.70 -10.95
C ALA B 98 14.21 2.71 -11.15
N LEU B 99 13.72 3.34 -10.08
CA LEU B 99 12.69 4.40 -10.16
C LEU B 99 13.25 5.65 -10.89
N CYS B 100 14.53 6.02 -10.61
CA CYS B 100 15.20 7.14 -11.28
C CYS B 100 15.40 6.83 -12.75
N VAL B 101 15.88 5.60 -13.07
CA VAL B 101 16.12 5.13 -14.45
C VAL B 101 14.81 5.23 -15.26
N GLU B 102 13.71 4.67 -14.67
CA GLU B 102 12.39 4.69 -15.25
C GLU B 102 11.91 6.17 -15.50
N SER B 103 12.16 7.09 -14.54
CA SER B 103 11.80 8.53 -14.68
C SER B 103 12.51 9.15 -15.88
N VAL B 104 13.80 8.89 -16.08
CA VAL B 104 14.50 9.45 -17.22
C VAL B 104 14.03 8.72 -18.50
N ASP B 105 13.81 7.37 -18.48
CA ASP B 105 13.26 6.65 -19.65
C ASP B 105 11.98 7.36 -20.13
N LYS B 106 11.11 7.77 -19.19
CA LYS B 106 9.84 8.42 -19.45
C LYS B 106 9.94 9.95 -19.64
N GLU B 107 11.18 10.48 -19.75
CA GLU B 107 11.48 11.89 -19.94
C GLU B 107 10.89 12.77 -18.82
N MET B 108 11.08 12.31 -17.57
CA MET B 108 10.66 13.00 -16.37
C MET B 108 11.88 13.10 -15.44
N GLN B 109 13.03 13.60 -15.99
CA GLN B 109 14.28 13.77 -15.25
C GLN B 109 14.10 14.61 -13.95
N VAL B 110 13.11 15.51 -13.93
CA VAL B 110 12.76 16.35 -12.76
C VAL B 110 12.47 15.51 -11.49
N LEU B 111 11.97 14.28 -11.68
CA LEU B 111 11.62 13.36 -10.58
C LEU B 111 12.83 12.71 -9.88
N VAL B 112 14.00 12.71 -10.53
CA VAL B 112 15.21 12.10 -10.01
C VAL B 112 15.61 12.70 -8.65
N SER B 113 15.71 14.04 -8.56
CA SER B 113 16.04 14.77 -7.30
C SER B 113 14.97 14.54 -6.24
N ARG B 114 13.70 14.42 -6.65
CA ARG B 114 12.58 14.10 -5.76
C ARG B 114 12.74 12.67 -5.17
N ILE B 115 13.07 11.68 -5.99
CA ILE B 115 13.30 10.30 -5.52
C ILE B 115 14.49 10.27 -4.55
N ALA B 116 15.59 10.97 -4.88
CA ALA B 116 16.79 11.05 -4.02
C ALA B 116 16.41 11.61 -2.64
N ALA B 117 15.63 12.70 -2.60
CA ALA B 117 15.11 13.30 -1.37
C ALA B 117 14.19 12.33 -0.60
N TRP B 118 13.33 11.56 -1.30
CA TRP B 118 12.49 10.53 -0.66
C TRP B 118 13.35 9.45 0.01
N MET B 119 14.42 9.00 -0.68
CA MET B 119 15.34 7.99 -0.16
C MET B 119 16.05 8.48 1.11
N ALA B 120 16.56 9.74 1.09
CA ALA B 120 17.23 10.33 2.25
C ALA B 120 16.22 10.52 3.43
N THR B 121 14.96 10.90 3.13
CA THR B 121 13.91 11.05 4.14
C THR B 121 13.63 9.67 4.76
N TYR B 122 13.50 8.61 3.90
CA TYR B 122 13.24 7.26 4.40
C TYR B 122 14.35 6.79 5.34
N LEU B 123 15.61 6.91 4.90
CA LEU B 123 16.76 6.54 5.69
C LEU B 123 16.74 7.24 7.07
N ASN B 124 16.47 8.59 7.09
CA ASN B 124 16.41 9.41 8.32
C ASN B 124 15.22 9.06 9.24
N ASP B 125 14.06 8.87 8.66
CA ASP B 125 12.85 8.57 9.42
C ASP B 125 12.78 7.15 9.94
N HIS B 126 13.43 6.20 9.25
CA HIS B 126 13.27 4.77 9.58
C HIS B 126 14.51 3.96 9.94
N LEU B 127 15.61 4.11 9.21
CA LEU B 127 16.75 3.18 9.22
C LEU B 127 18.02 3.54 10.04
N GLU B 128 18.21 4.80 10.44
CA GLU B 128 19.43 5.19 11.20
C GLU B 128 19.63 4.36 12.48
N PRO B 129 18.60 4.17 13.34
CA PRO B 129 18.83 3.37 14.56
C PRO B 129 19.30 1.96 14.22
N TRP B 130 18.75 1.31 13.17
CA TRP B 130 19.21 -0.02 12.78
C TRP B 130 20.68 0.01 12.26
N ILE B 131 21.01 0.97 11.39
CA ILE B 131 22.38 1.11 10.85
C ILE B 131 23.41 1.25 12.01
N GLN B 132 23.13 2.16 12.95
CA GLN B 132 23.94 2.43 14.10
C GLN B 132 24.09 1.16 14.97
N GLU B 133 22.97 0.50 15.34
CA GLU B 133 23.01 -0.70 16.17
C GLU B 133 23.76 -1.86 15.51
N ASN B 134 23.82 -1.88 14.17
CA ASN B 134 24.45 -2.99 13.48
C ASN B 134 25.88 -2.68 12.96
N GLY B 135 26.57 -1.76 13.64
CA GLY B 135 27.96 -1.43 13.32
C GLY B 135 28.24 -0.35 12.30
N GLY B 136 27.18 0.25 11.75
CA GLY B 136 27.33 1.32 10.79
C GLY B 136 27.77 0.83 9.42
N TRP B 137 27.95 1.77 8.48
CA TRP B 137 28.35 1.50 7.10
C TRP B 137 29.72 0.83 6.99
N ASP B 138 30.61 1.03 7.97
CA ASP B 138 31.93 0.39 8.02
C ASP B 138 31.81 -1.14 8.18
N THR B 139 30.81 -1.62 8.97
CA THR B 139 30.51 -3.05 9.13
C THR B 139 29.96 -3.61 7.82
N PHE B 140 29.12 -2.84 7.11
CA PHE B 140 28.60 -3.25 5.80
C PHE B 140 29.77 -3.51 4.83
N VAL B 141 30.77 -2.60 4.80
CA VAL B 141 31.97 -2.69 3.94
C VAL B 141 32.78 -3.97 4.30
N GLU B 142 32.98 -4.24 5.60
CA GLU B 142 33.68 -5.43 6.04
C GLU B 142 32.88 -6.70 5.69
N LEU B 143 31.54 -6.69 5.89
CA LEU B 143 30.69 -7.84 5.56
C LEU B 143 30.64 -8.11 4.08
N TYR B 144 30.55 -7.06 3.26
CA TYR B 144 30.48 -7.21 1.81
C TYR B 144 31.81 -7.69 1.20
N GLY B 145 32.92 -7.14 1.71
CA GLY B 145 34.28 -7.47 1.28
C GLY B 145 34.92 -8.58 2.09
N GLY C 4 -10.29 -6.14 14.69
CA GLY C 4 -11.48 -6.97 14.59
C GLY C 4 -11.48 -8.18 15.50
N SER C 5 -12.69 -8.61 15.94
CA SER C 5 -12.91 -9.76 16.84
C SER C 5 -12.56 -11.09 16.16
N MET C 6 -13.12 -11.33 14.96
CA MET C 6 -12.87 -12.55 14.15
C MET C 6 -11.58 -12.46 13.35
N SER C 7 -10.89 -11.31 13.40
CA SER C 7 -9.57 -11.12 12.77
C SER C 7 -8.58 -12.05 13.47
N GLN C 8 -8.73 -12.15 14.82
CA GLN C 8 -7.96 -12.98 15.75
C GLN C 8 -8.20 -14.48 15.48
N SER C 9 -9.47 -14.88 15.32
CA SER C 9 -9.83 -16.25 15.06
C SER C 9 -9.45 -16.66 13.63
N ASN C 10 -9.58 -15.73 12.64
CA ASN C 10 -9.22 -15.98 11.25
C ASN C 10 -7.73 -16.20 11.11
N ARG C 11 -6.93 -15.40 11.83
CA ARG C 11 -5.47 -15.52 11.88
C ARG C 11 -5.08 -16.89 12.48
N GLU C 12 -5.77 -17.27 13.56
CA GLU C 12 -5.57 -18.55 14.25
C GLU C 12 -5.82 -19.75 13.31
N LEU C 13 -6.90 -19.67 12.51
CA LEU C 13 -7.25 -20.65 11.49
C LEU C 13 -6.18 -20.73 10.41
N VAL C 14 -5.68 -19.56 9.95
CA VAL C 14 -4.63 -19.48 8.92
C VAL C 14 -3.38 -20.20 9.45
N VAL C 15 -2.92 -19.84 10.67
CA VAL C 15 -1.73 -20.41 11.28
C VAL C 15 -1.88 -21.92 11.46
N ASP C 16 -3.04 -22.36 11.98
CA ASP C 16 -3.27 -23.78 12.17
C ASP C 16 -3.22 -24.57 10.83
N PHE C 17 -3.91 -24.07 9.81
CA PHE C 17 -3.96 -24.74 8.52
C PHE C 17 -2.57 -24.81 7.86
N LEU C 18 -1.83 -23.71 7.91
CA LEU C 18 -0.50 -23.65 7.30
C LEU C 18 0.48 -24.54 8.02
N SER C 19 0.39 -24.57 9.36
CA SER C 19 1.24 -25.45 10.18
C SER C 19 1.01 -26.89 9.79
N TYR C 20 -0.27 -27.28 9.62
CA TYR C 20 -0.64 -28.64 9.21
C TYR C 20 -0.08 -28.96 7.81
N LYS C 21 -0.24 -28.04 6.83
CA LYS C 21 0.24 -28.31 5.46
C LYS C 21 1.73 -28.44 5.38
N LEU C 22 2.46 -27.58 6.11
CA LEU C 22 3.90 -27.65 6.14
C LEU C 22 4.35 -28.96 6.77
N SER C 23 3.73 -29.39 7.88
CA SER C 23 4.08 -30.64 8.59
C SER C 23 3.86 -31.87 7.71
N GLN C 24 2.85 -31.83 6.80
CA GLN C 24 2.60 -32.97 5.90
C GLN C 24 3.73 -33.21 4.94
N LYS C 25 4.58 -32.21 4.71
CA LYS C 25 5.70 -32.30 3.76
C LYS C 25 7.03 -32.33 4.51
N GLY C 26 6.97 -32.45 5.84
CA GLY C 26 8.14 -32.54 6.69
C GLY C 26 8.74 -31.23 7.07
N TYR C 27 7.96 -30.14 6.91
CA TYR C 27 8.40 -28.77 7.24
C TYR C 27 7.66 -28.32 8.46
N SER C 28 8.03 -27.17 9.05
CA SER C 28 7.29 -26.68 10.21
C SER C 28 7.12 -25.18 10.18
N TRP C 29 5.95 -24.69 10.68
CA TRP C 29 5.60 -23.29 10.79
C TRP C 29 6.58 -22.55 11.71
N SER C 30 6.95 -23.19 12.83
CA SER C 30 7.85 -22.63 13.87
C SER C 30 8.43 -23.80 14.66
N GLN C 31 9.39 -23.50 15.54
CA GLN C 31 10.00 -24.48 16.44
C GLN C 31 8.95 -25.10 17.40
N MET C 32 8.00 -24.30 17.89
CA MET C 32 6.91 -24.75 18.78
C MET C 32 6.01 -25.73 17.99
N ALA C 33 5.71 -25.42 16.71
CA ALA C 33 4.92 -26.30 15.85
C ALA C 33 5.66 -27.61 15.65
N ALA C 34 6.99 -27.56 15.52
CA ALA C 34 7.85 -28.78 15.37
C ALA C 34 7.80 -29.64 16.63
N VAL C 35 7.82 -29.02 17.82
CA VAL C 35 7.71 -29.76 19.11
C VAL C 35 6.35 -30.44 19.19
N LYS C 36 5.27 -29.68 18.89
CA LYS C 36 3.88 -30.18 18.89
C LYS C 36 3.73 -31.38 17.98
N GLN C 37 4.26 -31.28 16.73
CA GLN C 37 4.20 -32.35 15.75
C GLN C 37 4.95 -33.59 16.18
N ALA C 38 6.17 -33.42 16.67
CA ALA C 38 7.00 -34.53 17.14
C ALA C 38 6.34 -35.28 18.30
N LEU C 39 5.70 -34.54 19.23
CA LEU C 39 5.00 -35.11 20.40
C LEU C 39 3.73 -35.86 19.95
N ARG C 40 2.99 -35.30 18.97
CA ARG C 40 1.79 -35.94 18.42
C ARG C 40 2.17 -37.30 17.84
N GLU C 41 3.21 -37.31 16.99
CA GLU C 41 3.70 -38.53 16.31
C GLU C 41 4.33 -39.50 17.29
N ALA C 42 5.08 -39.02 18.30
CA ALA C 42 5.70 -39.86 19.34
C ALA C 42 4.62 -40.59 20.16
N GLY C 43 3.53 -39.89 20.47
CA GLY C 43 2.42 -40.47 21.21
C GLY C 43 1.75 -41.56 20.39
N ASP C 44 1.55 -41.33 19.08
CA ASP C 44 0.99 -42.36 18.19
C ASP C 44 1.89 -43.57 18.15
N GLU C 45 3.21 -43.36 18.01
CA GLU C 45 4.20 -44.44 17.93
C GLU C 45 4.25 -45.23 19.22
N PHE C 46 4.23 -44.55 20.39
CA PHE C 46 4.23 -45.17 21.70
C PHE C 46 2.98 -46.05 21.90
N GLU C 47 1.79 -45.49 21.60
CA GLU C 47 0.51 -46.16 21.76
C GLU C 47 0.41 -47.41 20.88
N LEU C 48 1.09 -47.39 19.73
CA LEU C 48 1.12 -48.50 18.80
C LEU C 48 2.13 -49.58 19.29
N ARG C 49 3.34 -49.17 19.70
CA ARG C 49 4.39 -50.09 20.14
C ARG C 49 4.12 -50.75 21.49
N TYR C 50 3.46 -50.02 22.41
CA TYR C 50 3.19 -50.52 23.75
C TYR C 50 1.73 -50.65 24.04
N ARG C 51 0.93 -50.99 23.03
CA ARG C 51 -0.55 -51.11 23.14
C ARG C 51 -1.01 -51.90 24.37
N ARG C 52 -0.54 -53.12 24.53
CA ARG C 52 -0.95 -53.99 25.64
C ARG C 52 -0.54 -53.44 26.99
N ALA C 53 0.76 -53.09 27.17
CA ALA C 53 1.28 -52.53 28.43
C ALA C 53 0.61 -51.18 28.76
N PHE C 54 0.36 -50.33 27.75
CA PHE C 54 -0.32 -49.04 27.91
C PHE C 54 -1.76 -49.22 28.40
N SER C 55 -2.47 -50.23 27.89
CA SER C 55 -3.83 -50.57 28.29
C SER C 55 -3.89 -50.92 29.81
N ASP C 56 -2.85 -51.61 30.32
CA ASP C 56 -2.73 -51.95 31.73
C ASP C 56 -2.53 -50.69 32.59
N LEU C 57 -1.79 -49.70 32.05
CA LEU C 57 -1.52 -48.43 32.72
C LEU C 57 -2.82 -47.62 32.83
N THR C 58 -3.56 -47.44 31.70
CA THR C 58 -4.79 -46.65 31.66
C THR C 58 -5.89 -47.22 32.53
N SER C 59 -5.93 -48.56 32.69
CA SER C 59 -6.89 -49.28 33.56
C SER C 59 -6.65 -48.97 35.06
N GLN C 60 -5.44 -48.48 35.45
CA GLN C 60 -5.06 -48.15 36.82
C GLN C 60 -5.78 -46.92 37.40
N LEU C 61 -6.36 -46.07 36.54
CA LEU C 61 -7.07 -44.87 36.98
C LEU C 61 -8.33 -44.62 36.15
N HIS C 62 -9.49 -44.61 36.80
CA HIS C 62 -10.74 -44.28 36.11
C HIS C 62 -11.23 -43.00 36.76
N ILE C 63 -11.13 -41.88 36.03
CA ILE C 63 -11.48 -40.56 36.55
C ILE C 63 -13.02 -40.42 36.64
N THR C 64 -13.44 -39.92 37.79
CA THR C 64 -14.82 -39.63 38.17
C THR C 64 -14.89 -38.14 38.56
N PRO C 65 -16.08 -37.49 38.64
CA PRO C 65 -16.10 -36.07 39.06
C PRO C 65 -15.50 -35.79 40.45
N GLY C 66 -15.27 -36.87 41.22
CA GLY C 66 -14.69 -36.82 42.55
C GLY C 66 -13.19 -37.10 42.64
N THR C 67 -12.55 -37.46 41.49
CA THR C 67 -11.11 -37.76 41.43
C THR C 67 -10.25 -36.53 41.76
N ALA C 68 -9.31 -36.70 42.71
CA ALA C 68 -8.36 -35.69 43.18
C ALA C 68 -7.03 -35.78 42.42
N TYR C 69 -6.26 -34.67 42.35
CA TYR C 69 -4.94 -34.62 41.70
C TYR C 69 -4.00 -35.72 42.19
N GLN C 70 -4.03 -35.99 43.51
CA GLN C 70 -3.20 -36.99 44.20
C GLN C 70 -3.30 -38.38 43.58
N SER C 71 -4.53 -38.78 43.15
CA SER C 71 -4.77 -40.08 42.52
C SER C 71 -4.09 -40.12 41.15
N PHE C 72 -4.13 -39.01 40.41
CA PHE C 72 -3.47 -38.90 39.11
C PHE C 72 -1.96 -38.94 39.32
N GLU C 73 -1.45 -38.12 40.26
CA GLU C 73 -0.04 -38.00 40.62
C GLU C 73 0.55 -39.35 41.08
N GLN C 74 -0.22 -40.14 41.88
CA GLN C 74 0.27 -41.42 42.36
C GLN C 74 0.54 -42.41 41.22
N VAL C 75 -0.39 -42.51 40.24
CA VAL C 75 -0.24 -43.35 39.07
C VAL C 75 0.92 -42.87 38.16
N VAL C 76 1.01 -41.57 37.86
CA VAL C 76 2.09 -40.98 37.04
C VAL C 76 3.48 -41.12 37.76
N ASN C 77 3.52 -41.08 39.11
CA ASN C 77 4.77 -41.30 39.88
C ASN C 77 5.31 -42.71 39.65
N GLU C 78 4.42 -43.69 39.42
CA GLU C 78 4.78 -45.08 39.13
C GLU C 78 5.44 -45.17 37.77
N LEU C 79 5.01 -44.33 36.82
CA LEU C 79 5.56 -44.24 35.48
C LEU C 79 7.00 -43.68 35.53
N PHE C 80 7.30 -42.85 36.57
CA PHE C 80 8.60 -42.19 36.80
C PHE C 80 9.33 -42.72 38.04
N ARG C 81 8.94 -43.92 38.49
CA ARG C 81 9.50 -44.63 39.65
C ARG C 81 10.99 -45.01 39.41
N ASP C 82 11.32 -45.32 38.14
CA ASP C 82 12.66 -45.72 37.70
C ASP C 82 13.50 -44.54 37.19
N GLY C 83 12.91 -43.36 37.04
CA GLY C 83 13.63 -42.15 36.60
C GLY C 83 12.96 -41.46 35.43
N VAL C 84 13.50 -40.31 34.97
CA VAL C 84 12.94 -39.55 33.83
C VAL C 84 13.75 -39.78 32.55
N ASN C 85 13.03 -39.94 31.43
CA ASN C 85 13.55 -40.03 30.07
C ASN C 85 12.47 -39.53 29.13
N TRP C 86 12.82 -39.27 27.87
CA TRP C 86 11.85 -38.77 26.91
C TRP C 86 10.68 -39.72 26.66
N GLY C 87 10.97 -41.02 26.60
CA GLY C 87 9.98 -42.08 26.37
C GLY C 87 8.89 -42.11 27.42
N ARG C 88 9.28 -41.92 28.67
CA ARG C 88 8.38 -41.88 29.82
C ARG C 88 7.53 -40.60 29.80
N ILE C 89 8.10 -39.48 29.32
CA ILE C 89 7.39 -38.22 29.17
C ILE C 89 6.31 -38.38 28.08
N VAL C 90 6.64 -39.08 26.98
CA VAL C 90 5.69 -39.39 25.90
C VAL C 90 4.53 -40.23 26.47
N ALA C 91 4.86 -41.28 27.25
CA ALA C 91 3.89 -42.15 27.91
C ALA C 91 2.94 -41.35 28.82
N PHE C 92 3.48 -40.33 29.54
CA PHE C 92 2.74 -39.45 30.42
C PHE C 92 1.67 -38.64 29.61
N PHE C 93 2.07 -38.07 28.46
CA PHE C 93 1.17 -37.34 27.59
C PHE C 93 0.06 -38.25 27.07
N SER C 94 0.45 -39.44 26.58
CA SER C 94 -0.46 -40.48 26.06
C SER C 94 -1.47 -40.89 27.13
N PHE C 95 -1.01 -41.06 28.37
CA PHE C 95 -1.82 -41.41 29.54
C PHE C 95 -2.92 -40.34 29.79
N GLY C 96 -2.51 -39.06 29.81
CA GLY C 96 -3.42 -37.93 29.95
C GLY C 96 -4.45 -37.87 28.85
N GLY C 97 -4.00 -38.10 27.60
CA GLY C 97 -4.87 -38.17 26.45
C GLY C 97 -5.91 -39.28 26.54
N ALA C 98 -5.48 -40.48 26.96
CA ALA C 98 -6.40 -41.61 27.13
C ALA C 98 -7.44 -41.33 28.25
N LEU C 99 -7.04 -40.64 29.34
CA LEU C 99 -7.94 -40.28 30.44
C LEU C 99 -9.02 -39.32 29.94
N CYS C 100 -8.63 -38.35 29.06
CA CYS C 100 -9.54 -37.37 28.47
C CYS C 100 -10.53 -38.05 27.55
N VAL C 101 -10.06 -39.01 26.71
CA VAL C 101 -10.90 -39.79 25.76
C VAL C 101 -11.95 -40.57 26.55
N GLU C 102 -11.51 -41.25 27.62
CA GLU C 102 -12.35 -42.02 28.51
C GLU C 102 -13.41 -41.13 29.17
N SER C 103 -13.02 -39.91 29.61
CA SER C 103 -13.94 -38.94 30.23
C SER C 103 -15.07 -38.53 29.27
N VAL C 104 -14.73 -38.28 27.98
CA VAL C 104 -15.71 -37.92 26.95
C VAL C 104 -16.60 -39.14 26.62
N ASP C 105 -15.99 -40.34 26.52
CA ASP C 105 -16.72 -41.60 26.30
C ASP C 105 -17.81 -41.75 27.37
N LYS C 106 -17.45 -41.48 28.64
CA LYS C 106 -18.35 -41.62 29.81
C LYS C 106 -19.26 -40.39 30.03
N GLU C 107 -19.31 -39.46 29.04
CA GLU C 107 -20.12 -38.23 29.07
C GLU C 107 -19.78 -37.33 30.28
N MET C 108 -18.48 -37.17 30.57
CA MET C 108 -17.93 -36.37 31.66
C MET C 108 -16.86 -35.45 31.08
N GLN C 109 -17.18 -34.74 29.95
CA GLN C 109 -16.29 -33.78 29.26
C GLN C 109 -15.76 -32.67 30.23
N VAL C 110 -16.48 -32.40 31.35
CA VAL C 110 -16.07 -31.45 32.41
C VAL C 110 -14.68 -31.81 33.01
N LEU C 111 -14.33 -33.10 33.04
CA LEU C 111 -13.06 -33.58 33.57
C LEU C 111 -11.83 -33.31 32.70
N VAL C 112 -12.03 -33.06 31.39
CA VAL C 112 -10.95 -32.81 30.43
C VAL C 112 -10.06 -31.61 30.89
N SER C 113 -10.68 -30.47 31.21
CA SER C 113 -9.97 -29.26 31.66
C SER C 113 -9.24 -29.52 32.99
N ARG C 114 -9.82 -30.37 33.82
CA ARG C 114 -9.22 -30.79 35.09
C ARG C 114 -7.95 -31.63 34.84
N ILE C 115 -8.01 -32.60 33.91
CA ILE C 115 -6.87 -33.45 33.55
C ILE C 115 -5.74 -32.57 32.98
N ALA C 116 -6.08 -31.62 32.08
CA ALA C 116 -5.12 -30.71 31.48
C ALA C 116 -4.36 -29.93 32.56
N ALA C 117 -5.09 -29.42 33.57
CA ALA C 117 -4.49 -28.69 34.71
C ALA C 117 -3.57 -29.59 35.55
N TRP C 118 -3.98 -30.87 35.76
CA TRP C 118 -3.18 -31.85 36.48
C TRP C 118 -1.86 -32.13 35.76
N MET C 119 -1.92 -32.25 34.42
CA MET C 119 -0.77 -32.52 33.56
C MET C 119 0.20 -31.40 33.63
N ALA C 120 -0.27 -30.14 33.56
CA ALA C 120 0.57 -28.94 33.66
C ALA C 120 1.24 -28.86 35.03
N THR C 121 0.51 -29.15 36.11
CA THR C 121 1.08 -29.20 37.48
C THR C 121 2.16 -30.28 37.57
N TYR C 122 1.87 -31.50 37.04
CA TYR C 122 2.86 -32.58 37.10
C TYR C 122 4.14 -32.22 36.35
N LEU C 123 3.98 -31.69 35.12
CA LEU C 123 5.10 -31.25 34.29
C LEU C 123 5.96 -30.22 35.00
N ASN C 124 5.35 -29.15 35.55
CA ASN C 124 6.07 -28.09 36.25
C ASN C 124 6.75 -28.57 37.55
N ASP C 125 6.06 -29.39 38.35
CA ASP C 125 6.60 -29.91 39.61
C ASP C 125 7.71 -30.94 39.42
N HIS C 126 7.53 -31.88 38.47
CA HIS C 126 8.41 -33.04 38.38
C HIS C 126 9.27 -33.17 37.13
N LEU C 127 8.76 -32.79 35.97
CA LEU C 127 9.47 -33.06 34.72
C LEU C 127 10.26 -31.91 34.12
N GLU C 128 9.74 -30.67 34.20
CA GLU C 128 10.39 -29.49 33.60
C GLU C 128 11.84 -29.30 34.03
N PRO C 129 12.26 -29.48 35.34
CA PRO C 129 13.70 -29.32 35.64
C PRO C 129 14.57 -30.30 34.83
N TRP C 130 14.14 -31.57 34.73
CA TRP C 130 14.84 -32.59 33.93
C TRP C 130 14.87 -32.17 32.45
N ILE C 131 13.75 -31.63 31.91
CA ILE C 131 13.64 -31.18 30.52
C ILE C 131 14.72 -30.14 30.20
N GLN C 132 14.88 -29.13 31.08
CA GLN C 132 15.89 -28.06 30.92
C GLN C 132 17.34 -28.57 31.04
N GLU C 133 17.59 -29.53 31.94
CA GLU C 133 18.94 -30.09 32.09
C GLU C 133 19.29 -31.02 30.91
N ASN C 134 18.27 -31.56 30.19
CA ASN C 134 18.47 -32.49 29.07
C ASN C 134 18.22 -31.89 27.68
N GLY C 135 18.50 -30.62 27.54
CA GLY C 135 18.45 -29.87 26.28
C GLY C 135 17.13 -29.30 25.82
N GLY C 136 16.10 -29.40 26.66
CA GLY C 136 14.77 -28.88 26.34
C GLY C 136 14.04 -29.65 25.26
N TRP C 137 12.86 -29.16 24.90
CA TRP C 137 12.00 -29.76 23.89
C TRP C 137 12.64 -29.82 22.48
N ASP C 138 13.59 -28.92 22.19
CA ASP C 138 14.35 -28.89 20.93
C ASP C 138 15.23 -30.15 20.77
N THR C 139 15.76 -30.67 21.89
CA THR C 139 16.56 -31.90 21.89
C THR C 139 15.64 -33.09 21.63
N PHE C 140 14.42 -33.06 22.21
CA PHE C 140 13.42 -34.10 21.99
C PHE C 140 13.10 -34.20 20.47
N VAL C 141 12.93 -33.04 19.80
CA VAL C 141 12.66 -32.95 18.36
C VAL C 141 13.80 -33.55 17.54
N GLU C 142 15.06 -33.21 17.90
CA GLU C 142 16.24 -33.75 17.22
C GLU C 142 16.36 -35.27 17.44
N LEU C 143 16.14 -35.75 18.69
CA LEU C 143 16.18 -37.18 19.01
C LEU C 143 15.09 -37.97 18.30
N TYR C 144 13.86 -37.46 18.30
CA TYR C 144 12.73 -38.13 17.65
C TYR C 144 12.84 -38.07 16.11
N GLY C 145 12.83 -39.24 15.47
CA GLY C 145 13.00 -39.36 14.02
C GLY C 145 14.45 -39.31 13.59
N PRO D 2 11.25 -15.99 29.07
CA PRO D 2 11.16 -15.30 30.36
C PRO D 2 10.48 -16.11 31.47
N LEU D 3 10.22 -15.46 32.65
CA LEU D 3 9.67 -16.01 33.90
C LEU D 3 8.51 -17.03 33.77
N GLY D 4 7.40 -16.67 33.13
CA GLY D 4 6.26 -17.55 32.95
C GLY D 4 6.13 -18.11 31.54
N SER D 5 7.23 -18.16 30.79
CA SER D 5 7.24 -18.67 29.41
C SER D 5 7.22 -20.20 29.32
N MET D 6 7.74 -20.89 30.33
CA MET D 6 7.81 -22.36 30.37
C MET D 6 6.48 -23.00 30.79
N SER D 7 5.75 -22.39 31.76
CA SER D 7 4.41 -22.85 32.15
C SER D 7 3.45 -22.67 31.00
N GLN D 8 3.53 -21.52 30.26
CA GLN D 8 2.68 -21.20 29.12
C GLN D 8 2.97 -22.10 27.93
N SER D 9 4.27 -22.45 27.67
CA SER D 9 4.66 -23.33 26.59
C SER D 9 4.27 -24.79 26.94
N ASN D 10 4.39 -25.19 28.23
CA ASN D 10 3.99 -26.52 28.68
C ASN D 10 2.48 -26.70 28.61
N ARG D 11 1.71 -25.67 28.99
CA ARG D 11 0.25 -25.63 28.89
C ARG D 11 -0.16 -25.72 27.40
N GLU D 12 0.57 -25.00 26.53
CA GLU D 12 0.34 -25.02 25.07
C GLU D 12 0.52 -26.43 24.50
N LEU D 13 1.56 -27.14 24.96
CA LEU D 13 1.86 -28.51 24.55
C LEU D 13 0.77 -29.44 25.04
N VAL D 14 0.31 -29.26 26.32
CA VAL D 14 -0.75 -30.10 26.90
C VAL D 14 -2.02 -29.94 26.05
N VAL D 15 -2.43 -28.68 25.76
CA VAL D 15 -3.63 -28.37 25.01
C VAL D 15 -3.54 -28.97 23.62
N ASP D 16 -2.39 -28.77 22.95
CA ASP D 16 -2.21 -29.30 21.61
C ASP D 16 -2.32 -30.83 21.59
N PHE D 17 -1.61 -31.51 22.51
CA PHE D 17 -1.60 -32.96 22.53
C PHE D 17 -3.01 -33.52 22.82
N LEU D 18 -3.69 -32.97 23.83
CA LEU D 18 -5.05 -33.40 24.19
C LEU D 18 -6.03 -33.16 23.05
N SER D 19 -5.94 -32.00 22.36
CA SER D 19 -6.79 -31.67 21.22
C SER D 19 -6.63 -32.70 20.16
N TYR D 20 -5.37 -33.10 19.89
CA TYR D 20 -5.04 -34.11 18.90
C TYR D 20 -5.66 -35.45 19.22
N LYS D 21 -5.49 -35.92 20.46
CA LYS D 21 -6.01 -37.21 20.90
C LYS D 21 -7.51 -37.27 20.88
N LEU D 22 -8.19 -36.18 21.32
CA LEU D 22 -9.65 -36.13 21.27
C LEU D 22 -10.14 -36.18 19.82
N SER D 23 -9.49 -35.40 18.91
CA SER D 23 -9.87 -35.36 17.49
C SER D 23 -9.76 -36.73 16.80
N GLN D 24 -8.77 -37.55 17.23
CA GLN D 24 -8.58 -38.89 16.67
C GLN D 24 -9.74 -39.83 16.95
N LYS D 25 -10.50 -39.56 18.02
CA LYS D 25 -11.64 -40.36 18.42
C LYS D 25 -12.98 -39.69 18.09
N GLY D 26 -12.93 -38.63 17.29
CA GLY D 26 -14.10 -37.88 16.85
C GLY D 26 -14.62 -36.86 17.85
N TYR D 27 -13.80 -36.51 18.85
CA TYR D 27 -14.14 -35.54 19.89
C TYR D 27 -13.34 -34.24 19.66
N SER D 28 -13.65 -33.16 20.39
CA SER D 28 -12.90 -31.92 20.24
C SER D 28 -12.64 -31.25 21.57
N TRP D 29 -11.45 -30.62 21.70
CA TRP D 29 -11.04 -29.88 22.89
C TRP D 29 -11.95 -28.66 23.10
N SER D 30 -12.30 -27.97 22.00
CA SER D 30 -13.11 -26.75 21.99
C SER D 30 -13.73 -26.57 20.61
N GLN D 31 -14.62 -25.57 20.48
CA GLN D 31 -15.25 -25.23 19.21
C GLN D 31 -14.23 -24.76 18.17
N MET D 32 -13.20 -24.01 18.61
CA MET D 32 -12.11 -23.54 17.75
C MET D 32 -11.29 -24.74 17.25
N ALA D 33 -11.03 -25.72 18.15
CA ALA D 33 -10.31 -26.96 17.76
C ALA D 33 -11.14 -27.73 16.72
N ALA D 34 -12.48 -27.74 16.87
CA ALA D 34 -13.38 -28.40 15.92
C ALA D 34 -13.31 -27.73 14.53
N VAL D 35 -13.27 -26.37 14.48
CA VAL D 35 -13.15 -25.60 13.24
C VAL D 35 -11.82 -25.95 12.54
N LYS D 36 -10.73 -25.91 13.32
CA LYS D 36 -9.39 -26.21 12.84
C LYS D 36 -9.34 -27.62 12.23
N GLN D 37 -9.86 -28.63 12.96
CA GLN D 37 -9.88 -30.00 12.51
C GLN D 37 -10.66 -30.20 11.21
N ALA D 38 -11.89 -29.64 11.15
CA ALA D 38 -12.76 -29.70 9.98
C ALA D 38 -12.08 -29.10 8.74
N LEU D 39 -11.40 -27.95 8.92
CA LEU D 39 -10.68 -27.26 7.83
C LEU D 39 -9.44 -28.04 7.35
N ARG D 40 -8.70 -28.65 8.29
CA ARG D 40 -7.55 -29.51 7.97
C ARG D 40 -8.03 -30.65 7.07
N GLU D 41 -9.13 -31.32 7.46
CA GLU D 41 -9.69 -32.47 6.74
C GLU D 41 -10.31 -32.06 5.42
N ALA D 42 -11.03 -30.93 5.41
CA ALA D 42 -11.63 -30.40 4.19
C ALA D 42 -10.54 -30.08 3.13
N GLY D 43 -9.41 -29.53 3.57
CA GLY D 43 -8.30 -29.21 2.68
C GLY D 43 -7.72 -30.46 2.05
N ASP D 44 -7.52 -31.52 2.87
CA ASP D 44 -7.06 -32.82 2.39
C ASP D 44 -8.04 -33.40 1.36
N GLU D 45 -9.37 -33.36 1.66
CA GLU D 45 -10.40 -33.86 0.78
C GLU D 45 -10.43 -33.09 -0.55
N PHE D 46 -10.34 -31.76 -0.49
CA PHE D 46 -10.33 -30.89 -1.66
C PHE D 46 -9.14 -31.20 -2.58
N GLU D 47 -7.95 -31.28 -1.98
CA GLU D 47 -6.67 -31.57 -2.67
C GLU D 47 -6.67 -32.93 -3.35
N LEU D 48 -7.39 -33.87 -2.78
CA LEU D 48 -7.56 -35.21 -3.33
C LEU D 48 -8.59 -35.20 -4.47
N ARG D 49 -9.78 -34.62 -4.24
CA ARG D 49 -10.86 -34.60 -5.25
C ARG D 49 -10.55 -33.74 -6.48
N TYR D 50 -9.83 -32.63 -6.30
CA TYR D 50 -9.55 -31.70 -7.37
C TYR D 50 -8.07 -31.57 -7.65
N ARG D 51 -7.32 -32.66 -7.51
CA ARG D 51 -5.88 -32.67 -7.72
C ARG D 51 -5.42 -31.97 -9.02
N ARG D 52 -5.95 -32.39 -10.17
CA ARG D 52 -5.56 -31.83 -11.48
C ARG D 52 -5.96 -30.38 -11.63
N ALA D 53 -7.23 -30.05 -11.31
CA ALA D 53 -7.72 -28.66 -11.39
C ALA D 53 -6.96 -27.75 -10.41
N PHE D 54 -6.64 -28.24 -9.19
CA PHE D 54 -5.90 -27.51 -8.17
C PHE D 54 -4.48 -27.20 -8.62
N SER D 55 -3.84 -28.15 -9.32
CA SER D 55 -2.50 -28.01 -9.90
C SER D 55 -2.49 -26.83 -10.91
N ASP D 56 -3.58 -26.67 -11.70
CA ASP D 56 -3.74 -25.54 -12.64
C ASP D 56 -3.88 -24.22 -11.90
N LEU D 57 -4.53 -24.23 -10.74
CA LEU D 57 -4.67 -23.03 -9.89
C LEU D 57 -3.31 -22.60 -9.30
N THR D 58 -2.59 -23.53 -8.67
CA THR D 58 -1.30 -23.25 -8.00
C THR D 58 -0.22 -22.77 -8.99
N SER D 59 -0.31 -23.24 -10.25
CA SER D 59 0.61 -22.81 -11.34
C SER D 59 0.45 -21.34 -11.71
N GLN D 60 -0.73 -20.74 -11.37
CA GLN D 60 -1.06 -19.33 -11.66
C GLN D 60 -0.21 -18.31 -10.89
N LEU D 61 0.44 -18.72 -9.78
CA LEU D 61 1.20 -17.77 -8.99
C LEU D 61 2.42 -18.44 -8.35
N HIS D 62 3.57 -17.81 -8.54
CA HIS D 62 4.81 -18.27 -7.92
C HIS D 62 5.39 -17.08 -7.10
N ILE D 63 5.28 -17.16 -5.77
CA ILE D 63 5.75 -16.11 -4.83
C ILE D 63 7.28 -15.94 -4.88
N THR D 64 7.73 -14.69 -5.03
CA THR D 64 9.14 -14.31 -4.98
C THR D 64 9.26 -13.29 -3.81
N PRO D 65 10.49 -12.97 -3.32
CA PRO D 65 10.62 -11.91 -2.28
C PRO D 65 10.07 -10.54 -2.70
N GLY D 66 9.84 -10.33 -4.00
CA GLY D 66 9.30 -9.09 -4.53
C GLY D 66 7.80 -9.09 -4.83
N THR D 67 7.12 -10.23 -4.66
CA THR D 67 5.67 -10.34 -4.91
C THR D 67 4.87 -9.47 -3.96
N ALA D 68 3.94 -8.68 -4.55
CA ALA D 68 3.01 -7.83 -3.80
C ALA D 68 1.70 -8.61 -3.43
N TYR D 69 1.03 -8.21 -2.35
CA TYR D 69 -0.26 -8.74 -1.91
C TYR D 69 -1.28 -8.75 -3.06
N GLN D 70 -1.29 -7.67 -3.86
CA GLN D 70 -2.16 -7.47 -5.03
C GLN D 70 -2.13 -8.60 -6.03
N SER D 71 -0.95 -9.22 -6.25
CA SER D 71 -0.82 -10.36 -7.18
C SER D 71 -1.52 -11.60 -6.60
N PHE D 72 -1.40 -11.79 -5.27
CA PHE D 72 -2.03 -12.89 -4.55
C PHE D 72 -3.55 -12.66 -4.57
N GLU D 73 -3.97 -11.44 -4.21
CA GLU D 73 -5.37 -11.01 -4.20
C GLU D 73 -6.05 -11.21 -5.56
N GLN D 74 -5.37 -10.88 -6.67
CA GLN D 74 -5.95 -11.07 -8.01
C GLN D 74 -6.26 -12.52 -8.34
N VAL D 75 -5.31 -13.42 -8.04
CA VAL D 75 -5.49 -14.85 -8.26
C VAL D 75 -6.63 -15.37 -7.38
N VAL D 76 -6.61 -15.03 -6.11
CA VAL D 76 -7.63 -15.45 -5.16
C VAL D 76 -9.03 -14.95 -5.58
N ASN D 77 -9.13 -13.68 -6.07
CA ASN D 77 -10.37 -13.06 -6.56
C ASN D 77 -11.05 -13.87 -7.67
N GLU D 78 -10.27 -14.53 -8.53
CA GLU D 78 -10.83 -15.35 -9.65
C GLU D 78 -11.58 -16.62 -9.16
N LEU D 79 -11.20 -17.12 -7.96
CA LEU D 79 -11.88 -18.21 -7.24
C LEU D 79 -13.27 -17.72 -6.82
N PHE D 80 -13.37 -16.44 -6.44
CA PHE D 80 -14.62 -15.93 -5.92
C PHE D 80 -15.38 -15.01 -6.88
N ARG D 81 -15.01 -15.02 -8.17
CA ARG D 81 -15.68 -14.18 -9.18
C ARG D 81 -17.18 -14.54 -9.31
N ASP D 82 -17.55 -15.83 -9.24
CA ASP D 82 -18.96 -16.24 -9.32
C ASP D 82 -19.66 -16.23 -7.95
N GLY D 83 -18.97 -15.80 -6.91
CA GLY D 83 -19.51 -15.75 -5.57
C GLY D 83 -18.78 -16.62 -4.57
N VAL D 84 -19.10 -16.47 -3.29
CA VAL D 84 -18.50 -17.20 -2.19
C VAL D 84 -19.37 -18.39 -1.79
N ASN D 85 -18.71 -19.49 -1.40
CA ASN D 85 -19.29 -20.70 -0.81
C ASN D 85 -18.18 -21.34 0.01
N TRP D 86 -18.52 -22.29 0.88
CA TRP D 86 -17.54 -22.93 1.75
C TRP D 86 -16.46 -23.67 0.99
N GLY D 87 -16.83 -24.32 -0.11
CA GLY D 87 -15.89 -25.08 -0.94
C GLY D 87 -14.79 -24.22 -1.55
N ARG D 88 -15.17 -23.00 -1.97
CA ARG D 88 -14.25 -22.03 -2.54
C ARG D 88 -13.31 -21.47 -1.45
N ILE D 89 -13.82 -21.36 -0.21
CA ILE D 89 -13.03 -20.91 0.95
C ILE D 89 -11.98 -21.99 1.27
N VAL D 90 -12.37 -23.28 1.18
CA VAL D 90 -11.47 -24.41 1.40
C VAL D 90 -10.34 -24.37 0.36
N ALA D 91 -10.68 -24.15 -0.92
CA ALA D 91 -9.74 -24.03 -2.03
C ALA D 91 -8.75 -22.90 -1.78
N PHE D 92 -9.23 -21.75 -1.25
CA PHE D 92 -8.42 -20.58 -0.86
C PHE D 92 -7.35 -20.98 0.20
N PHE D 93 -7.75 -21.73 1.24
CA PHE D 93 -6.82 -22.18 2.29
C PHE D 93 -5.77 -23.10 1.68
N SER D 94 -6.22 -24.12 0.87
CA SER D 94 -5.37 -25.09 0.19
C SER D 94 -4.34 -24.40 -0.69
N PHE D 95 -4.78 -23.36 -1.41
CA PHE D 95 -3.95 -22.53 -2.27
C PHE D 95 -2.81 -21.86 -1.47
N GLY D 96 -3.15 -21.19 -0.36
CA GLY D 96 -2.19 -20.59 0.55
C GLY D 96 -1.18 -21.59 1.07
N GLY D 97 -1.68 -22.76 1.47
CA GLY D 97 -0.84 -23.86 1.93
C GLY D 97 0.13 -24.35 0.88
N ALA D 98 -0.32 -24.50 -0.38
CA ALA D 98 0.54 -24.92 -1.47
C ALA D 98 1.63 -23.85 -1.74
N LEU D 99 1.29 -22.56 -1.66
CA LEU D 99 2.25 -21.46 -1.86
C LEU D 99 3.35 -21.50 -0.79
N CYS D 100 2.98 -21.76 0.47
CA CYS D 100 3.94 -21.91 1.61
C CYS D 100 4.86 -23.07 1.40
N VAL D 101 4.31 -24.25 0.97
CA VAL D 101 5.08 -25.48 0.70
C VAL D 101 6.10 -25.22 -0.38
N GLU D 102 5.65 -24.60 -1.47
CA GLU D 102 6.51 -24.23 -2.60
C GLU D 102 7.65 -23.27 -2.14
N SER D 103 7.33 -22.29 -1.28
CA SER D 103 8.32 -21.33 -0.76
C SER D 103 9.41 -22.07 0.02
N VAL D 104 9.03 -23.04 0.88
CA VAL D 104 9.99 -23.85 1.66
C VAL D 104 10.80 -24.74 0.73
N ASP D 105 10.12 -25.39 -0.27
CA ASP D 105 10.80 -26.20 -1.29
C ASP D 105 11.92 -25.41 -1.96
N LYS D 106 11.66 -24.13 -2.30
CA LYS D 106 12.59 -23.21 -2.99
C LYS D 106 13.56 -22.51 -2.02
N GLU D 107 13.56 -22.95 -0.74
CA GLU D 107 14.43 -22.40 0.32
C GLU D 107 14.18 -20.89 0.55
N MET D 108 12.90 -20.49 0.58
CA MET D 108 12.46 -19.13 0.79
C MET D 108 11.40 -19.14 1.91
N GLN D 109 11.68 -19.88 3.04
CA GLN D 109 10.75 -19.94 4.16
C GLN D 109 10.36 -18.55 4.73
N VAL D 110 11.22 -17.53 4.52
CA VAL D 110 10.94 -16.13 4.90
C VAL D 110 9.54 -15.66 4.37
N LEU D 111 9.13 -16.20 3.19
CA LEU D 111 7.86 -15.87 2.53
C LEU D 111 6.60 -16.43 3.19
N VAL D 112 6.75 -17.47 4.01
CA VAL D 112 5.64 -18.16 4.68
C VAL D 112 4.82 -17.19 5.53
N SER D 113 5.47 -16.42 6.40
CA SER D 113 4.83 -15.44 7.28
C SER D 113 4.11 -14.37 6.46
N ARG D 114 4.68 -13.98 5.32
CA ARG D 114 4.09 -13.04 4.38
C ARG D 114 2.81 -13.62 3.74
N ILE D 115 2.82 -14.87 3.29
CA ILE D 115 1.63 -15.51 2.73
C ILE D 115 0.52 -15.62 3.79
N ALA D 116 0.90 -16.04 5.04
CA ALA D 116 -0.04 -16.12 6.17
C ALA D 116 -0.71 -14.77 6.38
N ALA D 117 0.04 -13.66 6.34
CA ALA D 117 -0.51 -12.29 6.49
C ALA D 117 -1.44 -11.96 5.32
N TRP D 118 -1.07 -12.33 4.10
CA TRP D 118 -1.94 -12.12 2.92
C TRP D 118 -3.29 -12.86 3.05
N MET D 119 -3.25 -14.09 3.52
CA MET D 119 -4.45 -14.91 3.76
C MET D 119 -5.39 -14.29 4.79
N ALA D 120 -4.81 -13.88 5.94
CA ALA D 120 -5.57 -13.23 7.00
C ALA D 120 -6.18 -11.87 6.48
N THR D 121 -5.41 -11.08 5.70
CA THR D 121 -5.89 -9.83 5.12
C THR D 121 -7.06 -10.13 4.17
N TYR D 122 -6.90 -11.14 3.27
CA TYR D 122 -7.96 -11.49 2.34
C TYR D 122 -9.25 -11.86 3.04
N LEU D 123 -9.15 -12.79 4.01
CA LEU D 123 -10.30 -13.23 4.82
C LEU D 123 -11.04 -12.05 5.47
N ASN D 124 -10.30 -11.19 6.16
CA ASN D 124 -10.89 -10.04 6.86
C ASN D 124 -11.51 -9.00 5.91
N ASP D 125 -10.81 -8.66 4.80
CA ASP D 125 -11.25 -7.66 3.81
C ASP D 125 -12.36 -8.14 2.87
N HIS D 126 -12.40 -9.46 2.52
CA HIS D 126 -13.34 -9.96 1.53
C HIS D 126 -14.35 -10.98 1.98
N LEU D 127 -13.95 -11.94 2.82
CA LEU D 127 -14.77 -13.10 3.15
C LEU D 127 -15.57 -13.01 4.45
N GLU D 128 -15.08 -12.24 5.46
CA GLU D 128 -15.73 -12.05 6.77
C GLU D 128 -17.20 -11.68 6.65
N PRO D 129 -17.63 -10.71 5.80
CA PRO D 129 -19.08 -10.44 5.70
C PRO D 129 -19.91 -11.66 5.27
N TRP D 130 -19.44 -12.43 4.28
CA TRP D 130 -20.13 -13.64 3.85
C TRP D 130 -20.14 -14.71 4.93
N ILE D 131 -19.00 -14.91 5.63
CA ILE D 131 -18.88 -15.91 6.70
C ILE D 131 -19.92 -15.66 7.78
N GLN D 132 -20.03 -14.41 8.29
CA GLN D 132 -21.02 -14.12 9.33
C GLN D 132 -22.45 -14.23 8.82
N GLU D 133 -22.72 -13.80 7.54
CA GLU D 133 -24.06 -13.91 6.91
C GLU D 133 -24.50 -15.37 6.74
N ASN D 134 -23.54 -16.30 6.66
CA ASN D 134 -23.82 -17.71 6.40
C ASN D 134 -23.57 -18.65 7.59
N GLY D 135 -23.78 -18.12 8.80
CA GLY D 135 -23.72 -18.86 10.05
C GLY D 135 -22.38 -19.04 10.73
N GLY D 136 -21.35 -18.41 10.18
CA GLY D 136 -19.99 -18.49 10.72
C GLY D 136 -19.33 -19.85 10.56
N TRP D 137 -18.17 -20.00 11.16
CA TRP D 137 -17.35 -21.20 11.10
C TRP D 137 -18.03 -22.42 11.73
N ASP D 138 -18.96 -22.19 12.67
CA ASP D 138 -19.74 -23.25 13.33
C ASP D 138 -20.67 -23.96 12.35
N THR D 139 -21.23 -23.21 11.36
CA THR D 139 -22.09 -23.77 10.30
C THR D 139 -21.22 -24.59 9.36
N PHE D 140 -19.97 -24.14 9.07
CA PHE D 140 -19.03 -24.90 8.23
C PHE D 140 -18.76 -26.26 8.85
N VAL D 141 -18.54 -26.30 10.18
CA VAL D 141 -18.28 -27.53 10.94
C VAL D 141 -19.48 -28.48 10.85
N GLU D 142 -20.72 -27.95 10.99
CA GLU D 142 -21.95 -28.74 10.89
C GLU D 142 -22.11 -29.28 9.45
N LEU D 143 -21.91 -28.42 8.43
CA LEU D 143 -22.01 -28.81 7.02
C LEU D 143 -20.96 -29.83 6.60
N TYR D 144 -19.71 -29.68 7.08
CA TYR D 144 -18.63 -30.59 6.72
C TYR D 144 -18.80 -31.94 7.39
N GLY D 145 -19.25 -31.92 8.64
CA GLY D 145 -19.50 -33.12 9.45
C GLY D 145 -20.93 -33.64 9.33
N MET E 6 4.44 -8.30 15.34
CA MET E 6 3.26 -8.94 14.77
C MET E 6 1.99 -8.08 14.82
N SER E 7 0.97 -8.53 14.09
CA SER E 7 -0.33 -7.89 13.98
C SER E 7 -1.23 -8.27 15.17
N GLN E 8 -1.18 -9.56 15.55
CA GLN E 8 -1.98 -10.09 16.64
C GLN E 8 -1.47 -9.63 17.97
N SER E 9 -0.13 -9.50 18.08
CA SER E 9 0.47 -8.93 19.27
C SER E 9 0.07 -7.45 19.34
N ASN E 10 -0.01 -6.73 18.19
CA ASN E 10 -0.44 -5.33 18.16
C ASN E 10 -1.89 -5.18 18.58
N ARG E 11 -2.77 -6.11 18.14
CA ARG E 11 -4.19 -6.14 18.49
C ARG E 11 -4.32 -6.39 20.02
N GLU E 12 -3.50 -7.31 20.54
CA GLU E 12 -3.46 -7.65 21.96
C GLU E 12 -3.04 -6.43 22.80
N LEU E 13 -2.06 -5.64 22.30
CA LEU E 13 -1.62 -4.39 22.94
C LEU E 13 -2.72 -3.37 22.94
N VAL E 14 -3.45 -3.25 21.79
CA VAL E 14 -4.58 -2.29 21.66
C VAL E 14 -5.63 -2.63 22.72
N VAL E 15 -6.04 -3.90 22.80
CA VAL E 15 -7.06 -4.38 23.75
C VAL E 15 -6.60 -4.12 25.19
N ASP E 16 -5.33 -4.47 25.51
CA ASP E 16 -4.83 -4.25 26.86
C ASP E 16 -4.84 -2.75 27.23
N PHE E 17 -4.38 -1.91 26.31
CA PHE E 17 -4.27 -0.47 26.59
C PHE E 17 -5.65 0.15 26.78
N LEU E 18 -6.59 -0.22 25.92
CA LEU E 18 -7.96 0.33 26.01
C LEU E 18 -8.66 -0.16 27.26
N SER E 19 -8.45 -1.44 27.63
CA SER E 19 -8.99 -1.99 28.86
C SER E 19 -8.53 -1.21 30.05
N TYR E 20 -7.22 -0.86 30.07
CA TYR E 20 -6.62 -0.06 31.14
C TYR E 20 -7.24 1.32 31.23
N LYS E 21 -7.34 2.05 30.10
CA LYS E 21 -7.91 3.39 30.07
C LYS E 21 -9.35 3.44 30.49
N LEU E 22 -10.16 2.46 30.05
CA LEU E 22 -11.56 2.38 30.45
C LEU E 22 -11.66 2.13 31.94
N SER E 23 -10.87 1.17 32.49
CA SER E 23 -10.87 0.85 33.92
C SER E 23 -10.52 2.07 34.81
N GLN E 24 -9.65 2.98 34.33
CA GLN E 24 -9.27 4.17 35.10
C GLN E 24 -10.43 5.14 35.29
N LYS E 25 -11.47 5.04 34.44
CA LYS E 25 -12.66 5.89 34.50
C LYS E 25 -13.89 5.13 35.01
N GLY E 26 -13.66 3.92 35.53
CA GLY E 26 -14.70 3.05 36.08
C GLY E 26 -15.50 2.28 35.06
N TYR E 27 -14.97 2.19 33.84
CA TYR E 27 -15.59 1.47 32.73
C TYR E 27 -14.81 0.18 32.47
N SER E 28 -15.35 -0.73 31.64
CA SER E 28 -14.64 -1.96 31.31
C SER E 28 -14.78 -2.33 29.86
N TRP E 29 -13.71 -2.91 29.31
CA TRP E 29 -13.63 -3.39 27.92
C TRP E 29 -14.59 -4.54 27.74
N SER E 30 -14.63 -5.46 28.73
CA SER E 30 -15.47 -6.66 28.73
C SER E 30 -15.71 -7.10 30.18
N GLN E 31 -16.58 -8.09 30.37
CA GLN E 31 -16.91 -8.67 31.66
C GLN E 31 -15.67 -9.29 32.31
N MET E 32 -14.85 -9.97 31.51
CA MET E 32 -13.60 -10.60 31.95
C MET E 32 -12.60 -9.52 32.41
N ALA E 33 -12.52 -8.40 31.68
CA ALA E 33 -11.63 -7.28 32.05
C ALA E 33 -12.09 -6.68 33.38
N ALA E 34 -13.42 -6.63 33.60
CA ALA E 34 -14.00 -6.13 34.84
C ALA E 34 -13.63 -7.05 36.02
N VAL E 35 -13.69 -8.38 35.84
CA VAL E 35 -13.33 -9.37 36.86
C VAL E 35 -11.85 -9.23 37.21
N LYS E 36 -10.99 -9.15 36.18
CA LYS E 36 -9.54 -8.99 36.33
C LYS E 36 -9.21 -7.76 37.15
N GLN E 37 -9.85 -6.62 36.82
CA GLN E 37 -9.62 -5.35 37.52
C GLN E 37 -10.08 -5.41 38.98
N ALA E 38 -11.29 -5.93 39.24
CA ALA E 38 -11.84 -6.07 40.59
C ALA E 38 -10.94 -6.95 41.48
N LEU E 39 -10.40 -8.07 40.91
CA LEU E 39 -9.50 -8.99 41.62
C LEU E 39 -8.17 -8.32 41.93
N ARG E 40 -7.61 -7.56 40.95
CA ARG E 40 -6.37 -6.80 41.13
C ARG E 40 -6.50 -5.85 42.31
N GLU E 41 -7.59 -5.06 42.32
CA GLU E 41 -7.88 -4.07 43.36
C GLU E 41 -8.16 -4.69 44.70
N ALA E 42 -8.95 -5.82 44.72
CA ALA E 42 -9.26 -6.57 45.94
C ALA E 42 -7.96 -7.12 46.58
N GLY E 43 -7.03 -7.61 45.76
CA GLY E 43 -5.73 -8.11 46.23
C GLY E 43 -4.93 -7.01 46.90
N ASP E 44 -4.88 -5.81 46.28
CA ASP E 44 -4.19 -4.65 46.85
C ASP E 44 -4.80 -4.26 48.19
N GLU E 45 -6.15 -4.22 48.26
CA GLU E 45 -6.90 -3.86 49.46
C GLU E 45 -6.64 -4.86 50.57
N PHE E 46 -6.67 -6.16 50.26
CA PHE E 46 -6.41 -7.24 51.22
C PHE E 46 -5.00 -7.15 51.81
N GLU E 47 -3.99 -7.01 50.93
CA GLU E 47 -2.58 -6.93 51.29
C GLU E 47 -2.26 -5.73 52.19
N LEU E 48 -3.03 -4.64 51.99
CA LEU E 48 -2.92 -3.41 52.77
C LEU E 48 -3.59 -3.59 54.13
N ARG E 49 -4.85 -4.11 54.15
CA ARG E 49 -5.61 -4.28 55.39
C ARG E 49 -5.09 -5.37 56.31
N TYR E 50 -4.53 -6.45 55.75
CA TYR E 50 -4.06 -7.60 56.53
C TYR E 50 -2.57 -7.84 56.39
N ARG E 51 -1.78 -6.76 56.25
CA ARG E 51 -0.33 -6.84 56.07
C ARG E 51 0.39 -7.82 57.02
N ARG E 52 0.22 -7.63 58.34
CA ARG E 52 0.86 -8.44 59.39
C ARG E 52 0.41 -9.89 59.35
N ALA E 53 -0.92 -10.13 59.35
CA ALA E 53 -1.50 -11.48 59.31
C ALA E 53 -1.13 -12.21 58.00
N PHE E 54 -1.10 -11.49 56.86
CA PHE E 54 -0.72 -12.05 55.57
C PHE E 54 0.75 -12.46 55.54
N SER E 55 1.62 -11.68 56.20
CA SER E 55 3.04 -11.99 56.31
C SER E 55 3.26 -13.33 57.03
N ASP E 56 2.41 -13.63 58.06
CA ASP E 56 2.43 -14.90 58.79
C ASP E 56 2.01 -16.04 57.89
N LEU E 57 1.09 -15.78 56.94
CA LEU E 57 0.62 -16.78 55.99
C LEU E 57 1.72 -17.13 54.99
N THR E 58 2.35 -16.13 54.37
CA THR E 58 3.40 -16.31 53.35
C THR E 58 4.66 -17.03 53.93
N SER E 59 4.95 -16.79 55.23
CA SER E 59 6.05 -17.42 55.96
C SER E 59 5.83 -18.92 56.21
N GLN E 60 4.56 -19.41 56.08
CA GLN E 60 4.18 -20.82 56.28
C GLN E 60 4.70 -21.76 55.18
N LEU E 61 4.99 -21.20 53.99
CA LEU E 61 5.49 -21.99 52.88
C LEU E 61 6.89 -21.52 52.46
N HIS E 62 7.89 -22.33 52.90
CA HIS E 62 9.32 -22.15 52.71
C HIS E 62 9.64 -22.72 51.35
N ILE E 63 9.44 -21.88 50.33
CA ILE E 63 9.62 -22.18 48.91
C ILE E 63 11.07 -22.58 48.61
N THR E 64 11.24 -23.63 47.82
CA THR E 64 12.54 -24.15 47.42
C THR E 64 12.38 -24.71 46.01
N PRO E 65 13.46 -24.92 45.21
CA PRO E 65 13.27 -25.53 43.87
C PRO E 65 12.65 -26.95 43.91
N GLY E 66 12.56 -27.54 45.10
CA GLY E 66 11.97 -28.85 45.31
C GLY E 66 10.55 -28.85 45.83
N THR E 67 9.96 -27.64 46.05
CA THR E 67 8.58 -27.52 46.55
C THR E 67 7.55 -28.07 45.53
N ALA E 68 6.70 -28.98 46.01
CA ALA E 68 5.63 -29.66 45.28
C ALA E 68 4.28 -29.01 45.60
N TYR E 69 3.30 -29.30 44.74
CA TYR E 69 1.91 -28.85 44.85
C TYR E 69 1.27 -29.15 46.23
N GLN E 70 1.45 -30.38 46.75
CA GLN E 70 0.84 -30.76 48.01
C GLN E 70 1.23 -29.82 49.16
N SER E 71 2.48 -29.29 49.18
CA SER E 71 2.91 -28.35 50.21
C SER E 71 2.08 -27.05 50.13
N PHE E 72 1.87 -26.55 48.88
CA PHE E 72 1.05 -25.38 48.59
C PHE E 72 -0.42 -25.64 48.97
N GLU E 73 -0.97 -26.82 48.55
CA GLU E 73 -2.35 -27.24 48.79
C GLU E 73 -2.70 -27.35 50.29
N GLN E 74 -1.80 -27.91 51.14
CA GLN E 74 -2.12 -28.02 52.58
C GLN E 74 -2.17 -26.64 53.24
N VAL E 75 -1.27 -25.70 52.83
CA VAL E 75 -1.30 -24.33 53.35
C VAL E 75 -2.61 -23.62 52.93
N VAL E 76 -3.04 -23.75 51.65
CA VAL E 76 -4.28 -23.13 51.12
C VAL E 76 -5.55 -23.80 51.70
N ASN E 77 -5.46 -25.09 52.05
CA ASN E 77 -6.56 -25.82 52.69
C ASN E 77 -6.85 -25.24 54.08
N GLU E 78 -5.78 -24.83 54.80
CA GLU E 78 -5.86 -24.21 56.12
C GLU E 78 -6.60 -22.88 56.05
N LEU E 79 -6.35 -22.11 54.97
CA LEU E 79 -6.96 -20.81 54.67
C LEU E 79 -8.48 -20.96 54.47
N PHE E 80 -8.94 -22.10 53.93
CA PHE E 80 -10.35 -22.39 53.67
C PHE E 80 -10.94 -23.40 54.68
N ARG E 81 -10.30 -23.55 55.87
CA ARG E 81 -10.72 -24.48 56.94
C ARG E 81 -12.17 -24.29 57.38
N ASP E 82 -12.63 -23.03 57.50
CA ASP E 82 -14.00 -22.68 57.90
C ASP E 82 -14.95 -22.45 56.70
N GLY E 83 -14.48 -22.79 55.50
CA GLY E 83 -15.28 -22.67 54.29
C GLY E 83 -14.72 -21.68 53.30
N VAL E 84 -15.31 -21.67 52.09
CA VAL E 84 -14.90 -20.81 51.00
C VAL E 84 -15.73 -19.53 50.99
N ASN E 85 -15.06 -18.40 50.89
CA ASN E 85 -15.66 -17.07 50.80
C ASN E 85 -14.80 -16.22 49.88
N TRP E 86 -15.46 -15.32 49.12
CA TRP E 86 -14.81 -14.40 48.20
C TRP E 86 -13.56 -13.74 48.80
N GLY E 87 -13.64 -13.35 50.07
CA GLY E 87 -12.54 -12.74 50.81
C GLY E 87 -11.34 -13.65 51.05
N ARG E 88 -11.58 -14.96 51.19
CA ARG E 88 -10.56 -16.00 51.38
C ARG E 88 -9.98 -16.38 49.99
N ILE E 89 -10.78 -16.24 48.93
CA ILE E 89 -10.38 -16.49 47.54
C ILE E 89 -9.37 -15.38 47.14
N VAL E 90 -9.62 -14.12 47.59
CA VAL E 90 -8.73 -12.98 47.36
C VAL E 90 -7.39 -13.27 48.04
N ALA E 91 -7.44 -13.74 49.30
CA ALA E 91 -6.26 -14.10 50.09
C ALA E 91 -5.43 -15.19 49.38
N PHE E 92 -6.12 -16.19 48.75
CA PHE E 92 -5.49 -17.27 47.99
C PHE E 92 -4.70 -16.71 46.78
N PHE E 93 -5.32 -15.79 46.01
CA PHE E 93 -4.68 -15.15 44.86
C PHE E 93 -3.46 -14.35 45.32
N SER E 94 -3.60 -13.58 46.44
CA SER E 94 -2.51 -12.76 46.98
C SER E 94 -1.35 -13.62 47.44
N PHE E 95 -1.69 -14.74 48.08
CA PHE E 95 -0.71 -15.71 48.56
C PHE E 95 0.16 -16.21 47.38
N GLY E 96 -0.49 -16.61 46.28
CA GLY E 96 0.18 -17.00 45.04
C GLY E 96 1.06 -15.89 44.51
N GLY E 97 0.56 -14.66 44.55
CA GLY E 97 1.27 -13.45 44.11
C GLY E 97 2.55 -13.21 44.88
N ALA E 98 2.44 -13.28 46.22
CA ALA E 98 3.58 -13.10 47.12
C ALA E 98 4.62 -14.20 46.94
N LEU E 99 4.15 -15.45 46.72
CA LEU E 99 5.02 -16.61 46.48
C LEU E 99 5.87 -16.41 45.21
N CYS E 100 5.27 -15.85 44.13
CA CYS E 100 5.95 -15.56 42.88
C CYS E 100 7.03 -14.51 43.08
N VAL E 101 6.68 -13.38 43.71
CA VAL E 101 7.62 -12.27 43.98
C VAL E 101 8.78 -12.79 44.81
N GLU E 102 8.47 -13.58 45.86
CA GLU E 102 9.46 -14.21 46.74
C GLU E 102 10.50 -14.99 45.90
N SER E 103 10.01 -15.84 44.96
CA SER E 103 10.79 -16.68 44.06
C SER E 103 11.76 -15.85 43.20
N VAL E 104 11.26 -14.75 42.59
CA VAL E 104 12.11 -13.85 41.79
C VAL E 104 13.14 -13.14 42.69
N ASP E 105 12.73 -12.68 43.90
CA ASP E 105 13.61 -12.03 44.89
C ASP E 105 14.74 -12.99 45.27
N LYS E 106 14.40 -14.28 45.52
CA LYS E 106 15.34 -15.32 45.93
C LYS E 106 16.09 -16.01 44.76
N GLU E 107 16.12 -15.37 43.55
CA GLU E 107 16.78 -15.86 42.32
C GLU E 107 16.04 -17.04 41.63
N MET E 108 15.29 -17.87 42.42
CA MET E 108 14.48 -19.06 42.06
C MET E 108 13.29 -18.76 41.10
N GLN E 109 13.56 -18.03 40.00
CA GLN E 109 12.61 -17.58 38.97
C GLN E 109 11.81 -18.70 38.27
N VAL E 110 12.31 -19.94 38.37
CA VAL E 110 11.70 -21.12 37.76
C VAL E 110 10.31 -21.45 38.37
N LEU E 111 10.11 -21.18 39.68
CA LEU E 111 8.90 -21.48 40.45
C LEU E 111 7.66 -20.64 40.11
N VAL E 112 7.81 -19.48 39.43
CA VAL E 112 6.64 -18.66 39.07
C VAL E 112 5.68 -19.48 38.12
N SER E 113 6.27 -20.19 37.15
CA SER E 113 5.53 -21.04 36.23
C SER E 113 4.78 -22.16 36.98
N ARG E 114 5.42 -22.67 38.00
CA ARG E 114 4.96 -23.73 38.88
C ARG E 114 3.79 -23.26 39.78
N ILE E 115 3.92 -22.05 40.36
CA ILE E 115 2.90 -21.45 41.21
C ILE E 115 1.58 -21.25 40.44
N ALA E 116 1.69 -20.72 39.21
CA ALA E 116 0.53 -20.51 38.34
C ALA E 116 -0.22 -21.81 38.13
N ALA E 117 0.52 -22.93 37.87
CA ALA E 117 -0.10 -24.25 37.65
C ALA E 117 -0.79 -24.76 38.91
N TRP E 118 -0.18 -24.51 40.08
CA TRP E 118 -0.75 -24.88 41.38
C TRP E 118 -2.09 -24.20 41.59
N MET E 119 -2.12 -22.89 41.31
CA MET E 119 -3.31 -22.04 41.45
C MET E 119 -4.48 -22.51 40.58
N ALA E 120 -4.22 -22.81 39.27
CA ALA E 120 -5.20 -23.32 38.31
C ALA E 120 -5.75 -24.68 38.75
N THR E 121 -4.88 -25.55 39.31
CA THR E 121 -5.30 -26.86 39.81
C THR E 121 -6.18 -26.67 41.05
N TYR E 122 -5.74 -25.82 42.00
CA TYR E 122 -6.50 -25.58 43.23
C TYR E 122 -7.89 -25.02 42.94
N LEU E 123 -7.97 -24.01 42.08
CA LEU E 123 -9.21 -23.37 41.66
C LEU E 123 -10.19 -24.41 41.08
N ASN E 124 -9.73 -25.25 40.14
CA ASN E 124 -10.58 -26.27 39.51
C ASN E 124 -11.01 -27.38 40.48
N ASP E 125 -10.07 -27.87 41.32
CA ASP E 125 -10.30 -28.94 42.27
C ASP E 125 -11.16 -28.56 43.49
N HIS E 126 -11.00 -27.35 44.07
CA HIS E 126 -11.72 -27.00 45.32
C HIS E 126 -12.63 -25.78 45.31
N LEU E 127 -12.37 -24.82 44.39
CA LEU E 127 -13.10 -23.58 44.41
C LEU E 127 -14.18 -23.43 43.32
N GLU E 128 -14.02 -24.12 42.17
CA GLU E 128 -14.95 -24.06 41.04
C GLU E 128 -16.44 -24.31 41.43
N PRO E 129 -16.81 -25.35 42.24
CA PRO E 129 -18.23 -25.52 42.60
C PRO E 129 -18.83 -24.34 43.38
N TRP E 130 -18.17 -23.93 44.49
CA TRP E 130 -18.57 -22.78 45.29
C TRP E 130 -18.88 -21.58 44.36
N ILE E 131 -17.86 -21.07 43.58
CA ILE E 131 -17.96 -19.93 42.66
C ILE E 131 -19.21 -19.98 41.74
N GLN E 132 -19.42 -21.12 41.05
CA GLN E 132 -20.55 -21.32 40.13
C GLN E 132 -21.90 -21.27 40.88
N GLU E 133 -21.98 -21.93 42.05
CA GLU E 133 -23.20 -21.95 42.87
C GLU E 133 -23.42 -20.61 43.60
N ASN E 134 -22.41 -19.70 43.58
CA ASN E 134 -22.45 -18.40 44.23
C ASN E 134 -22.54 -17.19 43.27
N GLY E 135 -23.15 -17.43 42.10
CA GLY E 135 -23.39 -16.43 41.06
C GLY E 135 -22.22 -16.02 40.17
N GLY E 136 -21.15 -16.82 40.18
CA GLY E 136 -19.96 -16.58 39.36
C GLY E 136 -19.15 -15.36 39.75
N TRP E 137 -18.09 -15.08 38.99
CA TRP E 137 -17.20 -13.93 39.24
C TRP E 137 -17.91 -12.59 39.09
N ASP E 138 -18.96 -12.54 38.26
CA ASP E 138 -19.83 -11.38 38.02
C ASP E 138 -20.36 -10.85 39.35
N THR E 139 -20.83 -11.77 40.21
CA THR E 139 -21.35 -11.50 41.55
C THR E 139 -20.26 -10.88 42.44
N PHE E 140 -18.99 -11.32 42.27
CA PHE E 140 -17.84 -10.78 43.00
C PHE E 140 -17.64 -9.31 42.59
N VAL E 141 -17.72 -9.01 41.29
CA VAL E 141 -17.57 -7.66 40.72
C VAL E 141 -18.63 -6.71 41.29
N GLU E 142 -19.90 -7.17 41.35
CA GLU E 142 -21.01 -6.41 41.91
C GLU E 142 -20.81 -6.17 43.41
N LEU E 143 -20.40 -7.21 44.16
CA LEU E 143 -20.16 -7.12 45.60
C LEU E 143 -18.97 -6.24 45.94
N TYR E 144 -17.87 -6.35 45.18
CA TYR E 144 -16.67 -5.54 45.42
C TYR E 144 -16.86 -4.07 45.06
N MET F 6 -15.45 -20.70 34.26
CA MET F 6 -14.83 -21.94 33.78
C MET F 6 -13.32 -21.99 34.07
N SER F 7 -12.69 -23.17 33.83
CA SER F 7 -11.27 -23.50 34.03
C SER F 7 -10.37 -22.57 33.22
N GLN F 8 -10.85 -22.18 32.02
CA GLN F 8 -10.18 -21.28 31.10
C GLN F 8 -10.12 -19.87 31.70
N SER F 9 -11.27 -19.38 32.18
CA SER F 9 -11.37 -18.06 32.75
C SER F 9 -10.58 -17.98 34.06
N ASN F 10 -10.56 -19.09 34.85
CA ASN F 10 -9.81 -19.15 36.11
C ASN F 10 -8.30 -19.08 35.86
N ARG F 11 -7.80 -19.80 34.82
CA ARG F 11 -6.39 -19.76 34.41
C ARG F 11 -6.00 -18.34 33.94
N GLU F 12 -6.91 -17.70 33.20
CA GLU F 12 -6.75 -16.34 32.70
C GLU F 12 -6.63 -15.34 33.86
N LEU F 13 -7.45 -15.52 34.90
CA LEU F 13 -7.44 -14.72 36.11
C LEU F 13 -6.15 -14.92 36.86
N VAL F 14 -5.66 -16.17 36.96
CA VAL F 14 -4.40 -16.48 37.64
C VAL F 14 -3.26 -15.74 36.95
N VAL F 15 -3.16 -15.87 35.62
CA VAL F 15 -2.11 -15.23 34.83
C VAL F 15 -2.17 -13.71 34.97
N ASP F 16 -3.38 -13.14 34.86
CA ASP F 16 -3.55 -11.69 35.00
C ASP F 16 -3.13 -11.19 36.37
N PHE F 17 -3.56 -11.89 37.42
CA PHE F 17 -3.25 -11.47 38.80
C PHE F 17 -1.77 -11.57 39.09
N LEU F 18 -1.13 -12.67 38.69
CA LEU F 18 0.31 -12.87 38.92
C LEU F 18 1.13 -11.86 38.15
N SER F 19 0.75 -11.56 36.91
CA SER F 19 1.40 -10.54 36.08
C SER F 19 1.36 -9.21 36.77
N TYR F 20 0.21 -8.86 37.37
CA TYR F 20 0.04 -7.61 38.09
C TYR F 20 0.96 -7.54 39.32
N LYS F 21 0.99 -8.60 40.14
CA LYS F 21 1.82 -8.64 41.34
C LYS F 21 3.31 -8.54 41.04
N LEU F 22 3.75 -9.23 39.99
CA LEU F 22 5.15 -9.18 39.57
C LEU F 22 5.52 -7.78 39.09
N SER F 23 4.65 -7.15 38.29
CA SER F 23 4.86 -5.78 37.74
C SER F 23 5.02 -4.74 38.83
N GLN F 24 4.28 -4.91 39.96
CA GLN F 24 4.36 -3.99 41.10
C GLN F 24 5.75 -3.93 41.70
N LYS F 25 6.55 -5.01 41.53
CA LYS F 25 7.90 -5.11 42.10
C LYS F 25 9.00 -4.98 41.04
N GLY F 26 8.60 -4.57 39.83
CA GLY F 26 9.50 -4.37 38.71
C GLY F 26 9.88 -5.64 37.95
N TYR F 27 9.09 -6.71 38.16
CA TYR F 27 9.28 -8.00 37.51
C TYR F 27 8.17 -8.18 36.47
N SER F 28 8.29 -9.18 35.59
CA SER F 28 7.24 -9.40 34.60
C SER F 28 6.95 -10.87 34.40
N TRP F 29 5.68 -11.22 34.16
CA TRP F 29 5.25 -12.60 33.90
C TRP F 29 5.84 -13.09 32.57
N SER F 30 5.93 -12.20 31.57
CA SER F 30 6.44 -12.52 30.24
C SER F 30 6.85 -11.22 29.57
N GLN F 31 7.49 -11.33 28.41
CA GLN F 31 7.91 -10.17 27.62
C GLN F 31 6.71 -9.35 27.13
N MET F 32 5.60 -10.02 26.77
CA MET F 32 4.36 -9.35 26.34
C MET F 32 3.75 -8.58 27.52
N ALA F 33 3.77 -9.19 28.75
CA ALA F 33 3.29 -8.52 29.97
C ALA F 33 4.15 -7.26 30.24
N ALA F 34 5.46 -7.34 29.98
CA ALA F 34 6.38 -6.19 30.13
C ALA F 34 6.04 -5.08 29.14
N VAL F 35 5.72 -5.44 27.89
CA VAL F 35 5.33 -4.44 26.86
C VAL F 35 4.03 -3.73 27.27
N LYS F 36 3.04 -4.52 27.70
CA LYS F 36 1.74 -4.04 28.14
C LYS F 36 1.88 -3.07 29.28
N GLN F 37 2.71 -3.41 30.29
CA GLN F 37 2.95 -2.60 31.44
C GLN F 37 3.65 -1.30 31.09
N ALA F 38 4.72 -1.35 30.26
CA ALA F 38 5.48 -0.16 29.82
C ALA F 38 4.57 0.82 29.06
N LEU F 39 3.68 0.29 28.23
CA LEU F 39 2.74 1.09 27.42
C LEU F 39 1.64 1.72 28.30
N ARG F 40 1.14 0.98 29.30
CA ARG F 40 0.18 1.52 30.28
C ARG F 40 0.80 2.71 31.02
N GLU F 41 2.04 2.54 31.52
CA GLU F 41 2.78 3.58 32.26
C GLU F 41 3.16 4.76 31.37
N ALA F 42 3.61 4.50 30.11
CA ALA F 42 3.98 5.54 29.17
C ALA F 42 2.76 6.39 28.82
N GLY F 43 1.59 5.75 28.64
CA GLY F 43 0.33 6.47 28.37
C GLY F 43 -0.04 7.41 29.51
N ASP F 44 0.07 6.92 30.75
CA ASP F 44 -0.20 7.74 31.95
C ASP F 44 0.75 8.94 32.01
N GLU F 45 2.05 8.70 31.77
CA GLU F 45 3.09 9.74 31.83
C GLU F 45 2.85 10.79 30.74
N PHE F 46 2.53 10.34 29.52
CA PHE F 46 2.24 11.22 28.40
C PHE F 46 1.03 12.14 28.70
N GLU F 47 -0.08 11.54 29.14
CA GLU F 47 -1.35 12.23 29.45
C GLU F 47 -1.17 13.27 30.55
N LEU F 48 -0.27 12.99 31.47
CA LEU F 48 0.07 13.89 32.57
C LEU F 48 0.97 15.05 32.09
N ARG F 49 2.03 14.74 31.34
CA ARG F 49 2.98 15.77 30.86
C ARG F 49 2.42 16.67 29.78
N TYR F 50 1.56 16.13 28.91
CA TYR F 50 1.03 16.88 27.79
C TYR F 50 -0.46 17.05 27.82
N ARG F 51 -1.02 17.21 29.02
CA ARG F 51 -2.45 17.36 29.21
C ARG F 51 -3.09 18.43 28.26
N ARG F 52 -2.54 19.65 28.22
CA ARG F 52 -3.05 20.76 27.40
C ARG F 52 -2.94 20.51 25.93
N ALA F 53 -1.75 20.13 25.45
CA ALA F 53 -1.53 19.82 24.02
C ALA F 53 -2.36 18.61 23.56
N PHE F 54 -2.48 17.58 24.43
CA PHE F 54 -3.27 16.37 24.16
C PHE F 54 -4.76 16.71 24.03
N SER F 55 -5.25 17.64 24.86
CA SER F 55 -6.64 18.12 24.83
C SER F 55 -6.96 18.73 23.44
N ASP F 56 -5.99 19.45 22.85
CA ASP F 56 -6.13 20.05 21.52
C ASP F 56 -6.26 18.97 20.45
N LEU F 57 -5.53 17.85 20.65
CA LEU F 57 -5.54 16.71 19.74
C LEU F 57 -6.89 16.00 19.82
N THR F 58 -7.35 15.65 21.04
CA THR F 58 -8.62 14.92 21.23
C THR F 58 -9.84 15.70 20.73
N SER F 59 -9.79 17.04 20.80
CA SER F 59 -10.86 17.93 20.32
C SER F 59 -10.98 17.92 18.77
N GLN F 60 -9.94 17.47 18.06
CA GLN F 60 -9.89 17.40 16.60
C GLN F 60 -10.82 16.33 16.01
N LEU F 61 -11.24 15.32 16.81
CA LEU F 61 -12.09 14.27 16.32
C LEU F 61 -13.16 13.88 17.32
N HIS F 62 -14.41 13.96 16.91
CA HIS F 62 -15.52 13.52 17.74
C HIS F 62 -16.22 12.39 17.00
N ILE F 63 -16.00 11.14 17.45
CA ILE F 63 -16.53 9.94 16.82
C ILE F 63 -17.99 9.74 17.15
N THR F 64 -18.79 9.66 16.09
CA THR F 64 -20.23 9.45 16.04
C THR F 64 -20.45 8.08 15.38
N PRO F 65 -21.67 7.47 15.46
CA PRO F 65 -21.87 6.16 14.79
C PRO F 65 -21.59 6.18 13.28
N GLY F 66 -21.55 7.37 12.69
CA GLY F 66 -21.35 7.59 11.26
C GLY F 66 -19.93 7.99 10.86
N THR F 67 -19.02 8.11 11.83
CA THR F 67 -17.61 8.43 11.56
C THR F 67 -16.91 7.30 10.79
N ALA F 68 -16.25 7.67 9.70
CA ALA F 68 -15.44 6.80 8.85
C ALA F 68 -13.98 6.68 9.36
N TYR F 69 -13.32 5.52 9.11
CA TYR F 69 -11.92 5.25 9.48
C TYR F 69 -11.00 6.37 9.01
N GLN F 70 -11.22 6.91 7.77
CA GLN F 70 -10.42 7.97 7.14
C GLN F 70 -10.33 9.21 7.99
N SER F 71 -11.42 9.56 8.72
CA SER F 71 -11.44 10.73 9.58
C SER F 71 -10.47 10.51 10.74
N PHE F 72 -10.45 9.28 11.32
CA PHE F 72 -9.55 8.86 12.39
C PHE F 72 -8.12 8.87 11.82
N GLU F 73 -7.93 8.21 10.65
CA GLU F 73 -6.65 8.09 9.96
C GLU F 73 -6.05 9.47 9.62
N GLN F 74 -6.88 10.45 9.20
CA GLN F 74 -6.46 11.81 8.86
C GLN F 74 -5.82 12.49 10.06
N VAL F 75 -6.50 12.48 11.21
CA VAL F 75 -6.04 13.08 12.47
C VAL F 75 -4.76 12.37 12.96
N VAL F 76 -4.72 11.03 12.92
CA VAL F 76 -3.56 10.22 13.33
C VAL F 76 -2.35 10.51 12.43
N ASN F 77 -2.58 10.65 11.09
CA ASN F 77 -1.55 10.97 10.10
C ASN F 77 -0.86 12.28 10.45
N GLU F 78 -1.61 13.28 10.97
CA GLU F 78 -1.05 14.58 11.36
C GLU F 78 -0.12 14.45 12.55
N LEU F 79 -0.44 13.53 13.45
CA LEU F 79 0.39 13.21 14.63
C LEU F 79 1.75 12.63 14.18
N PHE F 80 1.80 11.92 13.05
CA PHE F 80 3.02 11.34 12.50
C PHE F 80 3.55 12.12 11.28
N ARG F 81 3.09 13.36 11.09
CA ARG F 81 3.47 14.25 9.96
C ARG F 81 4.99 14.41 9.82
N ASP F 82 5.69 14.59 10.95
CA ASP F 82 7.14 14.77 11.01
C ASP F 82 7.89 13.45 11.23
N GLY F 83 7.19 12.32 11.04
CA GLY F 83 7.75 10.99 11.19
C GLY F 83 7.31 10.26 12.43
N VAL F 84 7.65 8.97 12.48
CA VAL F 84 7.32 8.09 13.62
C VAL F 84 8.46 8.08 14.66
N ASN F 85 8.08 8.02 15.93
CA ASN F 85 8.97 7.83 17.07
C ASN F 85 8.14 7.16 18.17
N TRP F 86 8.79 6.63 19.20
CA TRP F 86 8.06 5.93 20.27
C TRP F 86 7.06 6.82 21.02
N GLY F 87 7.41 8.07 21.25
CA GLY F 87 6.57 9.03 21.95
C GLY F 87 5.29 9.33 21.21
N ARG F 88 5.35 9.40 19.89
CA ARG F 88 4.20 9.65 19.00
C ARG F 88 3.31 8.42 18.94
N ILE F 89 3.90 7.21 19.09
CA ILE F 89 3.17 5.95 19.15
C ILE F 89 2.39 5.89 20.47
N VAL F 90 3.02 6.35 21.56
CA VAL F 90 2.36 6.42 22.88
C VAL F 90 1.16 7.37 22.77
N ALA F 91 1.37 8.58 22.17
CA ALA F 91 0.33 9.60 21.96
C ALA F 91 -0.85 9.01 21.15
N PHE F 92 -0.55 8.17 20.14
CA PHE F 92 -1.55 7.46 19.32
C PHE F 92 -2.43 6.53 20.18
N PHE F 93 -1.79 5.70 21.06
CA PHE F 93 -2.54 4.81 21.98
C PHE F 93 -3.43 5.62 22.93
N SER F 94 -2.86 6.67 23.54
CA SER F 94 -3.57 7.59 24.47
C SER F 94 -4.77 8.26 23.77
N PHE F 95 -4.59 8.68 22.50
CA PHE F 95 -5.64 9.27 21.66
C PHE F 95 -6.81 8.28 21.48
N GLY F 96 -6.52 7.02 21.14
CA GLY F 96 -7.51 5.97 20.99
C GLY F 96 -8.26 5.74 22.28
N GLY F 97 -7.52 5.68 23.39
CA GLY F 97 -8.09 5.52 24.72
C GLY F 97 -9.05 6.65 25.08
N ALA F 98 -8.65 7.91 24.83
CA ALA F 98 -9.51 9.07 25.11
C ALA F 98 -10.81 9.02 24.22
N LEU F 99 -10.69 8.60 22.95
CA LEU F 99 -11.85 8.47 22.05
C LEU F 99 -12.84 7.42 22.59
N CYS F 100 -12.32 6.30 23.17
CA CYS F 100 -13.13 5.22 23.72
C CYS F 100 -13.86 5.68 24.96
N VAL F 101 -13.14 6.42 25.85
CA VAL F 101 -13.70 6.98 27.10
C VAL F 101 -14.83 7.94 26.74
N GLU F 102 -14.58 8.86 25.80
CA GLU F 102 -15.56 9.83 25.31
C GLU F 102 -16.81 9.12 24.72
N SER F 103 -16.61 8.01 23.96
CA SER F 103 -17.72 7.22 23.38
C SER F 103 -18.63 6.65 24.48
N VAL F 104 -18.03 6.11 25.57
CA VAL F 104 -18.81 5.53 26.69
C VAL F 104 -19.49 6.68 27.47
N ASP F 105 -18.79 7.81 27.65
CA ASP F 105 -19.36 8.99 28.32
C ASP F 105 -20.61 9.45 27.58
N LYS F 106 -20.59 9.44 26.23
CA LYS F 106 -21.70 9.84 25.36
C LYS F 106 -22.72 8.73 25.08
N GLU F 107 -22.60 7.59 25.83
CA GLU F 107 -23.52 6.44 25.74
C GLU F 107 -23.55 5.84 24.32
N MET F 108 -22.36 5.71 23.72
CA MET F 108 -22.13 5.13 22.39
C MET F 108 -21.03 4.06 22.56
N GLN F 109 -21.23 3.18 23.56
CA GLN F 109 -20.36 2.08 23.95
C GLN F 109 -20.06 1.10 22.81
N VAL F 110 -20.92 1.10 21.76
CA VAL F 110 -20.79 0.31 20.54
C VAL F 110 -19.54 0.74 19.71
N LEU F 111 -19.13 2.03 19.82
CA LEU F 111 -18.00 2.58 19.07
C LEU F 111 -16.64 2.10 19.56
N VAL F 112 -16.54 1.60 20.81
CA VAL F 112 -15.29 1.16 21.43
C VAL F 112 -14.57 0.08 20.57
N SER F 113 -15.30 -0.98 20.19
CA SER F 113 -14.79 -2.08 19.37
C SER F 113 -14.39 -1.57 17.99
N ARG F 114 -15.15 -0.60 17.43
CA ARG F 114 -14.84 0.06 16.16
C ARG F 114 -13.52 0.89 16.26
N ILE F 115 -13.34 1.68 17.34
CA ILE F 115 -12.09 2.44 17.55
C ILE F 115 -10.91 1.47 17.72
N ALA F 116 -11.07 0.39 18.51
CA ALA F 116 -10.03 -0.63 18.70
C ALA F 116 -9.60 -1.21 17.35
N ALA F 117 -10.56 -1.51 16.46
CA ALA F 117 -10.32 -2.04 15.11
C ALA F 117 -9.58 -1.02 14.28
N TRP F 118 -9.93 0.29 14.39
CA TRP F 118 -9.25 1.38 13.69
C TRP F 118 -7.79 1.48 14.12
N MET F 119 -7.54 1.37 15.40
CA MET F 119 -6.19 1.43 15.99
C MET F 119 -5.32 0.28 15.50
N ALA F 120 -5.85 -0.94 15.53
CA ALA F 120 -5.17 -2.14 15.03
C ALA F 120 -4.88 -2.00 13.51
N THR F 121 -5.82 -1.44 12.72
CA THR F 121 -5.62 -1.21 11.27
C THR F 121 -4.49 -0.20 11.06
N TYR F 122 -4.53 0.92 11.82
CA TYR F 122 -3.52 1.94 11.68
C TYR F 122 -2.13 1.38 12.01
N LEU F 123 -2.03 0.72 13.18
CA LEU F 123 -0.78 0.09 13.61
C LEU F 123 -0.21 -0.85 12.56
N ASN F 124 -1.03 -1.77 12.02
CA ASN F 124 -0.57 -2.78 11.10
C ASN F 124 -0.20 -2.20 9.76
N ASP F 125 -0.97 -1.24 9.29
CA ASP F 125 -0.67 -0.64 8.01
C ASP F 125 0.56 0.29 8.12
N HIS F 126 0.50 1.28 9.01
CA HIS F 126 1.52 2.32 9.08
C HIS F 126 2.66 2.15 10.03
N LEU F 127 2.42 1.59 11.22
CA LEU F 127 3.45 1.64 12.26
C LEU F 127 4.29 0.39 12.43
N GLU F 128 3.73 -0.81 12.14
CA GLU F 128 4.44 -2.08 12.32
C GLU F 128 5.79 -2.12 11.55
N PRO F 129 5.90 -1.67 10.26
CA PRO F 129 7.21 -1.66 9.60
C PRO F 129 8.24 -0.82 10.37
N TRP F 130 7.86 0.38 10.86
CA TRP F 130 8.72 1.25 11.66
C TRP F 130 9.10 0.57 13.01
N ILE F 131 8.14 -0.07 13.69
CA ILE F 131 8.36 -0.81 14.94
C ILE F 131 9.47 -1.88 14.73
N GLN F 132 9.36 -2.72 13.68
CA GLN F 132 10.35 -3.73 13.32
C GLN F 132 11.70 -3.12 12.98
N GLU F 133 11.72 -2.00 12.25
CA GLU F 133 12.98 -1.32 11.89
C GLU F 133 13.70 -0.74 13.12
N ASN F 134 12.93 -0.43 14.17
CA ASN F 134 13.46 0.23 15.35
C ASN F 134 13.57 -0.66 16.62
N GLY F 135 13.83 -1.93 16.42
CA GLY F 135 14.08 -2.92 17.47
C GLY F 135 12.87 -3.60 18.09
N GLY F 136 11.67 -3.33 17.58
CA GLY F 136 10.43 -3.92 18.09
C GLY F 136 10.02 -3.36 19.45
N TRP F 137 8.92 -3.89 19.99
CA TRP F 137 8.39 -3.49 21.29
C TRP F 137 9.36 -3.75 22.44
N ASP F 138 10.28 -4.74 22.29
CA ASP F 138 11.31 -5.04 23.31
C ASP F 138 12.26 -3.84 23.49
N THR F 139 12.60 -3.11 22.39
CA THR F 139 13.45 -1.92 22.44
C THR F 139 12.71 -0.79 23.14
N PHE F 140 11.37 -0.67 22.91
CA PHE F 140 10.56 0.34 23.57
C PHE F 140 10.63 0.11 25.10
N VAL F 141 10.51 -1.15 25.53
CA VAL F 141 10.57 -1.56 26.95
C VAL F 141 11.91 -1.20 27.56
N GLU F 142 13.04 -1.47 26.84
CA GLU F 142 14.40 -1.12 27.30
C GLU F 142 14.53 0.40 27.41
N LEU F 143 14.09 1.15 26.37
CA LEU F 143 14.15 2.61 26.35
C LEU F 143 13.33 3.26 27.46
N TYR F 144 12.07 2.80 27.64
CA TYR F 144 11.16 3.35 28.65
C TYR F 144 11.56 2.99 30.08
N GLY F 145 12.02 1.75 30.28
CA GLY F 145 12.50 1.27 31.57
C GLY F 145 13.99 1.44 31.78
N MET G 6 -22.21 -8.55 -15.62
CA MET G 6 -21.75 -7.57 -14.64
C MET G 6 -20.84 -6.48 -15.24
N SER G 7 -19.85 -6.90 -16.08
CA SER G 7 -18.88 -6.06 -16.79
C SER G 7 -19.56 -4.96 -17.62
N GLN G 8 -20.64 -5.33 -18.33
CA GLN G 8 -21.38 -4.36 -19.14
C GLN G 8 -22.25 -3.43 -18.27
N SER G 9 -22.83 -3.94 -17.17
CA SER G 9 -23.59 -3.10 -16.25
C SER G 9 -22.64 -2.14 -15.50
N ASN G 10 -21.40 -2.60 -15.20
CA ASN G 10 -20.39 -1.76 -14.54
C ASN G 10 -19.92 -0.64 -15.49
N ARG G 11 -19.75 -0.97 -16.78
CA ARG G 11 -19.39 -0.01 -17.83
C ARG G 11 -20.51 1.05 -17.99
N GLU G 12 -21.77 0.59 -17.92
CA GLU G 12 -22.95 1.44 -18.01
C GLU G 12 -22.99 2.42 -16.81
N LEU G 13 -22.64 1.94 -15.61
CA LEU G 13 -22.55 2.75 -14.41
C LEU G 13 -21.46 3.78 -14.53
N VAL G 14 -20.29 3.39 -15.09
CA VAL G 14 -19.16 4.30 -15.31
C VAL G 14 -19.61 5.43 -16.24
N VAL G 15 -20.21 5.08 -17.37
CA VAL G 15 -20.66 6.06 -18.40
C VAL G 15 -21.72 6.99 -17.79
N ASP G 16 -22.70 6.43 -17.07
CA ASP G 16 -23.72 7.26 -16.40
C ASP G 16 -23.11 8.25 -15.38
N PHE G 17 -22.22 7.74 -14.54
CA PHE G 17 -21.62 8.58 -13.48
C PHE G 17 -20.73 9.69 -14.07
N LEU G 18 -19.92 9.36 -15.04
CA LEU G 18 -19.06 10.34 -15.69
C LEU G 18 -19.89 11.38 -16.45
N SER G 19 -20.97 10.93 -17.10
CA SER G 19 -21.85 11.85 -17.81
C SER G 19 -22.42 12.88 -16.86
N TYR G 20 -22.81 12.42 -15.65
CA TYR G 20 -23.35 13.27 -14.60
C TYR G 20 -22.32 14.30 -14.12
N LYS G 21 -21.11 13.83 -13.77
CA LYS G 21 -20.05 14.71 -13.30
C LYS G 21 -19.63 15.75 -14.30
N LEU G 22 -19.55 15.38 -15.61
CA LEU G 22 -19.21 16.32 -16.67
C LEU G 22 -20.28 17.36 -16.81
N SER G 23 -21.56 16.93 -16.85
CA SER G 23 -22.72 17.83 -16.94
C SER G 23 -22.81 18.86 -15.79
N GLN G 24 -22.34 18.52 -14.56
CA GLN G 24 -22.35 19.45 -13.42
C GLN G 24 -21.40 20.62 -13.61
N LYS G 25 -20.43 20.46 -14.53
CA LYS G 25 -19.44 21.49 -14.82
C LYS G 25 -19.67 22.11 -16.21
N GLY G 26 -20.81 21.79 -16.84
CA GLY G 26 -21.20 22.31 -18.15
C GLY G 26 -20.55 21.61 -19.34
N TYR G 27 -20.00 20.40 -19.11
CA TYR G 27 -19.34 19.57 -20.13
C TYR G 27 -20.24 18.38 -20.48
N SER G 28 -19.88 17.60 -21.51
CA SER G 28 -20.68 16.43 -21.87
C SER G 28 -19.82 15.23 -22.26
N TRP G 29 -20.27 14.03 -21.87
CA TRP G 29 -19.64 12.75 -22.20
C TRP G 29 -19.70 12.52 -23.73
N SER G 30 -20.83 12.86 -24.36
CA SER G 30 -21.10 12.68 -25.79
C SER G 30 -22.22 13.61 -26.21
N GLN G 31 -22.51 13.62 -27.53
CA GLN G 31 -23.60 14.39 -28.13
C GLN G 31 -24.97 13.93 -27.59
N MET G 32 -25.16 12.61 -27.41
CA MET G 32 -26.37 12.02 -26.85
C MET G 32 -26.54 12.45 -25.40
N ALA G 33 -25.44 12.47 -24.62
CA ALA G 33 -25.47 12.94 -23.22
C ALA G 33 -25.79 14.42 -23.17
N ALA G 34 -25.26 15.20 -24.18
CA ALA G 34 -25.52 16.65 -24.36
C ALA G 34 -27.02 16.89 -24.60
N VAL G 35 -27.65 16.11 -25.51
CA VAL G 35 -29.10 16.20 -25.79
C VAL G 35 -29.89 15.85 -24.51
N LYS G 36 -29.58 14.71 -23.89
CA LYS G 36 -30.20 14.16 -22.69
C LYS G 36 -30.26 15.15 -21.57
N GLN G 37 -29.10 15.84 -21.28
CA GLN G 37 -28.94 16.82 -20.21
C GLN G 37 -29.70 18.05 -20.52
N ALA G 38 -29.58 18.56 -21.78
CA ALA G 38 -30.32 19.73 -22.26
C ALA G 38 -31.82 19.60 -22.05
N LEU G 39 -32.40 18.42 -22.39
CA LEU G 39 -33.81 18.07 -22.27
C LEU G 39 -34.25 17.95 -20.81
N ARG G 40 -33.40 17.32 -19.94
CA ARG G 40 -33.66 17.21 -18.51
C ARG G 40 -33.83 18.61 -17.92
N GLU G 41 -32.89 19.53 -18.23
CA GLU G 41 -32.89 20.92 -17.75
C GLU G 41 -34.03 21.72 -18.28
N ALA G 42 -34.36 21.56 -19.58
CA ALA G 42 -35.46 22.28 -20.24
C ALA G 42 -36.81 21.87 -19.60
N GLY G 43 -36.96 20.59 -19.28
CA GLY G 43 -38.14 20.07 -18.61
C GLY G 43 -38.33 20.67 -17.24
N ASP G 44 -37.22 20.77 -16.46
CA ASP G 44 -37.25 21.40 -15.14
C ASP G 44 -37.66 22.86 -15.25
N GLU G 45 -37.05 23.60 -16.21
CA GLU G 45 -37.34 25.01 -16.44
C GLU G 45 -38.79 25.23 -16.83
N PHE G 46 -39.31 24.40 -17.76
CA PHE G 46 -40.70 24.46 -18.22
C PHE G 46 -41.68 24.22 -17.07
N GLU G 47 -41.46 23.15 -16.29
CA GLU G 47 -42.30 22.74 -15.16
C GLU G 47 -42.35 23.80 -14.07
N LEU G 48 -41.26 24.56 -13.92
CA LEU G 48 -41.15 25.65 -12.94
C LEU G 48 -41.91 26.88 -13.44
N ARG G 49 -41.66 27.29 -14.71
CA ARG G 49 -42.27 28.48 -15.30
C ARG G 49 -43.77 28.33 -15.58
N TYR G 50 -44.23 27.13 -15.93
CA TYR G 50 -45.63 26.91 -16.29
C TYR G 50 -46.34 25.92 -15.38
N ARG G 51 -45.95 25.84 -14.11
CA ARG G 51 -46.54 24.90 -13.14
C ARG G 51 -48.10 24.83 -13.19
N ARG G 52 -48.79 25.97 -13.01
CA ARG G 52 -50.26 26.05 -12.99
C ARG G 52 -50.91 25.63 -14.30
N ALA G 53 -50.46 26.23 -15.43
CA ALA G 53 -50.96 25.91 -16.77
C ALA G 53 -50.70 24.44 -17.14
N PHE G 54 -49.51 23.91 -16.77
CA PHE G 54 -49.12 22.52 -17.02
C PHE G 54 -50.02 21.55 -16.24
N SER G 55 -50.40 21.91 -14.99
CA SER G 55 -51.29 21.13 -14.14
C SER G 55 -52.65 20.93 -14.85
N ASP G 56 -53.13 21.96 -15.61
CA ASP G 56 -54.38 21.89 -16.37
C ASP G 56 -54.31 20.90 -17.50
N LEU G 57 -53.14 20.77 -18.16
CA LEU G 57 -52.91 19.84 -19.28
C LEU G 57 -52.80 18.38 -18.78
N THR G 58 -52.09 18.16 -17.64
CA THR G 58 -51.93 16.82 -17.03
C THR G 58 -53.27 16.27 -16.49
N SER G 59 -54.13 17.16 -15.98
CA SER G 59 -55.44 16.80 -15.40
C SER G 59 -56.47 16.39 -16.47
N GLN G 60 -56.30 16.85 -17.72
CA GLN G 60 -57.17 16.53 -18.87
C GLN G 60 -57.30 15.02 -19.08
N LEU G 61 -56.15 14.34 -19.24
CA LEU G 61 -56.02 12.91 -19.44
C LEU G 61 -56.13 12.21 -18.09
N HIS G 62 -57.21 11.43 -17.88
CA HIS G 62 -57.45 10.71 -16.62
C HIS G 62 -57.00 9.25 -16.73
N ILE G 63 -55.73 8.99 -16.37
CA ILE G 63 -55.04 7.69 -16.41
C ILE G 63 -55.73 6.60 -15.59
N THR G 64 -55.83 5.41 -16.20
CA THR G 64 -56.41 4.22 -15.60
C THR G 64 -55.71 2.99 -16.23
N PRO G 65 -55.74 1.77 -15.63
CA PRO G 65 -55.15 0.61 -16.31
C PRO G 65 -55.77 0.27 -17.67
N GLY G 66 -56.87 0.95 -18.03
CA GLY G 66 -57.54 0.81 -19.32
C GLY G 66 -57.23 1.90 -20.33
N THR G 67 -56.36 2.88 -19.96
CA THR G 67 -55.97 4.00 -20.84
C THR G 67 -55.05 3.47 -21.95
N ALA G 68 -55.33 3.86 -23.20
CA ALA G 68 -54.53 3.43 -24.34
C ALA G 68 -54.04 4.65 -25.10
N TYR G 69 -53.15 4.42 -26.09
CA TYR G 69 -52.53 5.45 -26.92
C TYR G 69 -53.50 6.53 -27.40
N GLN G 70 -54.69 6.14 -27.91
CA GLN G 70 -55.68 7.10 -28.42
C GLN G 70 -56.02 8.19 -27.40
N SER G 71 -56.28 7.80 -26.14
CA SER G 71 -56.63 8.73 -25.04
C SER G 71 -55.49 9.75 -24.80
N PHE G 72 -54.24 9.25 -24.74
CA PHE G 72 -53.01 10.03 -24.59
C PHE G 72 -52.76 10.93 -25.80
N GLU G 73 -52.81 10.37 -27.04
CA GLU G 73 -52.51 11.11 -28.28
C GLU G 73 -53.46 12.27 -28.51
N GLN G 74 -54.71 12.18 -27.99
CA GLN G 74 -55.71 13.25 -28.10
C GLN G 74 -55.24 14.50 -27.34
N VAL G 75 -54.81 14.33 -26.08
CA VAL G 75 -54.33 15.42 -25.22
C VAL G 75 -53.08 16.09 -25.80
N VAL G 76 -52.08 15.29 -26.18
CA VAL G 76 -50.82 15.82 -26.74
C VAL G 76 -51.08 16.39 -28.16
N ASN G 77 -52.16 15.98 -28.84
CA ASN G 77 -52.56 16.57 -30.14
C ASN G 77 -53.02 18.03 -29.96
N GLU G 78 -53.54 18.37 -28.75
CA GLU G 78 -54.01 19.70 -28.36
C GLU G 78 -52.81 20.61 -28.10
N LEU G 79 -51.74 20.04 -27.54
CA LEU G 79 -50.48 20.72 -27.23
C LEU G 79 -49.79 21.21 -28.52
N PHE G 80 -49.95 20.46 -29.63
CA PHE G 80 -49.36 20.81 -30.92
C PHE G 80 -50.40 21.37 -31.92
N ARG G 81 -51.56 21.82 -31.42
CA ARG G 81 -52.65 22.40 -32.23
C ARG G 81 -52.20 23.57 -33.11
N ASP G 82 -51.37 24.47 -32.57
CA ASP G 82 -50.83 25.65 -33.28
C ASP G 82 -49.52 25.32 -34.03
N GLY G 83 -49.19 24.04 -34.07
CA GLY G 83 -47.97 23.54 -34.68
C GLY G 83 -46.99 23.01 -33.66
N VAL G 84 -45.81 22.62 -34.13
CA VAL G 84 -44.74 22.08 -33.31
C VAL G 84 -43.50 23.01 -33.35
N ASN G 85 -42.89 23.20 -32.16
CA ASN G 85 -41.69 23.98 -31.84
C ASN G 85 -40.96 23.26 -30.71
N TRP G 86 -39.73 23.66 -30.39
CA TRP G 86 -38.95 22.99 -29.34
C TRP G 86 -39.60 23.05 -27.96
N GLY G 87 -40.20 24.20 -27.61
CA GLY G 87 -40.87 24.42 -26.34
C GLY G 87 -42.03 23.48 -26.10
N ARG G 88 -42.80 23.20 -27.17
CA ARG G 88 -43.93 22.29 -27.15
C ARG G 88 -43.46 20.85 -27.05
N ILE G 89 -42.29 20.54 -27.62
CA ILE G 89 -41.68 19.20 -27.53
C ILE G 89 -41.25 18.98 -26.07
N VAL G 90 -40.68 20.02 -25.42
CA VAL G 90 -40.27 19.98 -24.01
C VAL G 90 -41.51 19.70 -23.14
N ALA G 91 -42.64 20.44 -23.41
CA ALA G 91 -43.91 20.26 -22.72
C ALA G 91 -44.43 18.82 -22.87
N PHE G 92 -44.26 18.22 -24.06
CA PHE G 92 -44.64 16.83 -24.36
C PHE G 92 -43.86 15.81 -23.46
N PHE G 93 -42.53 16.02 -23.33
CA PHE G 93 -41.70 15.17 -22.47
C PHE G 93 -42.14 15.30 -21.01
N SER G 94 -42.33 16.56 -20.55
CA SER G 94 -42.79 16.91 -19.21
C SER G 94 -44.14 16.26 -18.91
N PHE G 95 -45.05 16.24 -19.90
CA PHE G 95 -46.37 15.62 -19.80
C PHE G 95 -46.24 14.12 -19.51
N GLY G 96 -45.38 13.43 -20.27
CA GLY G 96 -45.09 12.01 -20.12
C GLY G 96 -44.53 11.71 -18.73
N GLY G 97 -43.58 12.55 -18.30
CA GLY G 97 -42.96 12.48 -16.97
C GLY G 97 -43.97 12.58 -15.85
N ALA G 98 -44.83 13.60 -15.91
CA ALA G 98 -45.87 13.82 -14.90
C ALA G 98 -46.86 12.64 -14.85
N LEU G 99 -47.23 12.09 -16.01
CA LEU G 99 -48.14 10.94 -16.09
C LEU G 99 -47.52 9.72 -15.39
N CYS G 100 -46.19 9.51 -15.54
CA CYS G 100 -45.48 8.40 -14.90
C CYS G 100 -45.48 8.54 -13.39
N VAL G 101 -45.19 9.76 -12.91
CA VAL G 101 -45.13 10.09 -11.48
C VAL G 101 -46.50 9.83 -10.85
N GLU G 102 -47.56 10.36 -11.50
CA GLU G 102 -48.95 10.19 -11.11
C GLU G 102 -49.35 8.70 -11.05
N SER G 103 -48.92 7.90 -12.05
CA SER G 103 -49.20 6.47 -12.11
C SER G 103 -48.63 5.72 -10.92
N VAL G 104 -47.39 6.04 -10.52
CA VAL G 104 -46.74 5.41 -9.38
C VAL G 104 -47.39 5.88 -8.08
N ASP G 105 -47.72 7.18 -7.99
CA ASP G 105 -48.43 7.75 -6.84
C ASP G 105 -49.74 6.99 -6.61
N LYS G 106 -50.48 6.70 -7.70
CA LYS G 106 -51.79 6.01 -7.65
C LYS G 106 -51.70 4.49 -7.62
N GLU G 107 -50.49 3.92 -7.36
CA GLU G 107 -50.28 2.47 -7.30
C GLU G 107 -50.78 1.81 -8.61
N MET G 108 -50.23 2.30 -9.76
CA MET G 108 -50.50 1.82 -11.13
C MET G 108 -49.20 1.84 -11.89
N GLN G 109 -48.16 1.27 -11.26
CA GLN G 109 -46.78 1.16 -11.74
C GLN G 109 -46.68 0.58 -13.17
N VAL G 110 -47.62 -0.32 -13.50
CA VAL G 110 -47.73 -1.00 -14.80
C VAL G 110 -47.84 0.01 -15.97
N LEU G 111 -48.44 1.19 -15.72
CA LEU G 111 -48.64 2.21 -16.74
C LEU G 111 -47.36 2.94 -17.20
N VAL G 112 -46.28 2.93 -16.40
CA VAL G 112 -45.03 3.64 -16.71
C VAL G 112 -44.39 3.18 -18.08
N SER G 113 -44.29 1.86 -18.25
CA SER G 113 -43.76 1.24 -19.46
C SER G 113 -44.64 1.56 -20.67
N ARG G 114 -45.97 1.64 -20.43
CA ARG G 114 -46.98 1.97 -21.43
C ARG G 114 -46.80 3.42 -21.86
N ILE G 115 -46.56 4.36 -20.91
CA ILE G 115 -46.35 5.77 -21.21
C ILE G 115 -45.10 5.95 -22.10
N ALA G 116 -44.00 5.28 -21.72
CA ALA G 116 -42.74 5.30 -22.49
C ALA G 116 -42.99 4.90 -23.97
N ALA G 117 -43.74 3.82 -24.17
CA ALA G 117 -44.08 3.33 -25.53
C ALA G 117 -44.98 4.33 -26.30
N TRP G 118 -45.91 4.98 -25.59
CA TRP G 118 -46.76 6.00 -26.20
C TRP G 118 -45.94 7.16 -26.74
N MET G 119 -45.01 7.65 -25.90
CA MET G 119 -44.12 8.75 -26.21
C MET G 119 -43.24 8.45 -27.42
N ALA G 120 -42.67 7.24 -27.49
CA ALA G 120 -41.83 6.82 -28.62
C ALA G 120 -42.65 6.79 -29.93
N THR G 121 -43.90 6.26 -29.86
CA THR G 121 -44.81 6.22 -31.02
C THR G 121 -45.12 7.64 -31.47
N TYR G 122 -45.47 8.54 -30.50
CA TYR G 122 -45.82 9.92 -30.79
C TYR G 122 -44.69 10.68 -31.47
N LEU G 123 -43.48 10.51 -30.94
CA LEU G 123 -42.27 11.13 -31.47
C LEU G 123 -42.04 10.69 -32.90
N ASN G 124 -42.03 9.37 -33.16
CA ASN G 124 -41.77 8.84 -34.49
C ASN G 124 -42.84 9.22 -35.51
N ASP G 125 -44.14 9.12 -35.13
CA ASP G 125 -45.25 9.41 -36.04
C ASP G 125 -45.45 10.89 -36.34
N HIS G 126 -45.31 11.77 -35.31
CA HIS G 126 -45.64 13.18 -35.46
C HIS G 126 -44.51 14.20 -35.37
N LEU G 127 -43.52 13.96 -34.51
CA LEU G 127 -42.50 14.98 -34.28
C LEU G 127 -41.18 14.81 -35.04
N GLU G 128 -40.76 13.55 -35.29
CA GLU G 128 -39.48 13.24 -35.95
C GLU G 128 -39.31 13.92 -37.31
N PRO G 129 -40.34 13.99 -38.23
CA PRO G 129 -40.12 14.72 -39.50
C PRO G 129 -39.75 16.18 -39.25
N TRP G 130 -40.54 16.91 -38.42
CA TRP G 130 -40.27 18.30 -38.03
C TRP G 130 -38.87 18.50 -37.44
N ILE G 131 -38.43 17.58 -36.52
CA ILE G 131 -37.11 17.61 -35.87
C ILE G 131 -35.97 17.51 -36.90
N GLN G 132 -36.03 16.52 -37.82
CA GLN G 132 -35.03 16.34 -38.88
C GLN G 132 -35.12 17.45 -39.96
N GLU G 133 -36.17 18.28 -39.89
CA GLU G 133 -36.43 19.43 -40.77
C GLU G 133 -36.02 20.76 -40.08
N ASN G 134 -35.84 20.75 -38.73
CA ASN G 134 -35.43 21.92 -37.95
C ASN G 134 -34.03 21.78 -37.29
N GLY G 135 -33.13 21.08 -37.98
CA GLY G 135 -31.75 20.90 -37.55
C GLY G 135 -31.43 19.77 -36.58
N GLY G 136 -32.43 18.96 -36.23
CA GLY G 136 -32.25 17.84 -35.30
C GLY G 136 -32.06 18.23 -33.85
N TRP G 137 -31.81 17.24 -33.00
CA TRP G 137 -31.58 17.43 -31.56
C TRP G 137 -30.35 18.28 -31.25
N ASP G 138 -29.36 18.31 -32.16
CA ASP G 138 -28.15 19.11 -32.05
C ASP G 138 -28.47 20.61 -32.07
N THR G 139 -29.49 21.03 -32.85
CA THR G 139 -29.93 22.42 -32.90
C THR G 139 -30.63 22.78 -31.61
N PHE G 140 -31.43 21.83 -31.05
CA PHE G 140 -32.09 22.03 -29.76
C PHE G 140 -31.05 22.34 -28.66
N VAL G 141 -29.94 21.57 -28.64
CA VAL G 141 -28.83 21.70 -27.69
C VAL G 141 -28.16 23.08 -27.80
N GLU G 142 -27.82 23.51 -29.03
CA GLU G 142 -27.18 24.81 -29.31
C GLU G 142 -28.15 25.97 -29.02
N LEU G 143 -29.47 25.71 -29.16
CA LEU G 143 -30.57 26.65 -28.86
C LEU G 143 -30.79 26.74 -27.32
N TYR G 144 -29.83 26.23 -26.52
CA TYR G 144 -29.91 26.21 -25.07
C TYR G 144 -28.54 26.51 -24.45
N GLY H 4 -33.43 1.12 -37.78
CA GLY H 4 -33.49 0.83 -36.34
C GLY H 4 -33.11 1.96 -35.39
N SER H 5 -32.17 2.83 -35.83
CA SER H 5 -31.60 3.96 -35.06
C SER H 5 -32.62 4.95 -34.45
N MET H 6 -33.59 5.48 -35.26
CA MET H 6 -34.62 6.44 -34.80
C MET H 6 -35.41 5.91 -33.59
N SER H 7 -35.80 4.61 -33.65
CA SER H 7 -36.54 3.89 -32.61
C SER H 7 -35.75 3.96 -31.32
N GLN H 8 -34.54 3.34 -31.28
CA GLN H 8 -33.64 3.24 -30.12
C GLN H 8 -33.08 4.58 -29.61
N SER H 9 -32.96 5.64 -30.45
CA SER H 9 -32.47 6.95 -30.06
C SER H 9 -33.57 7.80 -29.42
N ASN H 10 -34.74 7.89 -30.08
CA ASN H 10 -35.89 8.61 -29.51
C ASN H 10 -36.33 7.85 -28.26
N ARG H 11 -36.32 6.49 -28.30
CA ARG H 11 -36.65 5.62 -27.17
C ARG H 11 -35.64 5.86 -26.03
N GLU H 12 -34.35 6.04 -26.37
CA GLU H 12 -33.27 6.32 -25.43
C GLU H 12 -33.53 7.65 -24.70
N LEU H 13 -33.95 8.68 -25.43
CA LEU H 13 -34.31 10.00 -24.92
C LEU H 13 -35.50 9.92 -24.00
N VAL H 14 -36.53 9.16 -24.39
CA VAL H 14 -37.76 8.94 -23.62
C VAL H 14 -37.39 8.30 -22.29
N VAL H 15 -36.62 7.21 -22.34
CA VAL H 15 -36.23 6.49 -21.15
C VAL H 15 -35.40 7.37 -20.23
N ASP H 16 -34.41 8.10 -20.79
CA ASP H 16 -33.58 8.99 -19.97
C ASP H 16 -34.43 10.07 -19.27
N PHE H 17 -35.33 10.70 -20.02
CA PHE H 17 -36.18 11.74 -19.45
C PHE H 17 -37.12 11.22 -18.36
N LEU H 18 -37.77 10.08 -18.61
CA LEU H 18 -38.68 9.48 -17.65
C LEU H 18 -37.93 9.02 -16.41
N SER H 19 -36.73 8.44 -16.60
CA SER H 19 -35.87 8.00 -15.51
C SER H 19 -35.60 9.15 -14.60
N TYR H 20 -35.25 10.32 -15.18
CA TYR H 20 -34.96 11.55 -14.46
C TYR H 20 -36.16 12.05 -13.66
N LYS H 21 -37.35 12.12 -14.27
CA LYS H 21 -38.56 12.61 -13.58
C LYS H 21 -39.03 11.71 -12.44
N LEU H 22 -39.02 10.38 -12.64
CA LEU H 22 -39.36 9.43 -11.57
C LEU H 22 -38.31 9.55 -10.42
N SER H 23 -37.02 9.71 -10.74
CA SER H 23 -36.01 9.86 -9.69
C SER H 23 -36.21 11.13 -8.83
N GLN H 24 -36.73 12.22 -9.43
CA GLN H 24 -36.97 13.48 -8.70
C GLN H 24 -38.06 13.30 -7.66
N LYS H 25 -38.91 12.28 -7.78
CA LYS H 25 -39.99 11.99 -6.83
C LYS H 25 -39.68 10.78 -5.94
N GLY H 26 -38.45 10.28 -6.02
CA GLY H 26 -37.98 9.16 -5.24
C GLY H 26 -38.32 7.80 -5.82
N TYR H 27 -38.72 7.77 -7.10
CA TYR H 27 -39.06 6.54 -7.82
C TYR H 27 -37.96 6.18 -8.80
N SER H 28 -38.02 4.98 -9.38
CA SER H 28 -37.02 4.58 -10.36
C SER H 28 -37.63 3.83 -11.52
N TRP H 29 -37.08 4.10 -12.70
CA TRP H 29 -37.48 3.48 -13.96
C TRP H 29 -37.18 1.96 -13.92
N SER H 30 -36.03 1.61 -13.36
CA SER H 30 -35.55 0.23 -13.27
C SER H 30 -34.55 0.13 -12.13
N GLN H 31 -34.11 -1.09 -11.80
CA GLN H 31 -33.08 -1.40 -10.82
C GLN H 31 -31.74 -0.72 -11.19
N MET H 32 -31.39 -0.71 -12.49
CA MET H 32 -30.18 -0.08 -13.02
C MET H 32 -30.24 1.44 -12.83
N ALA H 33 -31.42 2.03 -13.12
CA ALA H 33 -31.64 3.47 -12.93
C ALA H 33 -31.53 3.84 -11.45
N ALA H 34 -31.99 2.95 -10.54
CA ALA H 34 -31.89 3.12 -9.08
C ALA H 34 -30.44 3.12 -8.63
N VAL H 35 -29.61 2.18 -9.17
CA VAL H 35 -28.17 2.10 -8.87
C VAL H 35 -27.49 3.40 -9.34
N LYS H 36 -27.77 3.83 -10.58
CA LYS H 36 -27.18 5.03 -11.16
C LYS H 36 -27.50 6.25 -10.32
N GLN H 37 -28.77 6.41 -9.90
CA GLN H 37 -29.20 7.53 -9.11
C GLN H 37 -28.54 7.56 -7.73
N ALA H 38 -28.49 6.40 -7.03
CA ALA H 38 -27.85 6.27 -5.72
C ALA H 38 -26.37 6.64 -5.79
N LEU H 39 -25.67 6.21 -6.86
CA LEU H 39 -24.25 6.49 -7.09
C LEU H 39 -24.01 7.98 -7.40
N ARG H 40 -24.91 8.61 -8.21
CA ARG H 40 -24.86 10.04 -8.49
C ARG H 40 -24.94 10.83 -7.20
N GLU H 41 -25.93 10.53 -6.37
CA GLU H 41 -26.15 11.21 -5.08
C GLU H 41 -25.05 10.95 -4.08
N ALA H 42 -24.55 9.69 -4.01
CA ALA H 42 -23.46 9.30 -3.11
C ALA H 42 -22.18 10.08 -3.48
N GLY H 43 -21.91 10.28 -4.79
CA GLY H 43 -20.76 11.00 -5.29
C GLY H 43 -20.83 12.45 -4.86
N ASP H 44 -22.01 13.07 -5.02
CA ASP H 44 -22.19 14.45 -4.57
C ASP H 44 -21.94 14.58 -3.06
N GLU H 45 -22.50 13.64 -2.26
CA GLU H 45 -22.40 13.65 -0.80
C GLU H 45 -20.95 13.49 -0.37
N PHE H 46 -20.22 12.56 -1.03
CA PHE H 46 -18.80 12.31 -0.77
C PHE H 46 -17.95 13.54 -1.06
N GLU H 47 -18.15 14.14 -2.24
CA GLU H 47 -17.39 15.32 -2.70
C GLU H 47 -17.60 16.53 -1.80
N LEU H 48 -18.80 16.64 -1.22
CA LEU H 48 -19.16 17.70 -0.28
C LEU H 48 -18.51 17.42 1.10
N ARG H 49 -18.68 16.20 1.64
CA ARG H 49 -18.18 15.84 2.97
C ARG H 49 -16.67 15.77 3.04
N TYR H 50 -16.00 15.34 1.95
CA TYR H 50 -14.54 15.18 1.99
C TYR H 50 -13.81 16.09 1.02
N ARG H 51 -14.35 17.26 0.75
CA ARG H 51 -13.79 18.24 -0.19
C ARG H 51 -12.26 18.45 -0.04
N ARG H 52 -11.81 18.85 1.15
CA ARG H 52 -10.38 19.13 1.42
C ARG H 52 -9.50 17.89 1.24
N ALA H 53 -9.84 16.74 1.84
CA ALA H 53 -9.09 15.50 1.72
C ALA H 53 -9.10 14.92 0.27
N PHE H 54 -10.26 15.00 -0.44
CA PHE H 54 -10.43 14.54 -1.82
C PHE H 54 -9.52 15.34 -2.77
N SER H 55 -9.38 16.64 -2.53
CA SER H 55 -8.51 17.53 -3.32
C SER H 55 -7.01 17.04 -3.29
N ASP H 56 -6.58 16.54 -2.12
CA ASP H 56 -5.24 15.97 -1.92
C ASP H 56 -5.04 14.67 -2.74
N LEU H 57 -6.11 13.86 -2.92
CA LEU H 57 -6.03 12.62 -3.71
C LEU H 57 -6.05 12.94 -5.20
N THR H 58 -6.91 13.84 -5.65
CA THR H 58 -6.99 14.19 -7.07
C THR H 58 -5.68 14.82 -7.59
N SER H 59 -4.97 15.53 -6.69
CA SER H 59 -3.67 16.15 -7.01
C SER H 59 -2.55 15.11 -7.25
N GLN H 60 -2.76 13.84 -6.82
CA GLN H 60 -1.81 12.74 -6.96
C GLN H 60 -1.64 12.23 -8.40
N LEU H 61 -2.60 12.54 -9.29
CA LEU H 61 -2.54 12.10 -10.68
C LEU H 61 -3.10 13.14 -11.65
N HIS H 62 -2.31 13.56 -12.64
CA HIS H 62 -2.80 14.48 -13.67
C HIS H 62 -2.68 13.71 -14.98
N ILE H 63 -3.81 13.12 -15.44
CA ILE H 63 -3.89 12.31 -16.66
C ILE H 63 -3.49 13.11 -17.90
N THR H 64 -2.28 12.82 -18.41
CA THR H 64 -1.66 13.46 -19.57
C THR H 64 -1.89 12.51 -20.76
N PRO H 65 -1.68 12.93 -22.04
CA PRO H 65 -1.87 11.96 -23.16
C PRO H 65 -0.96 10.73 -23.09
N GLY H 66 0.10 10.80 -22.27
CA GLY H 66 1.06 9.73 -22.08
C GLY H 66 0.90 8.92 -20.80
N THR H 67 -0.17 9.19 -20.02
CA THR H 67 -0.47 8.50 -18.77
C THR H 67 -0.85 7.04 -19.03
N ALA H 68 -0.11 6.10 -18.39
CA ALA H 68 -0.37 4.66 -18.51
C ALA H 68 -1.41 4.26 -17.46
N TYR H 69 -2.18 3.19 -17.72
CA TYR H 69 -3.20 2.68 -16.78
C TYR H 69 -2.61 2.30 -15.42
N GLN H 70 -1.34 1.80 -15.41
CA GLN H 70 -0.61 1.41 -14.21
C GLN H 70 -0.55 2.57 -13.21
N SER H 71 -0.35 3.81 -13.70
CA SER H 71 -0.28 5.00 -12.84
C SER H 71 -1.67 5.30 -12.28
N PHE H 72 -2.76 5.07 -13.08
CA PHE H 72 -4.15 5.27 -12.60
C PHE H 72 -4.44 4.23 -11.51
N GLU H 73 -4.13 2.94 -11.84
CA GLU H 73 -4.30 1.76 -10.99
C GLU H 73 -3.54 1.90 -9.65
N GLN H 74 -2.32 2.46 -9.68
CA GLN H 74 -1.50 2.65 -8.49
C GLN H 74 -2.19 3.59 -7.51
N VAL H 75 -2.68 4.76 -7.99
CA VAL H 75 -3.37 5.77 -7.17
C VAL H 75 -4.69 5.20 -6.60
N VAL H 76 -5.49 4.52 -7.46
CA VAL H 76 -6.75 3.88 -7.06
C VAL H 76 -6.50 2.78 -6.00
N ASN H 77 -5.42 1.99 -6.16
CA ASN H 77 -5.01 0.95 -5.21
C ASN H 77 -4.84 1.55 -3.80
N GLU H 78 -4.51 2.85 -3.72
CA GLU H 78 -4.37 3.60 -2.47
C GLU H 78 -5.73 3.77 -1.79
N LEU H 79 -6.78 4.12 -2.54
CA LEU H 79 -8.11 4.23 -1.93
C LEU H 79 -8.50 2.92 -1.26
N PHE H 80 -7.97 1.82 -1.77
CA PHE H 80 -8.34 0.51 -1.28
C PHE H 80 -7.25 -0.18 -0.46
N ARG H 81 -6.24 0.60 0.03
CA ARG H 81 -5.08 0.20 0.87
C ARG H 81 -5.51 -0.69 2.05
N ASP H 82 -6.55 -0.25 2.78
CA ASP H 82 -7.08 -0.91 3.98
C ASP H 82 -8.33 -1.75 3.71
N GLY H 83 -8.55 -2.05 2.45
CA GLY H 83 -9.68 -2.90 2.04
C GLY H 83 -10.75 -2.15 1.29
N VAL H 84 -11.68 -2.92 0.73
CA VAL H 84 -12.78 -2.39 -0.06
C VAL H 84 -14.02 -2.23 0.83
N ASN H 85 -14.79 -1.17 0.56
CA ASN H 85 -16.08 -0.90 1.17
C ASN H 85 -16.81 -0.02 0.19
N TRP H 86 -18.12 0.17 0.37
CA TRP H 86 -18.95 0.95 -0.54
C TRP H 86 -18.52 2.42 -0.66
N GLY H 87 -18.16 3.02 0.47
CA GLY H 87 -17.69 4.40 0.55
C GLY H 87 -16.46 4.66 -0.30
N ARG H 88 -15.51 3.71 -0.27
CA ARG H 88 -14.27 3.76 -1.05
C ARG H 88 -14.54 3.54 -2.54
N ILE H 89 -15.61 2.80 -2.87
CA ILE H 89 -16.04 2.60 -4.27
C ILE H 89 -16.61 3.94 -4.79
N VAL H 90 -17.39 4.64 -3.95
CA VAL H 90 -17.95 5.95 -4.27
C VAL H 90 -16.77 6.93 -4.53
N ALA H 91 -15.75 6.95 -3.63
CA ALA H 91 -14.53 7.77 -3.77
C ALA H 91 -13.83 7.47 -5.12
N PHE H 92 -13.78 6.18 -5.53
CA PHE H 92 -13.20 5.74 -6.81
C PHE H 92 -13.93 6.36 -8.01
N PHE H 93 -15.29 6.34 -8.00
CA PHE H 93 -16.11 6.93 -9.08
C PHE H 93 -15.89 8.45 -9.13
N SER H 94 -15.91 9.11 -7.94
CA SER H 94 -15.69 10.56 -7.77
C SER H 94 -14.31 10.95 -8.30
N PHE H 95 -13.28 10.11 -8.02
CA PHE H 95 -11.92 10.31 -8.49
C PHE H 95 -11.87 10.29 -10.04
N GLY H 96 -12.49 9.31 -10.66
CA GLY H 96 -12.60 9.20 -12.11
C GLY H 96 -13.30 10.40 -12.72
N GLY H 97 -14.40 10.84 -12.08
CA GLY H 97 -15.15 12.03 -12.48
C GLY H 97 -14.32 13.30 -12.42
N ALA H 98 -13.56 13.50 -11.31
CA ALA H 98 -12.66 14.65 -11.19
C ALA H 98 -11.53 14.63 -12.24
N LEU H 99 -11.00 13.44 -12.58
CA LEU H 99 -9.98 13.29 -13.61
C LEU H 99 -10.51 13.69 -14.98
N CYS H 100 -11.78 13.32 -15.29
CA CYS H 100 -12.47 13.65 -16.54
C CYS H 100 -12.71 15.15 -16.64
N VAL H 101 -13.20 15.79 -15.54
CA VAL H 101 -13.45 17.24 -15.47
C VAL H 101 -12.13 17.99 -15.70
N GLU H 102 -11.05 17.56 -15.01
CA GLU H 102 -9.69 18.12 -15.14
C GLU H 102 -9.19 18.00 -16.60
N SER H 103 -9.45 16.84 -17.26
CA SER H 103 -9.03 16.59 -18.65
C SER H 103 -9.70 17.58 -19.60
N VAL H 104 -11.02 17.85 -19.40
CA VAL H 104 -11.75 18.80 -20.23
C VAL H 104 -11.27 20.23 -19.95
N ASP H 105 -11.04 20.56 -18.66
CA ASP H 105 -10.50 21.86 -18.24
C ASP H 105 -9.18 22.15 -18.96
N LYS H 106 -8.30 21.12 -19.06
CA LYS H 106 -6.98 21.21 -19.71
C LYS H 106 -7.03 21.00 -21.23
N GLU H 107 -8.25 20.98 -21.82
CA GLU H 107 -8.50 20.81 -23.27
C GLU H 107 -7.89 19.50 -23.81
N MET H 108 -8.13 18.40 -23.06
CA MET H 108 -7.67 17.05 -23.38
C MET H 108 -8.89 16.12 -23.27
N GLN H 109 -10.01 16.51 -23.95
CA GLN H 109 -11.31 15.84 -24.00
C GLN H 109 -11.19 14.35 -24.43
N VAL H 110 -10.15 14.03 -25.22
CA VAL H 110 -9.83 12.67 -25.69
C VAL H 110 -9.54 11.69 -24.56
N LEU H 111 -9.03 12.17 -23.41
CA LEU H 111 -8.69 11.36 -22.23
C LEU H 111 -9.89 10.81 -21.47
N VAL H 112 -11.07 11.45 -21.61
CA VAL H 112 -12.32 11.07 -20.93
C VAL H 112 -12.70 9.60 -21.23
N SER H 113 -12.73 9.20 -22.54
CA SER H 113 -13.03 7.83 -22.95
C SER H 113 -11.94 6.82 -22.44
N ARG H 114 -10.67 7.27 -22.35
CA ARG H 114 -9.56 6.47 -21.80
C ARG H 114 -9.79 6.23 -20.29
N ILE H 115 -10.15 7.31 -19.54
CA ILE H 115 -10.39 7.23 -18.10
C ILE H 115 -11.60 6.32 -17.84
N ALA H 116 -12.65 6.42 -18.69
CA ALA H 116 -13.83 5.54 -18.57
C ALA H 116 -13.40 4.10 -18.75
N ALA H 117 -12.56 3.81 -19.77
CA ALA H 117 -12.09 2.44 -20.03
C ALA H 117 -11.20 1.96 -18.85
N TRP H 118 -10.36 2.83 -18.27
CA TRP H 118 -9.55 2.51 -17.08
C TRP H 118 -10.43 2.14 -15.87
N MET H 119 -11.51 2.92 -15.64
CA MET H 119 -12.47 2.72 -14.56
C MET H 119 -13.18 1.40 -14.70
N ALA H 120 -13.67 1.09 -15.92
CA ALA H 120 -14.32 -0.18 -16.23
C ALA H 120 -13.36 -1.37 -16.04
N THR H 121 -12.08 -1.24 -16.46
CA THR H 121 -11.05 -2.28 -16.27
C THR H 121 -10.81 -2.46 -14.76
N TYR H 122 -10.63 -1.34 -14.00
CA TYR H 122 -10.40 -1.43 -12.57
C TYR H 122 -11.55 -2.12 -11.87
N LEU H 123 -12.79 -1.71 -12.16
CA LEU H 123 -14.00 -2.31 -11.60
C LEU H 123 -14.06 -3.81 -11.87
N ASN H 124 -13.89 -4.25 -13.15
CA ASN H 124 -13.94 -5.66 -13.49
C ASN H 124 -12.80 -6.46 -12.87
N ASP H 125 -11.55 -5.93 -12.90
CA ASP H 125 -10.37 -6.64 -12.38
C ASP H 125 -10.30 -6.68 -10.87
N HIS H 126 -10.67 -5.62 -10.18
CA HIS H 126 -10.49 -5.52 -8.74
C HIS H 126 -11.72 -5.46 -7.87
N LEU H 127 -12.78 -4.77 -8.33
CA LEU H 127 -13.90 -4.52 -7.45
C LEU H 127 -15.08 -5.45 -7.63
N GLU H 128 -15.38 -5.93 -8.86
CA GLU H 128 -16.51 -6.83 -9.13
C GLU H 128 -16.47 -8.10 -8.22
N PRO H 129 -15.33 -8.84 -8.00
CA PRO H 129 -15.37 -9.95 -7.03
C PRO H 129 -15.83 -9.49 -5.64
N TRP H 130 -15.36 -8.34 -5.12
CA TRP H 130 -15.82 -7.79 -3.83
C TRP H 130 -17.31 -7.41 -3.89
N ILE H 131 -17.76 -6.81 -5.00
CA ILE H 131 -19.16 -6.38 -5.20
C ILE H 131 -20.09 -7.60 -5.05
N GLN H 132 -19.76 -8.72 -5.74
CA GLN H 132 -20.50 -10.00 -5.67
C GLN H 132 -20.47 -10.61 -4.26
N GLU H 133 -19.30 -10.59 -3.62
CA GLU H 133 -19.11 -11.11 -2.26
C GLU H 133 -19.93 -10.34 -1.20
N ASN H 134 -20.27 -9.07 -1.48
CA ASN H 134 -20.97 -8.18 -0.56
C ASN H 134 -22.40 -7.75 -0.99
N GLY H 135 -23.10 -8.65 -1.67
CA GLY H 135 -24.49 -8.41 -2.04
C GLY H 135 -24.84 -7.69 -3.32
N GLY H 136 -23.83 -7.30 -4.10
CA GLY H 136 -24.05 -6.62 -5.36
C GLY H 136 -24.50 -5.18 -5.22
N TRP H 137 -24.73 -4.50 -6.37
CA TRP H 137 -25.16 -3.09 -6.42
C TRP H 137 -26.50 -2.83 -5.74
N ASP H 138 -27.36 -3.87 -5.66
CA ASP H 138 -28.66 -3.82 -5.00
C ASP H 138 -28.52 -3.56 -3.50
N THR H 139 -27.46 -4.14 -2.87
CA THR H 139 -27.17 -3.93 -1.45
C THR H 139 -26.70 -2.50 -1.24
N PHE H 140 -25.89 -1.96 -2.18
CA PHE H 140 -25.42 -0.57 -2.12
C PHE H 140 -26.62 0.40 -2.11
N VAL H 141 -27.62 0.16 -2.99
CA VAL H 141 -28.86 0.94 -3.10
C VAL H 141 -29.65 0.90 -1.79
N GLU H 142 -29.77 -0.31 -1.16
CA GLU H 142 -30.46 -0.45 0.12
C GLU H 142 -29.71 0.27 1.23
N LEU H 143 -28.35 0.13 1.27
CA LEU H 143 -27.50 0.79 2.28
C LEU H 143 -27.53 2.30 2.18
N TYR H 144 -27.44 2.83 0.93
CA TYR H 144 -27.42 4.27 0.71
C TYR H 144 -28.79 4.91 0.94
N GLY H 145 -29.86 4.21 0.54
CA GLY H 145 -31.23 4.66 0.72
C GLY H 145 -31.84 4.20 2.04
N GLN I 8 44.53 13.92 4.07
CA GLN I 8 44.59 15.26 4.65
C GLN I 8 43.22 15.95 4.74
N SER I 9 43.19 17.16 5.37
CA SER I 9 42.04 18.07 5.55
C SER I 9 42.67 19.46 5.64
N ASN I 10 43.84 19.56 4.98
CA ASN I 10 44.65 20.75 4.82
C ASN I 10 43.92 21.70 3.87
N ARG I 11 43.20 21.15 2.85
CA ARG I 11 42.39 21.90 1.90
C ARG I 11 41.25 22.60 2.65
N GLU I 12 40.62 21.88 3.62
CA GLU I 12 39.54 22.38 4.46
C GLU I 12 40.03 23.59 5.31
N LEU I 13 41.24 23.51 5.85
CA LEU I 13 41.87 24.56 6.61
C LEU I 13 42.17 25.76 5.73
N VAL I 14 42.69 25.50 4.50
CA VAL I 14 43.01 26.56 3.54
C VAL I 14 41.74 27.33 3.22
N VAL I 15 40.67 26.61 2.82
CA VAL I 15 39.38 27.19 2.44
C VAL I 15 38.75 27.95 3.65
N ASP I 16 38.82 27.41 4.89
CA ASP I 16 38.29 28.12 6.07
C ASP I 16 39.07 29.42 6.33
N PHE I 17 40.41 29.36 6.30
CA PHE I 17 41.25 30.50 6.59
C PHE I 17 41.08 31.60 5.55
N LEU I 18 41.06 31.23 4.26
CA LEU I 18 40.88 32.19 3.17
C LEU I 18 39.52 32.81 3.21
N SER I 19 38.47 32.03 3.53
CA SER I 19 37.10 32.52 3.68
C SER I 19 37.06 33.58 4.74
N TYR I 20 37.71 33.33 5.87
CA TYR I 20 37.78 34.26 6.99
C TYR I 20 38.44 35.57 6.61
N LYS I 21 39.63 35.49 5.99
CA LYS I 21 40.39 36.68 5.59
C LYS I 21 39.67 37.52 4.56
N LEU I 22 39.01 36.87 3.57
CA LEU I 22 38.21 37.58 2.56
C LEU I 22 37.04 38.29 3.23
N SER I 23 36.33 37.60 4.16
CA SER I 23 35.17 38.15 4.87
C SER I 23 35.52 39.40 5.70
N GLN I 24 36.75 39.46 6.26
CA GLN I 24 37.22 40.61 7.05
C GLN I 24 37.32 41.87 6.23
N LYS I 25 37.46 41.73 4.90
CA LYS I 25 37.54 42.86 3.97
C LYS I 25 36.24 43.05 3.17
N GLY I 26 35.18 42.34 3.53
CA GLY I 26 33.89 42.43 2.87
C GLY I 26 33.77 41.60 1.60
N TYR I 27 34.68 40.63 1.41
CA TYR I 27 34.69 39.72 0.26
C TYR I 27 34.23 38.32 0.71
N SER I 28 33.92 37.43 -0.21
CA SER I 28 33.53 36.06 0.15
C SER I 28 34.15 35.01 -0.73
N TRP I 29 34.48 33.86 -0.14
CA TRP I 29 35.07 32.70 -0.83
C TRP I 29 34.04 32.09 -1.83
N SER I 30 32.77 32.02 -1.40
CA SER I 30 31.67 31.43 -2.17
C SER I 30 30.35 32.01 -1.66
N GLN I 31 29.24 31.69 -2.35
CA GLN I 31 27.92 32.13 -1.96
C GLN I 31 27.48 31.56 -0.59
N MET I 32 27.87 30.30 -0.30
CA MET I 32 27.58 29.63 0.94
C MET I 32 28.34 30.33 2.06
N ALA I 33 29.62 30.72 1.80
CA ALA I 33 30.46 31.42 2.77
C ALA I 33 29.84 32.78 3.08
N ALA I 34 29.24 33.44 2.06
CA ALA I 34 28.57 34.74 2.21
C ALA I 34 27.34 34.60 3.10
N VAL I 35 26.52 33.53 2.91
CA VAL I 35 25.34 33.25 3.72
C VAL I 35 25.76 33.03 5.20
N LYS I 36 26.75 32.17 5.41
CA LYS I 36 27.27 31.84 6.72
C LYS I 36 27.72 33.12 7.45
N GLN I 37 28.51 33.99 6.74
CA GLN I 37 29.02 35.22 7.34
C GLN I 37 27.89 36.19 7.70
N ALA I 38 26.93 36.40 6.79
CA ALA I 38 25.78 37.30 7.01
C ALA I 38 24.96 36.85 8.22
N LEU I 39 24.75 35.53 8.36
CA LEU I 39 23.99 34.93 9.47
C LEU I 39 24.73 35.07 10.79
N ARG I 40 26.07 34.86 10.79
CA ARG I 40 26.91 35.05 11.97
C ARG I 40 26.75 36.49 12.51
N GLU I 41 26.88 37.48 11.59
CA GLU I 41 26.83 38.89 11.93
C GLU I 41 25.43 39.32 12.34
N ALA I 42 24.38 38.78 11.64
CA ALA I 42 22.98 39.09 11.96
C ALA I 42 22.63 38.60 13.38
N GLY I 43 23.14 37.43 13.75
CA GLY I 43 22.95 36.85 15.07
C GLY I 43 23.57 37.72 16.14
N ASP I 44 24.82 38.20 15.92
CA ASP I 44 25.49 39.12 16.85
C ASP I 44 24.66 40.40 17.01
N GLU I 45 24.20 40.98 15.88
CA GLU I 45 23.42 42.22 15.88
C GLU I 45 22.10 42.06 16.63
N PHE I 46 21.39 40.94 16.37
CA PHE I 46 20.14 40.61 17.03
C PHE I 46 20.33 40.47 18.56
N GLU I 47 21.33 39.66 18.97
CA GLU I 47 21.63 39.38 20.38
C GLU I 47 22.03 40.62 21.13
N LEU I 48 22.65 41.60 20.44
CA LEU I 48 23.04 42.88 21.02
C LEU I 48 21.81 43.79 21.17
N ARG I 49 21.00 43.93 20.08
CA ARG I 49 19.82 44.81 20.08
C ARG I 49 18.69 44.32 20.96
N TYR I 50 18.50 43.00 21.06
CA TYR I 50 17.38 42.44 21.81
C TYR I 50 17.80 41.57 22.96
N ARG I 51 18.95 41.86 23.60
CA ARG I 51 19.44 41.05 24.72
C ARG I 51 18.37 40.73 25.80
N ARG I 52 17.65 41.76 26.33
CA ARG I 52 16.63 41.59 27.36
C ARG I 52 15.43 40.76 26.90
N ALA I 53 14.82 41.12 25.76
CA ALA I 53 13.69 40.37 25.19
C ALA I 53 14.08 38.91 24.81
N PHE I 54 15.31 38.72 24.28
CA PHE I 54 15.85 37.41 23.91
C PHE I 54 16.05 36.53 25.15
N SER I 55 16.45 37.14 26.28
CA SER I 55 16.62 36.47 27.56
C SER I 55 15.29 35.87 28.03
N ASP I 56 14.16 36.57 27.76
CA ASP I 56 12.81 36.09 28.09
C ASP I 56 12.45 34.87 27.25
N LEU I 57 12.93 34.83 25.98
CA LEU I 57 12.73 33.71 25.08
C LEU I 57 13.52 32.49 25.54
N THR I 58 14.84 32.63 25.81
CA THR I 58 15.73 31.55 26.22
C THR I 58 15.30 30.93 27.56
N SER I 59 14.73 31.75 28.47
CA SER I 59 14.24 31.30 29.77
C SER I 59 12.97 30.41 29.65
N GLN I 60 12.27 30.45 28.49
CA GLN I 60 11.03 29.69 28.24
C GLN I 60 11.29 28.22 27.83
N LEU I 61 12.57 27.79 27.76
CA LEU I 61 13.01 26.41 27.51
C LEU I 61 14.23 26.07 28.37
N HIS I 62 13.98 25.26 29.40
CA HIS I 62 15.01 24.81 30.32
C HIS I 62 15.49 23.45 29.82
N ILE I 63 16.57 23.44 29.02
CA ILE I 63 17.14 22.24 28.42
C ILE I 63 17.70 21.26 29.45
N THR I 64 17.36 19.98 29.28
CA THR I 64 17.79 18.86 30.13
C THR I 64 18.15 17.70 29.18
N PRO I 65 18.91 16.66 29.60
CA PRO I 65 19.18 15.52 28.69
C PRO I 65 17.92 14.78 28.20
N GLY I 66 16.79 15.04 28.86
CA GLY I 66 15.49 14.45 28.55
C GLY I 66 14.55 15.34 27.76
N THR I 67 14.99 16.56 27.40
CA THR I 67 14.17 17.51 26.62
C THR I 67 13.91 16.93 25.23
N ALA I 68 12.61 16.85 24.90
CA ALA I 68 12.04 16.33 23.67
C ALA I 68 12.03 17.44 22.63
N TYR I 69 12.20 17.08 21.34
CA TYR I 69 12.16 17.99 20.21
C TYR I 69 10.90 18.87 20.23
N GLN I 70 9.72 18.27 20.54
CA GLN I 70 8.42 18.97 20.61
C GLN I 70 8.47 20.20 21.53
N SER I 71 9.20 20.13 22.67
CA SER I 71 9.32 21.26 23.61
C SER I 71 10.10 22.40 22.94
N PHE I 72 11.15 22.06 22.15
CA PHE I 72 11.95 23.01 21.38
C PHE I 72 11.05 23.60 20.29
N GLU I 73 10.32 22.72 19.58
CA GLU I 73 9.43 23.07 18.49
C GLU I 73 8.31 23.99 18.94
N GLN I 74 7.77 23.75 20.11
CA GLN I 74 6.70 24.57 20.64
C GLN I 74 7.14 26.00 20.93
N VAL I 75 8.32 26.18 21.55
CA VAL I 75 8.86 27.52 21.83
C VAL I 75 9.24 28.23 20.52
N VAL I 76 9.87 27.51 19.55
CA VAL I 76 10.22 28.07 18.23
C VAL I 76 8.94 28.45 17.45
N ASN I 77 7.85 27.65 17.55
CA ASN I 77 6.55 27.92 16.91
C ASN I 77 5.96 29.24 17.39
N GLU I 78 6.15 29.58 18.69
CA GLU I 78 5.62 30.82 19.28
C GLU I 78 6.39 32.06 18.75
N LEU I 79 7.65 31.85 18.34
CA LEU I 79 8.51 32.85 17.74
C LEU I 79 7.99 33.20 16.32
N PHE I 80 7.36 32.24 15.63
CA PHE I 80 6.80 32.42 14.29
C PHE I 80 5.27 32.52 14.31
N ARG I 81 4.68 32.83 15.50
CA ARG I 81 3.25 32.96 15.76
C ARG I 81 2.56 33.89 14.76
N ASP I 82 3.16 35.07 14.50
CA ASP I 82 2.62 36.09 13.60
C ASP I 82 3.20 36.01 12.17
N GLY I 83 3.77 34.85 11.84
CA GLY I 83 4.35 34.58 10.53
C GLY I 83 5.86 34.55 10.51
N VAL I 84 6.41 34.13 9.36
CA VAL I 84 7.85 34.04 9.16
C VAL I 84 8.36 35.31 8.47
N ASN I 85 9.56 35.75 8.88
CA ASN I 85 10.34 36.82 8.28
C ASN I 85 11.79 36.51 8.57
N TRP I 86 12.71 37.21 7.91
CA TRP I 86 14.14 36.96 8.10
C TRP I 86 14.62 37.21 9.53
N GLY I 87 14.10 38.27 10.17
CA GLY I 87 14.46 38.63 11.54
C GLY I 87 14.14 37.55 12.54
N ARG I 88 12.98 36.92 12.36
CA ARG I 88 12.53 35.82 13.21
C ARG I 88 13.37 34.55 12.97
N ILE I 89 13.85 34.35 11.72
CA ILE I 89 14.73 33.24 11.36
C ILE I 89 16.09 33.46 12.07
N VAL I 90 16.60 34.70 12.09
CA VAL I 90 17.84 35.07 12.78
C VAL I 90 17.66 34.74 14.28
N ALA I 91 16.53 35.20 14.90
CA ALA I 91 16.20 34.93 16.30
C ALA I 91 16.19 33.41 16.60
N PHE I 92 15.63 32.59 15.67
CA PHE I 92 15.63 31.12 15.74
C PHE I 92 17.07 30.55 15.82
N PHE I 93 17.99 31.02 14.93
CA PHE I 93 19.38 30.55 14.94
C PHE I 93 20.07 30.95 16.27
N SER I 94 19.87 32.22 16.71
CA SER I 94 20.39 32.78 17.96
C SER I 94 19.90 31.95 19.14
N PHE I 95 18.61 31.57 19.14
CA PHE I 95 17.98 30.74 20.17
C PHE I 95 18.69 29.37 20.29
N GLY I 96 18.93 28.71 19.15
CA GLY I 96 19.68 27.46 19.10
C GLY I 96 21.08 27.62 19.64
N GLY I 97 21.76 28.70 19.23
CA GLY I 97 23.11 29.05 19.71
C GLY I 97 23.17 29.27 21.21
N ALA I 98 22.20 30.03 21.78
CA ALA I 98 22.12 30.25 23.23
C ALA I 98 21.87 28.94 23.97
N LEU I 99 21.02 28.04 23.42
CA LEU I 99 20.74 26.75 24.03
C LEU I 99 21.99 25.90 24.08
N CYS I 100 22.86 25.97 23.02
CA CYS I 100 24.11 25.21 22.94
C CYS I 100 25.08 25.69 23.98
N VAL I 101 25.22 27.03 24.12
CA VAL I 101 26.12 27.67 25.08
C VAL I 101 25.71 27.27 26.50
N GLU I 102 24.39 27.40 26.80
CA GLU I 102 23.80 27.03 28.09
C GLU I 102 24.05 25.56 28.40
N SER I 103 23.91 24.66 27.40
CA SER I 103 24.15 23.21 27.53
C SER I 103 25.59 22.92 27.96
N VAL I 104 26.57 23.60 27.34
CA VAL I 104 27.99 23.42 27.67
C VAL I 104 28.26 24.00 29.07
N ASP I 105 27.66 25.18 29.37
CA ASP I 105 27.80 25.82 30.68
C ASP I 105 27.35 24.86 31.78
N LYS I 106 26.21 24.15 31.55
CA LYS I 106 25.64 23.20 32.51
C LYS I 106 26.24 21.79 32.40
N GLU I 107 27.36 21.61 31.66
CA GLU I 107 28.08 20.35 31.46
C GLU I 107 27.17 19.25 30.87
N MET I 108 26.41 19.61 29.84
CA MET I 108 25.50 18.75 29.08
C MET I 108 25.83 18.91 27.60
N GLN I 109 27.14 18.80 27.28
CA GLN I 109 27.75 18.91 25.95
C GLN I 109 27.04 18.02 24.91
N VAL I 110 26.52 16.86 25.35
CA VAL I 110 25.78 15.90 24.53
C VAL I 110 24.57 16.50 23.83
N LEU I 111 23.94 17.53 24.42
CA LEU I 111 22.78 18.19 23.85
C LEU I 111 23.08 19.04 22.62
N VAL I 112 24.34 19.48 22.42
CA VAL I 112 24.77 20.36 21.31
C VAL I 112 24.44 19.75 19.93
N SER I 113 24.83 18.48 19.69
CA SER I 113 24.57 17.73 18.44
C SER I 113 23.07 17.58 18.23
N ARG I 114 22.32 17.37 19.33
CA ARG I 114 20.87 17.21 19.36
C ARG I 114 20.20 18.51 18.96
N ILE I 115 20.64 19.64 19.55
CA ILE I 115 20.16 20.99 19.24
C ILE I 115 20.38 21.28 17.74
N ALA I 116 21.60 21.01 17.22
CA ALA I 116 21.93 21.21 15.80
C ALA I 116 20.97 20.40 14.91
N ALA I 117 20.77 19.13 15.27
CA ALA I 117 19.85 18.22 14.57
C ALA I 117 18.39 18.73 14.64
N TRP I 118 17.97 19.25 15.83
CA TRP I 118 16.64 19.87 16.09
C TRP I 118 16.39 21.08 15.20
N MET I 119 17.43 21.92 15.09
CA MET I 119 17.40 23.13 14.27
C MET I 119 17.29 22.69 12.83
N ALA I 120 18.10 21.67 12.41
CA ALA I 120 18.07 21.17 11.04
C ALA I 120 16.69 20.58 10.72
N THR I 121 16.09 19.87 11.68
CA THR I 121 14.74 19.27 11.57
C THR I 121 13.64 20.35 11.45
N TYR I 122 13.68 21.41 12.32
CA TYR I 122 12.72 22.52 12.30
C TYR I 122 12.78 23.24 10.97
N LEU I 123 14.01 23.57 10.50
CA LEU I 123 14.21 24.21 9.20
C LEU I 123 13.57 23.39 8.06
N ASN I 124 13.81 22.05 8.05
CA ASN I 124 13.30 21.09 7.04
C ASN I 124 11.75 20.91 7.06
N ASP I 125 11.19 20.85 8.24
CA ASP I 125 9.76 20.70 8.43
C ASP I 125 8.94 22.00 8.32
N HIS I 126 9.49 23.15 8.67
CA HIS I 126 8.71 24.40 8.74
C HIS I 126 9.17 25.59 7.90
N LEU I 127 10.50 25.78 7.74
CA LEU I 127 10.98 27.03 7.15
C LEU I 127 11.39 26.98 5.68
N GLU I 128 11.73 25.76 5.15
CA GLU I 128 12.16 25.55 3.76
C GLU I 128 11.16 26.14 2.78
N PRO I 129 9.83 25.88 2.90
CA PRO I 129 8.91 26.47 1.91
C PRO I 129 8.94 28.00 1.90
N TRP I 130 8.96 28.65 3.08
CA TRP I 130 9.01 30.11 3.16
C TRP I 130 10.32 30.68 2.60
N ILE I 131 11.48 30.05 2.91
CA ILE I 131 12.79 30.48 2.42
C ILE I 131 12.81 30.54 0.88
N GLN I 132 12.32 29.44 0.23
CA GLN I 132 12.24 29.32 -1.22
C GLN I 132 11.29 30.37 -1.82
N GLU I 133 10.13 30.58 -1.17
CA GLU I 133 9.10 31.54 -1.60
C GLU I 133 9.59 32.98 -1.53
N ASN I 134 10.57 33.27 -0.66
CA ASN I 134 11.06 34.63 -0.40
C ASN I 134 12.49 34.92 -0.91
N GLY I 135 12.86 34.27 -2.00
CA GLY I 135 14.14 34.51 -2.66
C GLY I 135 15.36 33.74 -2.18
N GLY I 136 15.18 32.84 -1.21
CA GLY I 136 16.28 32.02 -0.70
C GLY I 136 17.26 32.80 0.16
N TRP I 137 18.29 32.11 0.63
CA TRP I 137 19.35 32.69 1.46
C TRP I 137 20.13 33.82 0.78
N ASP I 138 20.16 33.84 -0.56
CA ASP I 138 20.81 34.89 -1.37
C ASP I 138 20.14 36.25 -1.15
N THR I 139 18.79 36.24 -1.02
CA THR I 139 17.98 37.44 -0.76
C THR I 139 18.27 37.92 0.67
N PHE I 140 18.42 36.99 1.63
CA PHE I 140 18.74 37.35 3.00
C PHE I 140 20.09 38.13 3.03
N VAL I 141 21.11 37.63 2.30
CA VAL I 141 22.45 38.24 2.21
C VAL I 141 22.34 39.65 1.61
N GLU I 142 21.53 39.83 0.56
CA GLU I 142 21.34 41.13 -0.08
C GLU I 142 20.60 42.09 0.89
N LEU I 143 19.55 41.60 1.58
CA LEU I 143 18.78 42.39 2.55
C LEU I 143 19.63 42.80 3.77
N TYR I 144 20.44 41.87 4.31
CA TYR I 144 21.27 42.16 5.47
C TYR I 144 22.43 43.11 5.13
N GLY I 145 23.06 42.91 3.97
CA GLY I 145 24.16 43.74 3.47
C GLY I 145 23.70 44.91 2.63
N GLY J 1 9.49 18.66 5.04
CA GLY J 1 9.44 18.17 3.66
C GLY J 1 10.57 17.21 3.34
N PRO J 2 10.70 16.65 2.11
CA PRO J 2 11.80 15.70 1.85
C PRO J 2 13.22 16.30 1.95
N LEU J 3 14.21 15.42 2.23
CA LEU J 3 15.61 15.79 2.42
C LEU J 3 16.34 15.94 1.10
N GLY J 4 16.16 17.12 0.49
CA GLY J 4 16.78 17.53 -0.76
C GLY J 4 18.03 18.35 -0.51
N SER J 5 18.51 19.04 -1.54
CA SER J 5 19.75 19.80 -1.41
C SER J 5 19.60 20.99 -0.46
N MET J 6 18.40 21.64 -0.37
CA MET J 6 18.23 22.71 0.65
C MET J 6 18.48 22.21 2.10
N SER J 7 17.97 20.99 2.48
CA SER J 7 18.11 20.43 3.84
C SER J 7 19.58 20.26 4.25
N GLN J 8 20.39 19.87 3.27
CA GLN J 8 21.81 19.62 3.37
C GLN J 8 22.59 20.90 3.60
N SER J 9 22.31 21.95 2.82
CA SER J 9 22.93 23.25 2.93
C SER J 9 22.42 23.98 4.20
N ASN J 10 21.15 23.73 4.60
CA ASN J 10 20.59 24.31 5.83
C ASN J 10 21.27 23.72 7.07
N ARG J 11 21.58 22.41 7.03
CA ARG J 11 22.32 21.74 8.10
C ARG J 11 23.75 22.36 8.22
N GLU J 12 24.37 22.65 7.06
CA GLU J 12 25.69 23.25 6.97
C GLU J 12 25.71 24.65 7.61
N LEU J 13 24.65 25.43 7.37
CA LEU J 13 24.43 26.74 7.96
C LEU J 13 24.24 26.64 9.47
N VAL J 14 23.46 25.63 9.93
CA VAL J 14 23.24 25.40 11.36
C VAL J 14 24.59 25.09 12.03
N VAL J 15 25.39 24.18 11.47
CA VAL J 15 26.67 23.76 12.02
C VAL J 15 27.63 24.95 12.05
N ASP J 16 27.68 25.73 10.97
CA ASP J 16 28.54 26.91 10.92
C ASP J 16 28.15 27.93 12.00
N PHE J 17 26.85 28.21 12.13
CA PHE J 17 26.36 29.21 13.08
C PHE J 17 26.61 28.79 14.52
N LEU J 18 26.34 27.52 14.84
CA LEU J 18 26.57 26.98 16.18
C LEU J 18 28.04 26.97 16.51
N SER J 19 28.91 26.62 15.55
CA SER J 19 30.36 26.63 15.73
C SER J 19 30.81 28.04 16.10
N TYR J 20 30.26 29.06 15.43
CA TYR J 20 30.57 30.45 15.71
C TYR J 20 30.15 30.86 17.13
N LYS J 21 28.90 30.56 17.52
CA LYS J 21 28.37 30.92 18.85
C LYS J 21 29.12 30.25 19.97
N LEU J 22 29.49 28.97 19.78
CA LEU J 22 30.28 28.23 20.78
C LEU J 22 31.66 28.84 20.91
N SER J 23 32.32 29.15 19.76
CA SER J 23 33.66 29.76 19.75
C SER J 23 33.73 31.12 20.47
N GLN J 24 32.63 31.91 20.43
CA GLN J 24 32.58 33.22 21.09
C GLN J 24 32.66 33.08 22.61
N LYS J 25 32.30 31.90 23.14
CA LYS J 25 32.30 31.64 24.58
C LYS J 25 33.48 30.73 24.99
N GLY J 26 34.40 30.50 24.06
CA GLY J 26 35.58 29.67 24.31
C GLY J 26 35.33 28.17 24.15
N TYR J 27 34.19 27.79 23.56
CA TYR J 27 33.81 26.39 23.32
C TYR J 27 33.99 26.07 21.84
N SER J 28 33.93 24.78 21.48
CA SER J 28 34.04 24.40 20.08
C SER J 28 33.06 23.33 19.69
N TRP J 29 32.57 23.38 18.45
CA TRP J 29 31.64 22.42 17.87
C TRP J 29 32.33 21.05 17.73
N SER J 30 33.61 21.07 17.30
CA SER J 30 34.39 19.85 17.10
C SER J 30 35.86 20.20 17.19
N GLN J 31 36.74 19.18 17.15
CA GLN J 31 38.19 19.31 17.13
C GLN J 31 38.66 20.10 15.91
N MET J 32 38.04 19.85 14.72
CA MET J 32 38.37 20.54 13.48
C MET J 32 38.01 22.03 13.60
N ALA J 33 36.81 22.32 14.17
CA ALA J 33 36.33 23.68 14.37
C ALA J 33 37.22 24.43 15.38
N ALA J 34 37.84 23.68 16.33
CA ALA J 34 38.78 24.25 17.31
C ALA J 34 40.06 24.65 16.58
N VAL J 35 40.54 23.77 15.65
CA VAL J 35 41.75 24.01 14.85
C VAL J 35 41.59 25.26 13.96
N LYS J 36 40.47 25.37 13.27
CA LYS J 36 40.18 26.45 12.33
C LYS J 36 40.16 27.75 13.02
N GLN J 37 39.51 27.78 14.22
CA GLN J 37 39.33 28.95 15.08
C GLN J 37 40.62 29.46 15.64
N ALA J 38 41.45 28.57 16.18
CA ALA J 38 42.78 28.84 16.74
C ALA J 38 43.64 29.47 15.65
N LEU J 39 43.56 28.93 14.38
CA LEU J 39 44.27 29.44 13.21
C LEU J 39 43.74 30.83 12.77
N ARG J 40 42.40 31.01 12.77
CA ARG J 40 41.79 32.30 12.46
C ARG J 40 42.33 33.35 13.45
N GLU J 41 42.28 33.04 14.76
CA GLU J 41 42.71 33.93 15.84
C GLU J 41 44.22 34.15 15.83
N ALA J 42 45.02 33.08 15.57
CA ALA J 42 46.48 33.19 15.48
C ALA J 42 46.85 34.10 14.30
N GLY J 43 46.13 33.97 13.19
CA GLY J 43 46.30 34.80 12.01
C GLY J 43 46.07 36.27 12.31
N ASP J 44 45.00 36.59 13.06
CA ASP J 44 44.68 37.96 13.50
C ASP J 44 45.77 38.50 14.41
N GLU J 45 46.23 37.68 15.39
CA GLU J 45 47.26 38.06 16.37
C GLU J 45 48.57 38.36 15.65
N PHE J 46 48.94 37.48 14.69
CA PHE J 46 50.15 37.64 13.89
C PHE J 46 50.12 38.93 13.08
N GLU J 47 49.03 39.16 12.34
CA GLU J 47 48.81 40.33 11.49
C GLU J 47 48.81 41.65 12.29
N LEU J 48 48.42 41.59 13.55
CA LEU J 48 48.41 42.72 14.46
C LEU J 48 49.83 42.97 15.01
N ARG J 49 50.49 41.90 15.55
CA ARG J 49 51.84 41.93 16.13
C ARG J 49 52.98 42.15 15.12
N TYR J 50 52.79 41.78 13.84
CA TYR J 50 53.83 41.92 12.82
C TYR J 50 53.32 42.63 11.56
N ARG J 51 52.43 43.61 11.72
CA ARG J 51 51.82 44.36 10.63
C ARG J 51 52.81 44.80 9.55
N ARG J 52 53.86 45.50 10.00
CA ARG J 52 54.96 46.03 9.20
C ARG J 52 55.64 44.88 8.47
N ALA J 53 56.34 43.99 9.21
CA ALA J 53 57.05 42.83 8.64
C ALA J 53 56.19 41.94 7.72
N PHE J 54 54.90 41.77 8.05
CA PHE J 54 53.95 41.00 7.25
C PHE J 54 53.66 41.68 5.90
N SER J 55 53.65 43.03 5.87
CA SER J 55 53.47 43.86 4.68
C SER J 55 54.69 43.72 3.73
N ASP J 56 55.91 43.58 4.31
CA ASP J 56 57.16 43.35 3.56
C ASP J 56 57.13 42.01 2.86
N LEU J 57 56.49 41.00 3.49
CA LEU J 57 56.36 39.67 2.91
C LEU J 57 55.43 39.69 1.70
N THR J 58 54.22 40.29 1.84
CA THR J 58 53.20 40.37 0.77
C THR J 58 53.69 41.16 -0.48
N SER J 59 54.53 42.19 -0.24
CA SER J 59 55.14 43.02 -1.28
C SER J 59 56.17 42.25 -2.15
N GLN J 60 56.67 41.10 -1.64
CA GLN J 60 57.66 40.25 -2.33
C GLN J 60 57.10 39.51 -3.54
N LEU J 61 55.76 39.33 -3.59
CA LEU J 61 55.14 38.60 -4.68
C LEU J 61 54.20 39.50 -5.50
N HIS J 62 54.67 39.80 -6.73
CA HIS J 62 54.04 40.59 -7.78
C HIS J 62 53.13 39.63 -8.57
N ILE J 63 51.95 39.34 -7.98
CA ILE J 63 50.95 38.40 -8.51
C ILE J 63 50.28 38.96 -9.78
N THR J 64 50.22 38.13 -10.85
CA THR J 64 49.62 38.49 -12.13
C THR J 64 48.78 37.30 -12.64
N PRO J 65 47.83 37.46 -13.59
CA PRO J 65 47.10 36.28 -14.09
C PRO J 65 47.97 35.21 -14.76
N GLY J 66 49.25 35.52 -14.98
CA GLY J 66 50.23 34.60 -15.53
C GLY J 66 51.14 33.92 -14.51
N THR J 67 50.99 34.28 -13.21
CA THR J 67 51.81 33.71 -12.13
C THR J 67 51.51 32.22 -11.94
N ALA J 68 52.56 31.41 -11.92
CA ALA J 68 52.46 29.98 -11.61
C ALA J 68 53.01 29.76 -10.20
N TYR J 69 52.85 28.54 -9.71
CA TYR J 69 53.20 28.07 -8.37
C TYR J 69 54.66 28.32 -7.90
N GLN J 70 55.64 28.02 -8.75
CA GLN J 70 57.04 28.11 -8.34
C GLN J 70 57.45 29.53 -7.88
N SER J 71 56.78 30.61 -8.37
CA SER J 71 57.04 31.99 -7.90
C SER J 71 56.56 32.16 -6.45
N PHE J 72 55.40 31.52 -6.13
CA PHE J 72 54.81 31.51 -4.79
C PHE J 72 55.71 30.67 -3.87
N GLU J 73 56.12 29.49 -4.37
CA GLU J 73 56.98 28.56 -3.65
C GLU J 73 58.32 29.19 -3.26
N GLN J 74 58.94 29.97 -4.18
CA GLN J 74 60.21 30.67 -3.95
C GLN J 74 60.11 31.61 -2.73
N VAL J 75 59.07 32.46 -2.69
CA VAL J 75 58.81 33.41 -1.61
C VAL J 75 58.53 32.70 -0.26
N VAL J 76 57.64 31.69 -0.27
CA VAL J 76 57.26 30.90 0.91
C VAL J 76 58.45 30.07 1.45
N ASN J 77 59.40 29.66 0.56
CA ASN J 77 60.61 28.93 0.97
C ASN J 77 61.50 29.81 1.84
N GLU J 78 61.55 31.12 1.53
CA GLU J 78 62.32 32.12 2.26
C GLU J 78 61.80 32.28 3.68
N LEU J 79 60.47 32.13 3.85
CA LEU J 79 59.78 32.21 5.12
C LEU J 79 60.19 31.04 6.06
N PHE J 80 60.52 29.88 5.48
CA PHE J 80 60.93 28.70 6.23
C PHE J 80 62.43 28.40 6.09
N ARG J 81 63.22 29.44 5.69
CA ARG J 81 64.68 29.38 5.50
C ARG J 81 65.41 28.78 6.71
N ASP J 82 65.04 29.22 7.94
CA ASP J 82 65.67 28.75 9.19
C ASP J 82 64.90 27.58 9.85
N GLY J 83 64.00 26.95 9.09
CA GLY J 83 63.22 25.82 9.58
C GLY J 83 61.76 26.11 9.80
N VAL J 84 60.99 25.07 10.14
CA VAL J 84 59.55 25.17 10.40
C VAL J 84 59.26 25.28 11.89
N ASN J 85 58.25 26.09 12.24
CA ASN J 85 57.67 26.26 13.56
C ASN J 85 56.22 26.71 13.38
N TRP J 86 55.41 26.65 14.44
CA TRP J 86 54.01 27.01 14.34
C TRP J 86 53.77 28.47 13.91
N GLY J 87 54.61 29.39 14.40
CA GLY J 87 54.52 30.81 14.09
C GLY J 87 54.72 31.11 12.61
N ARG J 88 55.66 30.39 11.98
CA ARG J 88 55.97 30.52 10.56
C ARG J 88 54.84 29.92 9.71
N ILE J 89 54.15 28.88 10.23
CA ILE J 89 53.01 28.23 9.57
C ILE J 89 51.86 29.24 9.55
N VAL J 90 51.67 29.98 10.68
CA VAL J 90 50.66 31.03 10.84
C VAL J 90 50.94 32.13 9.82
N ALA J 91 52.21 32.57 9.73
CA ALA J 91 52.66 33.58 8.77
C ALA J 91 52.31 33.17 7.33
N PHE J 92 52.56 31.89 6.98
CA PHE J 92 52.25 31.30 5.68
C PHE J 92 50.76 31.44 5.34
N PHE J 93 49.86 31.09 6.28
CA PHE J 93 48.42 31.18 6.07
C PHE J 93 48.00 32.64 5.85
N SER J 94 48.50 33.57 6.72
CA SER J 94 48.27 35.01 6.66
C SER J 94 48.71 35.57 5.30
N PHE J 95 49.89 35.13 4.81
CA PHE J 95 50.43 35.52 3.50
C PHE J 95 49.46 35.15 2.36
N GLY J 96 48.96 33.92 2.36
CA GLY J 96 47.98 33.46 1.37
C GLY J 96 46.69 34.29 1.38
N GLY J 97 46.16 34.52 2.57
CA GLY J 97 44.98 35.35 2.78
C GLY J 97 45.18 36.74 2.23
N ALA J 98 46.30 37.42 2.63
CA ALA J 98 46.60 38.76 2.11
C ALA J 98 46.76 38.78 0.58
N LEU J 99 47.32 37.72 -0.01
CA LEU J 99 47.44 37.61 -1.46
C LEU J 99 46.08 37.49 -2.15
N CYS J 100 45.12 36.81 -1.50
CA CYS J 100 43.76 36.66 -2.00
C CYS J 100 43.04 38.00 -1.95
N VAL J 101 43.17 38.73 -0.82
CA VAL J 101 42.57 40.05 -0.61
C VAL J 101 43.09 41.02 -1.68
N GLU J 102 44.43 41.05 -1.88
CA GLU J 102 45.10 41.89 -2.88
C GLU J 102 44.60 41.56 -4.30
N SER J 103 44.42 40.27 -4.60
CA SER J 103 43.92 39.80 -5.92
C SER J 103 42.52 40.34 -6.19
N VAL J 104 41.62 40.31 -5.18
CA VAL J 104 40.25 40.82 -5.31
C VAL J 104 40.26 42.34 -5.41
N ASP J 105 41.14 43.01 -4.61
CA ASP J 105 41.32 44.47 -4.67
C ASP J 105 41.62 44.92 -6.11
N LYS J 106 42.53 44.19 -6.80
CA LYS J 106 42.83 44.43 -8.22
C LYS J 106 41.77 43.65 -9.05
N GLU J 107 41.78 43.77 -10.38
CA GLU J 107 40.79 43.01 -11.16
C GLU J 107 41.33 41.60 -11.47
N MET J 108 41.70 40.87 -10.39
CA MET J 108 42.34 39.56 -10.41
C MET J 108 41.67 38.50 -9.51
N GLN J 109 40.33 38.40 -9.55
CA GLN J 109 39.50 37.45 -8.78
C GLN J 109 39.83 35.97 -9.08
N VAL J 110 40.21 35.69 -10.35
CA VAL J 110 40.56 34.35 -10.84
C VAL J 110 41.75 33.72 -10.06
N LEU J 111 42.63 34.55 -9.50
CA LEU J 111 43.80 34.10 -8.75
C LEU J 111 43.49 33.47 -7.39
N VAL J 112 42.27 33.71 -6.82
CA VAL J 112 41.87 33.22 -5.47
C VAL J 112 41.85 31.68 -5.39
N SER J 113 41.32 31.01 -6.42
CA SER J 113 41.27 29.54 -6.50
C SER J 113 42.69 28.99 -6.68
N ARG J 114 43.47 29.70 -7.48
CA ARG J 114 44.85 29.35 -7.81
C ARG J 114 45.71 29.44 -6.54
N ILE J 115 45.52 30.49 -5.72
CA ILE J 115 46.27 30.63 -4.47
C ILE J 115 45.95 29.47 -3.54
N ALA J 116 44.64 29.18 -3.39
CA ALA J 116 44.14 28.11 -2.55
C ALA J 116 44.82 26.79 -2.90
N ALA J 117 44.99 26.50 -4.20
CA ALA J 117 45.65 25.28 -4.68
C ALA J 117 47.13 25.28 -4.36
N TRP J 118 47.79 26.45 -4.50
CA TRP J 118 49.22 26.62 -4.19
C TRP J 118 49.49 26.34 -2.74
N MET J 119 48.66 26.87 -1.84
CA MET J 119 48.79 26.71 -0.40
C MET J 119 48.66 25.26 -0.01
N ALA J 120 47.65 24.54 -0.56
CA ALA J 120 47.46 23.10 -0.31
C ALA J 120 48.69 22.29 -0.79
N THR J 121 49.25 22.62 -1.98
CA THR J 121 50.43 21.94 -2.51
C THR J 121 51.64 22.21 -1.59
N TYR J 122 51.84 23.48 -1.16
CA TYR J 122 52.95 23.79 -0.29
C TYR J 122 52.85 23.06 1.04
N LEU J 123 51.65 23.07 1.65
CA LEU J 123 51.38 22.38 2.91
C LEU J 123 51.72 20.91 2.81
N ASN J 124 51.19 20.21 1.79
CA ASN J 124 51.44 18.78 1.59
C ASN J 124 52.90 18.44 1.30
N ASP J 125 53.56 19.22 0.41
CA ASP J 125 54.95 18.98 0.01
C ASP J 125 55.95 19.30 1.10
N HIS J 126 55.77 20.41 1.83
CA HIS J 126 56.78 20.89 2.78
C HIS J 126 56.44 20.90 4.27
N LEU J 127 55.18 21.18 4.64
CA LEU J 127 54.83 21.36 6.05
C LEU J 127 54.19 20.18 6.76
N GLU J 128 53.38 19.38 6.05
CA GLU J 128 52.68 18.23 6.63
C GLU J 128 53.61 17.21 7.34
N PRO J 129 54.81 16.84 6.81
CA PRO J 129 55.68 15.92 7.58
C PRO J 129 56.07 16.52 8.94
N TRP J 130 56.42 17.83 8.97
CA TRP J 130 56.78 18.51 10.22
C TRP J 130 55.58 18.58 11.17
N ILE J 131 54.36 18.87 10.64
CA ILE J 131 53.12 18.95 11.43
C ILE J 131 52.90 17.61 12.20
N GLN J 132 52.97 16.48 11.48
CA GLN J 132 52.81 15.13 12.06
C GLN J 132 53.90 14.81 13.09
N GLU J 133 55.16 15.20 12.81
CA GLU J 133 56.31 15.01 13.71
C GLU J 133 56.20 15.82 15.01
N ASN J 134 55.45 16.96 14.98
CA ASN J 134 55.32 17.90 16.10
C ASN J 134 53.94 17.93 16.78
N GLY J 135 53.26 16.78 16.80
CA GLY J 135 51.99 16.57 17.49
C GLY J 135 50.71 16.92 16.77
N GLY J 136 50.81 17.33 15.51
CA GLY J 136 49.65 17.68 14.70
C GLY J 136 48.97 18.97 15.07
N TRP J 137 47.86 19.27 14.39
CA TRP J 137 47.08 20.50 14.60
C TRP J 137 46.49 20.61 16.01
N ASP J 138 46.27 19.47 16.69
CA ASP J 138 45.77 19.40 18.07
C ASP J 138 46.79 20.00 19.05
N THR J 139 48.10 19.84 18.77
CA THR J 139 49.16 20.42 19.61
C THR J 139 49.19 21.92 19.40
N PHE J 140 48.98 22.38 18.15
CA PHE J 140 48.91 23.80 17.82
C PHE J 140 47.80 24.47 18.64
N VAL J 141 46.61 23.82 18.71
CA VAL J 141 45.44 24.30 19.47
C VAL J 141 45.75 24.39 20.96
N GLU J 142 46.42 23.37 21.52
CA GLU J 142 46.79 23.40 22.92
C GLU J 142 47.87 24.45 23.21
N LEU J 143 48.87 24.61 22.32
CA LEU J 143 49.91 25.63 22.45
C LEU J 143 49.37 27.05 22.33
N TYR J 144 48.47 27.30 21.37
CA TYR J 144 47.88 28.60 21.16
C TYR J 144 46.88 28.97 22.26
N SER K 5 -39.88 -1.92 -16.95
CA SER K 5 -39.33 -3.26 -17.14
C SER K 5 -40.07 -4.02 -18.23
N MET K 6 -41.43 -4.06 -18.14
CA MET K 6 -42.34 -4.70 -19.12
C MET K 6 -42.12 -4.07 -20.49
N SER K 7 -41.97 -2.72 -20.56
CA SER K 7 -41.69 -2.02 -21.82
C SER K 7 -40.34 -2.41 -22.33
N GLN K 8 -39.31 -2.50 -21.43
CA GLN K 8 -37.92 -2.81 -21.81
C GLN K 8 -37.75 -4.26 -22.31
N SER K 9 -38.44 -5.25 -21.69
CA SER K 9 -38.41 -6.66 -22.09
C SER K 9 -39.28 -6.87 -23.34
N ASN K 10 -40.33 -6.06 -23.51
CA ASN K 10 -41.18 -6.14 -24.69
C ASN K 10 -40.47 -5.54 -25.89
N ARG K 11 -39.73 -4.43 -25.68
CA ARG K 11 -38.93 -3.76 -26.71
C ARG K 11 -37.83 -4.72 -27.18
N GLU K 12 -37.21 -5.43 -26.23
CA GLU K 12 -36.16 -6.42 -26.51
C GLU K 12 -36.70 -7.55 -27.40
N LEU K 13 -37.91 -8.03 -27.10
CA LEU K 13 -38.60 -9.06 -27.88
C LEU K 13 -38.92 -8.56 -29.28
N VAL K 14 -39.42 -7.30 -29.39
CA VAL K 14 -39.75 -6.69 -30.68
C VAL K 14 -38.49 -6.62 -31.55
N VAL K 15 -37.40 -6.06 -31.00
CA VAL K 15 -36.13 -5.89 -31.68
C VAL K 15 -35.56 -7.25 -32.11
N ASP K 16 -35.56 -8.25 -31.18
CA ASP K 16 -35.06 -9.56 -31.54
C ASP K 16 -35.87 -10.19 -32.68
N PHE K 17 -37.22 -10.13 -32.59
CA PHE K 17 -38.05 -10.74 -33.61
C PHE K 17 -37.89 -10.07 -34.99
N LEU K 18 -37.88 -8.74 -35.02
CA LEU K 18 -37.73 -8.00 -36.27
C LEU K 18 -36.33 -8.22 -36.84
N SER K 19 -35.29 -8.30 -35.99
CA SER K 19 -33.91 -8.59 -36.45
C SER K 19 -33.87 -9.91 -37.15
N TYR K 20 -34.55 -10.92 -36.56
CA TYR K 20 -34.64 -12.26 -37.12
C TYR K 20 -35.34 -12.26 -38.48
N LYS K 21 -36.50 -11.63 -38.59
CA LYS K 21 -37.26 -11.60 -39.85
C LYS K 21 -36.54 -10.88 -40.95
N LEU K 22 -35.89 -9.77 -40.59
CA LEU K 22 -35.09 -9.00 -41.51
C LEU K 22 -33.93 -9.86 -42.05
N SER K 23 -33.18 -10.56 -41.15
CA SER K 23 -32.03 -11.43 -41.47
C SER K 23 -32.40 -12.58 -42.41
N GLN K 24 -33.62 -13.12 -42.29
CA GLN K 24 -34.08 -14.21 -43.16
C GLN K 24 -34.20 -13.79 -44.60
N LYS K 25 -34.33 -12.47 -44.86
CA LYS K 25 -34.46 -11.90 -46.22
C LYS K 25 -33.19 -11.21 -46.68
N GLY K 26 -32.12 -11.37 -45.91
CA GLY K 26 -30.82 -10.81 -46.21
C GLY K 26 -30.64 -9.37 -45.80
N TYR K 27 -31.54 -8.86 -44.95
CA TYR K 27 -31.53 -7.51 -44.43
C TYR K 27 -31.08 -7.55 -42.97
N SER K 28 -30.81 -6.38 -42.39
CA SER K 28 -30.42 -6.32 -41.00
C SER K 28 -31.03 -5.16 -40.27
N TRP K 29 -31.35 -5.38 -38.99
CA TRP K 29 -31.93 -4.38 -38.09
C TRP K 29 -30.88 -3.26 -37.83
N SER K 30 -29.60 -3.66 -37.70
CA SER K 30 -28.49 -2.76 -37.39
C SER K 30 -27.19 -3.41 -37.86
N GLN K 31 -26.06 -2.67 -37.93
CA GLN K 31 -24.78 -3.28 -38.36
C GLN K 31 -24.31 -4.32 -37.33
N MET K 32 -24.64 -4.16 -36.02
CA MET K 32 -24.32 -5.14 -34.99
C MET K 32 -25.10 -6.43 -35.26
N ALA K 33 -26.40 -6.30 -35.63
CA ALA K 33 -27.24 -7.45 -35.96
C ALA K 33 -26.67 -8.18 -37.19
N ALA K 34 -26.14 -7.43 -38.17
CA ALA K 34 -25.51 -7.99 -39.38
C ALA K 34 -24.26 -8.77 -39.04
N VAL K 35 -23.42 -8.24 -38.12
CA VAL K 35 -22.20 -8.90 -37.67
C VAL K 35 -22.56 -10.21 -36.97
N LYS K 36 -23.54 -10.15 -36.02
CA LYS K 36 -24.01 -11.32 -35.26
C LYS K 36 -24.49 -12.41 -36.22
N GLN K 37 -25.32 -12.04 -37.23
CA GLN K 37 -25.83 -13.01 -38.19
C GLN K 37 -24.72 -13.65 -39.05
N ALA K 38 -23.80 -12.82 -39.59
CA ALA K 38 -22.69 -13.31 -40.41
C ALA K 38 -21.80 -14.30 -39.64
N LEU K 39 -21.56 -14.01 -38.35
CA LEU K 39 -20.75 -14.82 -37.46
C LEU K 39 -21.45 -16.13 -37.12
N ARG K 40 -22.77 -16.09 -36.88
CA ARG K 40 -23.60 -17.28 -36.63
C ARG K 40 -23.49 -18.24 -37.82
N GLU K 41 -23.67 -17.71 -39.05
CA GLU K 41 -23.61 -18.49 -40.29
C GLU K 41 -22.22 -19.00 -40.59
N ALA K 42 -21.18 -18.14 -40.37
CA ALA K 42 -19.78 -18.52 -40.59
C ALA K 42 -19.37 -19.67 -39.65
N GLY K 43 -19.84 -19.62 -38.38
CA GLY K 43 -19.57 -20.68 -37.40
C GLY K 43 -20.18 -22.00 -37.84
N ASP K 44 -21.43 -21.97 -38.32
CA ASP K 44 -22.10 -23.16 -38.82
C ASP K 44 -21.32 -23.75 -39.99
N GLU K 45 -20.92 -22.87 -40.96
CA GLU K 45 -20.20 -23.27 -42.17
C GLU K 45 -18.86 -23.90 -41.81
N PHE K 46 -18.11 -23.27 -40.88
CA PHE K 46 -16.84 -23.77 -40.40
C PHE K 46 -16.98 -25.17 -39.72
N GLU K 47 -17.95 -25.33 -38.76
CA GLU K 47 -18.14 -26.63 -38.08
C GLU K 47 -18.53 -27.75 -39.07
N LEU K 48 -19.26 -27.38 -40.14
CA LEU K 48 -19.66 -28.32 -41.15
C LEU K 48 -18.46 -28.73 -42.03
N ARG K 49 -17.68 -27.74 -42.51
CA ARG K 49 -16.53 -28.00 -43.38
C ARG K 49 -15.35 -28.66 -42.67
N TYR K 50 -15.14 -28.33 -41.38
CA TYR K 50 -14.00 -28.83 -40.61
C TYR K 50 -14.43 -29.62 -39.38
N ARG K 51 -15.50 -30.41 -39.52
CA ARG K 51 -16.06 -31.23 -38.43
C ARG K 51 -15.01 -32.04 -37.65
N ARG K 52 -14.30 -32.96 -38.37
CA ARG K 52 -13.33 -33.89 -37.80
C ARG K 52 -12.07 -33.21 -37.26
N ALA K 53 -11.49 -32.25 -38.01
CA ALA K 53 -10.27 -31.54 -37.59
C ALA K 53 -10.53 -30.61 -36.40
N PHE K 54 -11.74 -30.03 -36.32
CA PHE K 54 -12.20 -29.18 -35.22
C PHE K 54 -12.49 -30.05 -33.99
N SER K 55 -12.85 -31.33 -34.21
CA SER K 55 -13.11 -32.31 -33.16
C SER K 55 -11.79 -32.64 -32.40
N ASP K 56 -10.63 -32.46 -33.10
CA ASP K 56 -9.27 -32.64 -32.57
C ASP K 56 -8.80 -31.39 -31.80
N LEU K 57 -9.26 -30.20 -32.22
CA LEU K 57 -8.96 -28.92 -31.55
C LEU K 57 -9.70 -28.86 -30.21
N THR K 58 -11.02 -29.14 -30.20
CA THR K 58 -11.88 -29.11 -28.99
C THR K 58 -11.41 -30.11 -27.92
N SER K 59 -10.85 -31.27 -28.33
CA SER K 59 -10.30 -32.29 -27.44
C SER K 59 -9.02 -31.82 -26.70
N GLN K 60 -8.35 -30.76 -27.21
CA GLN K 60 -7.13 -30.17 -26.63
C GLN K 60 -7.34 -29.48 -25.27
N LEU K 61 -8.59 -29.09 -24.97
CA LEU K 61 -8.91 -28.40 -23.73
C LEU K 61 -10.21 -28.90 -23.12
N HIS K 62 -10.11 -29.51 -21.95
CA HIS K 62 -11.27 -29.95 -21.17
C HIS K 62 -11.23 -29.16 -19.90
N ILE K 63 -12.03 -28.08 -19.87
CA ILE K 63 -12.15 -27.13 -18.80
C ILE K 63 -12.49 -27.78 -17.46
N THR K 64 -11.78 -27.35 -16.41
CA THR K 64 -11.98 -27.81 -15.03
C THR K 64 -12.27 -26.54 -14.20
N PRO K 65 -12.84 -26.62 -12.96
CA PRO K 65 -13.08 -25.38 -12.21
C PRO K 65 -11.80 -24.61 -11.85
N GLY K 66 -10.66 -25.24 -12.06
CA GLY K 66 -9.34 -24.67 -11.81
C GLY K 66 -8.63 -24.10 -13.02
N THR K 67 -9.20 -24.27 -14.24
CA THR K 67 -8.63 -23.79 -15.49
C THR K 67 -8.56 -22.26 -15.49
N ALA K 68 -7.35 -21.75 -15.78
CA ALA K 68 -7.01 -20.32 -15.87
C ALA K 68 -7.07 -19.83 -17.32
N TYR K 69 -7.18 -18.49 -17.52
CA TYR K 69 -7.21 -17.82 -18.83
C TYR K 69 -6.00 -18.19 -19.68
N GLN K 70 -4.83 -18.36 -19.03
CA GLN K 70 -3.54 -18.72 -19.62
C GLN K 70 -3.60 -20.05 -20.38
N SER K 71 -4.32 -21.06 -19.83
CA SER K 71 -4.47 -22.36 -20.50
C SER K 71 -5.32 -22.26 -21.77
N PHE K 72 -6.39 -21.44 -21.72
CA PHE K 72 -7.29 -21.17 -22.85
C PHE K 72 -6.47 -20.41 -23.88
N GLU K 73 -5.81 -19.32 -23.44
CA GLU K 73 -4.96 -18.44 -24.24
C GLU K 73 -3.90 -19.23 -24.99
N GLN K 74 -3.22 -20.21 -24.34
CA GLN K 74 -2.23 -21.01 -25.07
C GLN K 74 -2.88 -21.80 -26.21
N VAL K 75 -3.98 -22.57 -25.95
CA VAL K 75 -4.68 -23.35 -26.99
C VAL K 75 -5.07 -22.43 -28.16
N VAL K 76 -5.71 -21.27 -27.85
CA VAL K 76 -6.15 -20.27 -28.83
C VAL K 76 -4.95 -19.66 -29.60
N ASN K 77 -3.81 -19.43 -28.91
CA ASN K 77 -2.58 -18.91 -29.53
C ASN K 77 -2.06 -19.84 -30.62
N GLU K 78 -2.18 -21.17 -30.38
CA GLU K 78 -1.76 -22.21 -31.33
C GLU K 78 -2.56 -22.12 -32.61
N LEU K 79 -3.84 -21.75 -32.48
CA LEU K 79 -4.79 -21.54 -33.59
C LEU K 79 -4.33 -20.36 -34.47
N PHE K 80 -3.73 -19.31 -33.84
CA PHE K 80 -3.19 -18.13 -34.52
C PHE K 80 -1.65 -18.16 -34.64
N ARG K 81 -1.02 -19.37 -34.63
CA ARG K 81 0.44 -19.56 -34.71
C ARG K 81 1.05 -18.94 -35.96
N ASP K 82 0.40 -19.12 -37.12
CA ASP K 82 0.86 -18.59 -38.41
C ASP K 82 0.24 -17.23 -38.76
N GLY K 83 -0.34 -16.56 -37.76
CA GLY K 83 -0.96 -15.25 -37.93
C GLY K 83 -2.48 -15.26 -37.83
N VAL K 84 -3.05 -14.05 -37.81
CA VAL K 84 -4.49 -13.85 -37.68
C VAL K 84 -5.10 -13.63 -39.08
N ASN K 85 -6.28 -14.21 -39.26
CA ASN K 85 -7.15 -14.03 -40.42
C ASN K 85 -8.59 -14.23 -39.94
N TRP K 86 -9.57 -13.85 -40.77
CA TRP K 86 -10.97 -13.99 -40.40
C TRP K 86 -11.40 -15.43 -40.14
N GLY K 87 -10.89 -16.38 -40.94
CA GLY K 87 -11.19 -17.80 -40.81
C GLY K 87 -10.80 -18.39 -39.47
N ARG K 88 -9.63 -17.96 -38.98
CA ARG K 88 -9.08 -18.36 -37.68
C ARG K 88 -9.89 -17.74 -36.54
N ILE K 89 -10.41 -16.51 -36.74
CA ILE K 89 -11.27 -15.83 -35.77
C ILE K 89 -12.62 -16.59 -35.68
N VAL K 90 -13.16 -17.05 -36.83
CA VAL K 90 -14.39 -17.86 -36.87
C VAL K 90 -14.16 -19.14 -36.05
N ALA K 91 -13.01 -19.84 -36.30
CA ALA K 91 -12.62 -21.06 -35.61
C ALA K 91 -12.52 -20.83 -34.08
N PHE K 92 -11.99 -19.65 -33.66
CA PHE K 92 -11.90 -19.23 -32.26
C PHE K 92 -13.28 -19.16 -31.60
N PHE K 93 -14.26 -18.49 -32.27
CA PHE K 93 -15.64 -18.39 -31.76
C PHE K 93 -16.26 -19.79 -31.67
N SER K 94 -16.02 -20.63 -32.70
CA SER K 94 -16.53 -22.00 -32.80
C SER K 94 -15.98 -22.88 -31.70
N PHE K 95 -14.71 -22.68 -31.37
CA PHE K 95 -14.02 -23.34 -30.27
C PHE K 95 -14.68 -23.01 -28.92
N GLY K 96 -14.93 -21.71 -28.67
CA GLY K 96 -15.60 -21.23 -27.47
C GLY K 96 -17.00 -21.79 -27.34
N GLY K 97 -17.73 -21.81 -28.46
CA GLY K 97 -19.07 -22.38 -28.56
C GLY K 97 -19.11 -23.86 -28.21
N ALA K 98 -18.18 -24.64 -28.78
CA ALA K 98 -18.09 -26.07 -28.50
C ALA K 98 -17.76 -26.32 -27.03
N LEU K 99 -16.85 -25.51 -26.44
CA LEU K 99 -16.48 -25.65 -25.03
C LEU K 99 -17.72 -25.41 -24.15
N CYS K 100 -18.63 -24.53 -24.59
CA CYS K 100 -19.86 -24.24 -23.85
C CYS K 100 -20.88 -25.41 -23.90
N VAL K 101 -21.20 -25.98 -25.09
CA VAL K 101 -22.19 -27.06 -25.16
C VAL K 101 -21.72 -28.30 -24.40
N GLU K 102 -20.40 -28.61 -24.48
CA GLU K 102 -19.76 -29.73 -23.83
C GLU K 102 -19.75 -29.55 -22.31
N SER K 103 -19.68 -28.28 -21.83
CA SER K 103 -19.75 -27.92 -20.40
C SER K 103 -21.16 -28.28 -19.91
N VAL K 104 -22.21 -27.77 -20.62
CA VAL K 104 -23.64 -27.99 -20.32
C VAL K 104 -23.96 -29.50 -20.41
N ASP K 105 -23.43 -30.21 -21.44
CA ASP K 105 -23.60 -31.65 -21.58
C ASP K 105 -23.13 -32.39 -20.31
N LYS K 106 -21.97 -31.97 -19.76
CA LYS K 106 -21.38 -32.56 -18.54
C LYS K 106 -21.94 -31.96 -17.22
N GLU K 107 -23.04 -31.16 -17.32
CA GLU K 107 -23.74 -30.49 -16.21
C GLU K 107 -22.80 -29.57 -15.39
N MET K 108 -21.97 -28.79 -16.11
CA MET K 108 -21.03 -27.82 -15.57
C MET K 108 -21.27 -26.46 -16.25
N GLN K 109 -22.56 -26.04 -16.29
CA GLN K 109 -23.04 -24.76 -16.83
C GLN K 109 -22.22 -23.57 -16.27
N VAL K 110 -21.81 -23.64 -14.99
CA VAL K 110 -21.02 -22.61 -14.32
C VAL K 110 -19.78 -22.17 -15.13
N LEU K 111 -19.21 -23.09 -15.93
CA LEU K 111 -18.03 -22.82 -16.77
C LEU K 111 -18.30 -21.90 -17.98
N VAL K 112 -19.56 -21.85 -18.45
CA VAL K 112 -19.98 -21.06 -19.62
C VAL K 112 -19.62 -19.57 -19.47
N SER K 113 -20.04 -18.96 -18.33
CA SER K 113 -19.82 -17.56 -17.97
C SER K 113 -18.33 -17.15 -18.07
N ARG K 114 -17.40 -18.04 -17.62
CA ARG K 114 -15.95 -17.82 -17.65
C ARG K 114 -15.41 -17.89 -19.09
N ILE K 115 -15.82 -18.92 -19.87
CA ILE K 115 -15.43 -19.10 -21.27
C ILE K 115 -15.79 -17.80 -22.03
N ALA K 116 -17.02 -17.30 -21.80
CA ALA K 116 -17.48 -16.05 -22.42
C ALA K 116 -16.50 -14.92 -22.07
N ALA K 117 -16.11 -14.80 -20.76
CA ALA K 117 -15.17 -13.76 -20.31
C ALA K 117 -13.80 -13.89 -20.95
N TRP K 118 -13.27 -15.12 -21.07
CA TRP K 118 -11.98 -15.40 -21.69
C TRP K 118 -11.96 -15.09 -23.15
N MET K 119 -13.06 -15.44 -23.88
CA MET K 119 -13.20 -15.16 -25.31
C MET K 119 -13.12 -13.65 -25.52
N ALA K 120 -13.88 -12.89 -24.69
CA ALA K 120 -13.90 -11.42 -24.67
C ALA K 120 -12.51 -10.88 -24.30
N THR K 121 -11.81 -11.51 -23.32
CA THR K 121 -10.47 -11.09 -22.89
C THR K 121 -9.47 -11.30 -24.02
N TYR K 122 -9.56 -12.45 -24.72
CA TYR K 122 -8.69 -12.78 -25.86
C TYR K 122 -8.93 -11.84 -27.03
N LEU K 123 -10.21 -11.62 -27.40
CA LEU K 123 -10.55 -10.78 -28.56
C LEU K 123 -9.99 -9.36 -28.41
N ASN K 124 -10.12 -8.75 -27.23
CA ASN K 124 -9.63 -7.39 -27.03
C ASN K 124 -8.11 -7.30 -26.86
N ASP K 125 -7.46 -8.21 -26.10
CA ASP K 125 -6.00 -8.15 -25.94
C ASP K 125 -5.22 -8.66 -27.17
N HIS K 126 -5.81 -9.53 -28.04
CA HIS K 126 -5.09 -10.08 -29.20
C HIS K 126 -5.67 -9.79 -30.57
N LEU K 127 -6.99 -9.73 -30.68
CA LEU K 127 -7.60 -9.61 -32.00
C LEU K 127 -8.07 -8.20 -32.35
N GLU K 128 -8.48 -7.36 -31.38
CA GLU K 128 -8.94 -5.99 -31.66
C GLU K 128 -7.91 -5.18 -32.45
N PRO K 129 -6.57 -5.16 -32.12
CA PRO K 129 -5.63 -4.44 -32.99
C PRO K 129 -5.68 -4.95 -34.43
N TRP K 130 -5.72 -6.30 -34.62
CA TRP K 130 -5.84 -6.92 -35.95
C TRP K 130 -7.15 -6.56 -36.64
N ILE K 131 -8.29 -6.77 -35.97
CA ILE K 131 -9.65 -6.47 -36.46
C ILE K 131 -9.72 -5.00 -36.92
N GLN K 132 -9.28 -4.04 -36.05
CA GLN K 132 -9.24 -2.60 -36.33
C GLN K 132 -8.32 -2.24 -37.52
N GLU K 133 -7.19 -2.98 -37.71
CA GLU K 133 -6.25 -2.76 -38.83
C GLU K 133 -6.75 -3.37 -40.14
N ASN K 134 -7.67 -4.34 -40.06
CA ASN K 134 -8.18 -5.07 -41.22
C ASN K 134 -9.65 -4.76 -41.60
N GLY K 135 -10.07 -3.52 -41.37
CA GLY K 135 -11.39 -3.00 -41.73
C GLY K 135 -12.55 -3.22 -40.79
N GLY K 136 -12.28 -3.82 -39.62
CA GLY K 136 -13.31 -4.08 -38.62
C GLY K 136 -14.28 -5.18 -39.00
N TRP K 137 -15.28 -5.40 -38.14
CA TRP K 137 -16.31 -6.41 -38.32
C TRP K 137 -17.16 -6.21 -39.57
N ASP K 138 -17.28 -4.95 -40.05
CA ASP K 138 -18.02 -4.62 -41.28
C ASP K 138 -17.34 -5.23 -42.54
N THR K 139 -15.99 -5.32 -42.53
CA THR K 139 -15.22 -5.93 -43.62
C THR K 139 -15.46 -7.43 -43.58
N PHE K 140 -15.52 -8.03 -42.36
CA PHE K 140 -15.80 -9.46 -42.20
C PHE K 140 -17.19 -9.79 -42.86
N VAL K 141 -18.21 -8.94 -42.59
CA VAL K 141 -19.56 -9.10 -43.13
C VAL K 141 -19.53 -9.04 -44.67
N GLU K 142 -18.78 -8.07 -45.25
CA GLU K 142 -18.68 -7.98 -46.69
C GLU K 142 -17.90 -9.15 -47.31
N LEU K 143 -16.82 -9.60 -46.65
CA LEU K 143 -16.04 -10.75 -47.11
C LEU K 143 -16.84 -12.06 -47.07
N TYR K 144 -17.56 -12.28 -45.95
CA TYR K 144 -18.35 -13.48 -45.75
C TYR K 144 -19.53 -13.57 -46.74
N GLY K 145 -20.16 -12.44 -47.08
CA GLY K 145 -21.26 -12.43 -48.05
C GLY K 145 -20.90 -13.03 -49.40
N ASN K 146 -19.71 -12.66 -49.93
CA ASN K 146 -19.16 -13.08 -51.24
C ASN K 146 -18.19 -14.30 -51.17
N ASN K 147 -18.14 -15.00 -50.01
CA ASN K 147 -17.21 -16.12 -49.77
C ASN K 147 -17.37 -17.31 -50.73
N ALA K 148 -18.62 -17.59 -51.23
CA ALA K 148 -18.91 -18.65 -52.22
C ALA K 148 -17.94 -18.61 -53.43
N ALA K 149 -17.90 -17.45 -54.15
CA ALA K 149 -17.01 -17.24 -55.32
C ALA K 149 -15.51 -17.10 -54.96
N ALA K 150 -15.18 -16.77 -53.68
CA ALA K 150 -13.79 -16.67 -53.23
C ALA K 150 -13.15 -18.06 -53.24
N GLU K 151 -13.83 -19.05 -52.60
CA GLU K 151 -13.42 -20.45 -52.53
C GLU K 151 -13.77 -21.18 -53.83
N SER L 5 -14.71 0.82 -25.91
CA SER L 5 -16.07 0.66 -26.42
C SER L 5 -16.26 -0.60 -27.29
N MET L 6 -15.18 -1.11 -27.89
CA MET L 6 -15.25 -2.34 -28.70
C MET L 6 -15.29 -3.56 -27.79
N SER L 7 -14.82 -3.42 -26.53
CA SER L 7 -14.89 -4.52 -25.54
C SER L 7 -16.35 -4.90 -25.25
N GLN L 8 -17.26 -3.89 -25.24
CA GLN L 8 -18.70 -4.04 -25.02
C GLN L 8 -19.33 -4.73 -26.23
N SER L 9 -18.99 -4.26 -27.45
CA SER L 9 -19.49 -4.83 -28.70
C SER L 9 -18.94 -6.24 -28.90
N ASN L 10 -17.68 -6.50 -28.49
CA ASN L 10 -17.06 -7.82 -28.60
C ASN L 10 -17.72 -8.80 -27.64
N ARG L 11 -18.06 -8.34 -26.40
CA ARG L 11 -18.78 -9.14 -25.40
C ARG L 11 -20.18 -9.48 -25.94
N GLU L 12 -20.85 -8.50 -26.59
CA GLU L 12 -22.17 -8.66 -27.22
C GLU L 12 -22.13 -9.75 -28.30
N LEU L 13 -21.09 -9.76 -29.12
CA LEU L 13 -20.86 -10.75 -30.16
C LEU L 13 -20.66 -12.12 -29.57
N VAL L 14 -19.86 -12.21 -28.48
CA VAL L 14 -19.57 -13.47 -27.77
C VAL L 14 -20.90 -14.04 -27.25
N VAL L 15 -21.68 -13.23 -26.53
CA VAL L 15 -22.96 -13.63 -25.95
C VAL L 15 -23.92 -14.09 -27.04
N ASP L 16 -24.02 -13.32 -28.14
CA ASP L 16 -24.91 -13.71 -29.22
C ASP L 16 -24.50 -15.06 -29.84
N PHE L 17 -23.19 -15.24 -30.12
CA PHE L 17 -22.72 -16.47 -30.75
C PHE L 17 -22.92 -17.69 -29.85
N LEU L 18 -22.61 -17.54 -28.55
CA LEU L 18 -22.79 -18.62 -27.59
C LEU L 18 -24.27 -18.96 -27.40
N SER L 19 -25.13 -17.95 -27.39
CA SER L 19 -26.57 -18.17 -27.27
C SER L 19 -27.07 -18.98 -28.44
N TYR L 20 -26.56 -18.66 -29.64
CA TYR L 20 -26.94 -19.37 -30.85
C TYR L 20 -26.50 -20.84 -30.80
N LYS L 21 -25.23 -21.10 -30.44
CA LYS L 21 -24.70 -22.46 -30.37
C LYS L 21 -25.42 -23.32 -29.34
N LEU L 22 -25.77 -22.73 -28.16
CA LEU L 22 -26.52 -23.43 -27.12
C LEU L 22 -27.93 -23.75 -27.62
N SER L 23 -28.62 -22.78 -28.25
CA SER L 23 -29.97 -22.99 -28.79
C SER L 23 -30.07 -24.10 -29.87
N GLN L 24 -28.96 -24.31 -30.64
CA GLN L 24 -28.92 -25.36 -31.68
C GLN L 24 -28.95 -26.77 -31.05
N LYS L 25 -28.57 -26.87 -29.76
CA LYS L 25 -28.55 -28.14 -29.03
C LYS L 25 -29.70 -28.24 -28.01
N GLY L 26 -30.64 -27.30 -28.10
CA GLY L 26 -31.81 -27.23 -27.23
C GLY L 26 -31.55 -26.62 -25.86
N TYR L 27 -30.41 -25.93 -25.72
CA TYR L 27 -30.02 -25.25 -24.47
C TYR L 27 -30.20 -23.74 -24.63
N SER L 28 -30.10 -22.98 -23.55
CA SER L 28 -30.23 -21.52 -23.64
C SER L 28 -29.24 -20.81 -22.74
N TRP L 29 -28.76 -19.65 -23.22
CA TRP L 29 -27.82 -18.79 -22.53
C TRP L 29 -28.46 -18.21 -21.24
N SER L 30 -29.74 -17.85 -21.34
CA SER L 30 -30.57 -17.28 -20.29
C SER L 30 -32.06 -17.54 -20.63
N GLN L 31 -32.96 -17.18 -19.69
CA GLN L 31 -34.41 -17.32 -19.84
C GLN L 31 -34.97 -16.42 -20.96
N MET L 32 -34.40 -15.19 -21.09
CA MET L 32 -34.79 -14.24 -22.12
C MET L 32 -34.39 -14.78 -23.50
N ALA L 33 -33.18 -15.42 -23.62
CA ALA L 33 -32.70 -16.05 -24.85
C ALA L 33 -33.66 -17.19 -25.25
N ALA L 34 -34.18 -17.95 -24.25
CA ALA L 34 -35.13 -19.04 -24.45
C ALA L 34 -36.46 -18.50 -25.01
N VAL L 35 -36.96 -17.38 -24.45
CA VAL L 35 -38.19 -16.72 -24.91
C VAL L 35 -38.02 -16.24 -26.38
N LYS L 36 -36.90 -15.55 -26.66
CA LYS L 36 -36.58 -15.05 -27.99
C LYS L 36 -36.58 -16.18 -29.02
N GLN L 37 -35.92 -17.32 -28.68
CA GLN L 37 -35.86 -18.50 -29.56
C GLN L 37 -37.23 -19.10 -29.85
N ALA L 38 -38.05 -19.27 -28.80
CA ALA L 38 -39.40 -19.82 -28.92
C ALA L 38 -40.29 -18.97 -29.84
N LEU L 39 -40.20 -17.62 -29.76
CA LEU L 39 -41.00 -16.74 -30.63
C LEU L 39 -40.47 -16.75 -32.07
N ARG L 40 -39.15 -16.83 -32.23
CA ARG L 40 -38.56 -16.91 -33.56
C ARG L 40 -39.14 -18.14 -34.29
N GLU L 41 -39.07 -19.31 -33.63
CA GLU L 41 -39.59 -20.58 -34.15
C GLU L 41 -41.11 -20.56 -34.38
N ALA L 42 -41.87 -19.88 -33.52
CA ALA L 42 -43.33 -19.78 -33.62
C ALA L 42 -43.78 -18.97 -34.86
N GLY L 43 -43.11 -17.83 -35.10
CA GLY L 43 -43.35 -16.96 -36.24
C GLY L 43 -43.08 -17.75 -37.51
N ASP L 44 -41.97 -18.56 -37.52
CA ASP L 44 -41.66 -19.39 -38.70
C ASP L 44 -42.77 -20.39 -38.96
N GLU L 45 -43.20 -21.10 -37.89
CA GLU L 45 -44.26 -22.12 -37.96
C GLU L 45 -45.57 -21.53 -38.44
N PHE L 46 -45.94 -20.37 -37.89
CA PHE L 46 -47.16 -19.65 -38.24
C PHE L 46 -47.16 -19.24 -39.73
N GLU L 47 -46.06 -18.61 -40.18
CA GLU L 47 -45.90 -18.12 -41.56
C GLU L 47 -45.98 -19.24 -42.59
N LEU L 48 -45.54 -20.43 -42.18
CA LEU L 48 -45.55 -21.61 -43.01
C LEU L 48 -46.96 -22.21 -43.06
N ARG L 49 -47.59 -22.40 -41.89
CA ARG L 49 -48.92 -23.01 -41.78
C ARG L 49 -50.06 -22.14 -42.30
N TYR L 50 -49.94 -20.81 -42.16
CA TYR L 50 -51.01 -19.92 -42.57
C TYR L 50 -50.60 -18.93 -43.62
N ARG L 51 -49.71 -19.33 -44.53
CA ARG L 51 -49.19 -18.48 -45.60
C ARG L 51 -50.27 -17.64 -46.34
N ARG L 52 -51.30 -18.30 -46.90
CA ARG L 52 -52.36 -17.66 -47.67
C ARG L 52 -53.21 -16.71 -46.85
N ALA L 53 -53.66 -17.15 -45.66
CA ALA L 53 -54.43 -16.35 -44.71
C ALA L 53 -53.62 -15.12 -44.27
N PHE L 54 -52.30 -15.31 -44.03
CA PHE L 54 -51.35 -14.28 -43.59
C PHE L 54 -51.06 -13.23 -44.68
N SER L 55 -51.05 -13.64 -45.97
CA SER L 55 -50.82 -12.73 -47.10
C SER L 55 -51.98 -11.71 -47.28
N ASP L 56 -53.18 -12.07 -46.80
CA ASP L 56 -54.39 -11.25 -46.83
C ASP L 56 -54.29 -10.15 -45.78
N LEU L 57 -53.75 -10.49 -44.59
CA LEU L 57 -53.55 -9.58 -43.47
C LEU L 57 -52.52 -8.50 -43.81
N THR L 58 -51.48 -8.85 -44.57
CA THR L 58 -50.39 -7.96 -45.00
C THR L 58 -50.82 -6.93 -46.05
N SER L 59 -51.75 -7.31 -46.93
CA SER L 59 -52.30 -6.43 -47.97
C SER L 59 -53.34 -5.41 -47.38
N GLN L 60 -53.87 -5.70 -46.16
CA GLN L 60 -54.87 -4.89 -45.43
C GLN L 60 -54.35 -3.51 -45.00
N LEU L 61 -53.01 -3.34 -45.03
CA LEU L 61 -52.29 -2.12 -44.68
C LEU L 61 -51.05 -2.06 -45.55
N HIS L 62 -50.95 -1.07 -46.44
CA HIS L 62 -49.73 -0.95 -47.21
C HIS L 62 -49.00 0.28 -46.71
N ILE L 63 -47.84 0.07 -46.09
CA ILE L 63 -47.05 1.14 -45.49
C ILE L 63 -46.58 2.17 -46.51
N THR L 64 -46.67 3.45 -46.13
CA THR L 64 -46.22 4.62 -46.88
C THR L 64 -45.45 5.51 -45.88
N PRO L 65 -44.53 6.42 -46.29
CA PRO L 65 -43.87 7.28 -45.30
C PRO L 65 -44.82 8.18 -44.48
N GLY L 66 -46.09 8.23 -44.88
CA GLY L 66 -47.14 9.00 -44.22
C GLY L 66 -48.03 8.22 -43.27
N THR L 67 -47.91 6.86 -43.24
CA THR L 67 -48.71 6.04 -42.33
C THR L 67 -48.29 6.32 -40.87
N ALA L 68 -49.28 6.41 -39.98
CA ALA L 68 -49.16 6.63 -38.54
C ALA L 68 -49.83 5.45 -37.82
N TYR L 69 -49.55 5.28 -36.52
CA TYR L 69 -50.10 4.21 -35.67
C TYR L 69 -51.56 3.84 -35.91
N GLN L 70 -52.46 4.85 -36.01
CA GLN L 70 -53.90 4.67 -36.16
C GLN L 70 -54.24 3.61 -37.20
N SER L 71 -53.73 3.78 -38.45
CA SER L 71 -53.88 2.85 -39.58
C SER L 71 -53.31 1.45 -39.27
N PHE L 72 -52.20 1.38 -38.49
CA PHE L 72 -51.59 0.11 -38.11
C PHE L 72 -52.51 -0.59 -37.09
N GLU L 73 -52.87 0.13 -36.00
CA GLU L 73 -53.72 -0.33 -34.88
C GLU L 73 -55.08 -0.88 -35.34
N GLN L 74 -55.69 -0.26 -36.38
CA GLN L 74 -56.99 -0.68 -36.93
C GLN L 74 -56.90 -2.05 -37.58
N VAL L 75 -55.83 -2.29 -38.36
CA VAL L 75 -55.58 -3.58 -39.01
C VAL L 75 -55.29 -4.65 -37.94
N VAL L 76 -54.48 -4.28 -36.92
CA VAL L 76 -54.10 -5.17 -35.82
C VAL L 76 -55.30 -5.49 -34.91
N ASN L 77 -56.25 -4.55 -34.75
CA ASN L 77 -57.40 -4.87 -33.93
C ASN L 77 -58.41 -5.74 -34.73
N GLU L 78 -58.28 -5.87 -36.09
CA GLU L 78 -59.11 -6.81 -36.90
C GLU L 78 -58.59 -8.24 -36.58
N LEU L 79 -57.25 -8.39 -36.41
CA LEU L 79 -56.56 -9.61 -36.02
C LEU L 79 -57.00 -10.02 -34.59
N PHE L 80 -57.22 -9.02 -33.71
CA PHE L 80 -57.62 -9.24 -32.33
C PHE L 80 -59.10 -8.89 -32.07
N ARG L 81 -59.94 -8.89 -33.15
CA ARG L 81 -61.38 -8.58 -33.06
C ARG L 81 -62.13 -9.52 -32.15
N ASP L 82 -61.67 -10.77 -32.08
CA ASP L 82 -62.30 -11.85 -31.34
C ASP L 82 -61.49 -12.32 -30.11
N GLY L 83 -60.57 -11.50 -29.61
CA GLY L 83 -59.83 -11.87 -28.40
C GLY L 83 -58.32 -11.99 -28.49
N VAL L 84 -57.73 -12.56 -27.41
CA VAL L 84 -56.28 -12.73 -27.19
C VAL L 84 -55.87 -14.15 -26.76
N ASN L 85 -54.99 -14.78 -27.56
CA ASN L 85 -54.38 -16.10 -27.36
C ASN L 85 -52.93 -16.06 -27.83
N TRP L 86 -52.12 -17.04 -27.38
CA TRP L 86 -50.69 -17.13 -27.69
C TRP L 86 -50.37 -17.15 -29.22
N GLY L 87 -51.26 -17.76 -30.03
CA GLY L 87 -51.15 -17.89 -31.49
C GLY L 87 -51.43 -16.60 -32.25
N ARG L 88 -52.40 -15.81 -31.74
CA ARG L 88 -52.78 -14.49 -32.29
C ARG L 88 -51.62 -13.50 -32.08
N ILE L 89 -50.90 -13.63 -30.92
CA ILE L 89 -49.73 -12.81 -30.52
C ILE L 89 -48.59 -13.09 -31.52
N VAL L 90 -48.39 -14.38 -31.86
CA VAL L 90 -47.37 -14.84 -32.82
C VAL L 90 -47.67 -14.19 -34.18
N ALA L 91 -48.95 -14.23 -34.60
CA ALA L 91 -49.42 -13.63 -35.86
C ALA L 91 -49.13 -12.11 -35.90
N PHE L 92 -49.33 -11.43 -34.76
CA PHE L 92 -49.03 -10.01 -34.59
C PHE L 92 -47.54 -9.71 -34.84
N PHE L 93 -46.62 -10.51 -34.24
CA PHE L 93 -45.17 -10.35 -34.43
C PHE L 93 -44.79 -10.58 -35.90
N SER L 94 -45.33 -11.66 -36.50
CA SER L 94 -45.13 -12.02 -37.92
C SER L 94 -45.57 -10.90 -38.83
N PHE L 95 -46.72 -10.27 -38.51
CA PHE L 95 -47.30 -9.14 -39.25
C PHE L 95 -46.32 -7.94 -39.25
N GLY L 96 -45.78 -7.61 -38.08
CA GLY L 96 -44.79 -6.55 -37.91
C GLY L 96 -43.55 -6.82 -38.72
N GLY L 97 -43.08 -8.07 -38.68
CA GLY L 97 -41.93 -8.54 -39.44
C GLY L 97 -42.14 -8.40 -40.94
N ALA L 98 -43.32 -8.85 -41.46
CA ALA L 98 -43.64 -8.72 -42.86
C ALA L 98 -43.70 -7.26 -43.31
N LEU L 99 -44.23 -6.37 -42.46
CA LEU L 99 -44.29 -4.94 -42.78
C LEU L 99 -42.89 -4.34 -42.89
N CYS L 100 -41.95 -4.75 -42.02
CA CYS L 100 -40.57 -4.27 -42.02
C CYS L 100 -39.86 -4.72 -43.29
N VAL L 101 -40.00 -6.00 -43.67
CA VAL L 101 -39.37 -6.54 -44.89
C VAL L 101 -39.90 -5.77 -46.11
N GLU L 102 -41.25 -5.68 -46.21
CA GLU L 102 -41.91 -4.95 -47.28
C GLU L 102 -41.37 -3.49 -47.37
N SER L 103 -41.18 -2.82 -46.21
CA SER L 103 -40.62 -1.47 -46.16
C SER L 103 -39.21 -1.39 -46.76
N VAL L 104 -38.34 -2.36 -46.43
CA VAL L 104 -36.98 -2.42 -46.97
C VAL L 104 -37.02 -2.79 -48.47
N ASP L 105 -37.91 -3.72 -48.87
CA ASP L 105 -38.11 -4.09 -50.28
C ASP L 105 -38.46 -2.82 -51.09
N LYS L 106 -39.34 -1.96 -50.54
CA LYS L 106 -39.81 -0.72 -51.18
C LYS L 106 -38.88 0.50 -50.95
N GLU L 107 -37.65 0.29 -50.42
CA GLU L 107 -36.63 1.31 -50.19
C GLU L 107 -37.01 2.38 -49.13
N MET L 108 -37.90 2.00 -48.20
CA MET L 108 -38.45 2.87 -47.14
C MET L 108 -37.97 2.37 -45.79
N GLN L 109 -36.63 2.24 -45.66
CA GLN L 109 -35.90 1.78 -44.49
C GLN L 109 -36.21 2.59 -43.21
N VAL L 110 -36.70 3.83 -43.38
CA VAL L 110 -37.12 4.74 -42.33
C VAL L 110 -38.37 4.25 -41.58
N LEU L 111 -39.20 3.43 -42.22
CA LEU L 111 -40.43 2.94 -41.61
C LEU L 111 -40.22 1.83 -40.59
N VAL L 112 -39.07 1.12 -40.64
CA VAL L 112 -38.75 -0.01 -39.75
C VAL L 112 -38.78 0.41 -38.25
N SER L 113 -38.11 1.51 -37.91
CA SER L 113 -38.08 2.08 -36.54
C SER L 113 -39.52 2.44 -36.09
N ARG L 114 -40.31 2.97 -37.04
CA ARG L 114 -41.70 3.37 -36.82
C ARG L 114 -42.56 2.14 -36.51
N ILE L 115 -42.38 1.05 -37.27
CA ILE L 115 -43.12 -0.22 -37.06
C ILE L 115 -42.80 -0.82 -35.69
N ALA L 116 -41.50 -0.81 -35.32
CA ALA L 116 -41.05 -1.32 -34.04
C ALA L 116 -41.77 -0.57 -32.89
N ALA L 117 -41.88 0.78 -33.02
CA ALA L 117 -42.54 1.61 -31.99
C ALA L 117 -44.06 1.32 -31.92
N TRP L 118 -44.69 1.10 -33.09
CA TRP L 118 -46.12 0.74 -33.19
C TRP L 118 -46.39 -0.58 -32.45
N MET L 119 -45.52 -1.58 -32.67
CA MET L 119 -45.60 -2.90 -32.06
C MET L 119 -45.50 -2.82 -30.54
N ALA L 120 -44.52 -2.04 -30.02
CA ALA L 120 -44.33 -1.87 -28.59
C ALA L 120 -45.56 -1.20 -27.95
N THR L 121 -46.13 -0.17 -28.63
CA THR L 121 -47.36 0.49 -28.16
C THR L 121 -48.53 -0.51 -28.11
N TYR L 122 -48.71 -1.30 -29.19
CA TYR L 122 -49.79 -2.27 -29.24
C TYR L 122 -49.67 -3.32 -28.15
N LEU L 123 -48.47 -3.88 -27.98
CA LEU L 123 -48.17 -4.86 -26.93
C LEU L 123 -48.52 -4.34 -25.55
N ASN L 124 -48.03 -3.14 -25.19
CA ASN L 124 -48.28 -2.54 -23.89
C ASN L 124 -49.75 -2.21 -23.66
N ASP L 125 -50.42 -1.60 -24.65
CA ASP L 125 -51.83 -1.20 -24.55
C ASP L 125 -52.80 -2.38 -24.52
N HIS L 126 -52.58 -3.40 -25.36
CA HIS L 126 -53.55 -4.47 -25.55
C HIS L 126 -53.18 -5.88 -25.11
N LEU L 127 -51.92 -6.28 -25.26
CA LEU L 127 -51.55 -7.67 -25.02
C LEU L 127 -50.90 -7.98 -23.66
N GLU L 128 -50.10 -7.04 -23.11
CA GLU L 128 -49.39 -7.21 -21.85
C GLU L 128 -50.31 -7.59 -20.66
N PRO L 129 -51.54 -7.03 -20.47
CA PRO L 129 -52.37 -7.49 -19.34
C PRO L 129 -52.67 -8.99 -19.46
N TRP L 130 -53.02 -9.45 -20.68
CA TRP L 130 -53.33 -10.85 -20.92
C TRP L 130 -52.10 -11.75 -20.72
N ILE L 131 -50.91 -11.30 -21.17
CA ILE L 131 -49.68 -12.05 -21.02
C ILE L 131 -49.39 -12.34 -19.53
N GLN L 132 -49.47 -11.29 -18.68
CA GLN L 132 -49.26 -11.39 -17.23
C GLN L 132 -50.31 -12.29 -16.57
N GLU L 133 -51.58 -12.19 -17.02
CA GLU L 133 -52.68 -13.01 -16.51
C GLU L 133 -52.52 -14.51 -16.85
N ASN L 134 -51.85 -14.84 -17.96
CA ASN L 134 -51.73 -16.23 -18.42
C ASN L 134 -50.31 -16.84 -18.29
N GLY L 135 -49.59 -16.43 -17.24
CA GLY L 135 -48.29 -17.00 -16.87
C GLY L 135 -47.04 -16.33 -17.41
N GLY L 136 -47.21 -15.27 -18.19
CA GLY L 136 -46.08 -14.55 -18.79
C GLY L 136 -45.39 -15.29 -19.92
N TRP L 137 -44.27 -14.71 -20.40
CA TRP L 137 -43.43 -15.25 -21.47
C TRP L 137 -42.70 -16.54 -21.07
N ASP L 138 -42.65 -16.82 -19.75
CA ASP L 138 -42.05 -18.04 -19.19
C ASP L 138 -42.91 -19.27 -19.48
N THR L 139 -44.26 -19.13 -19.40
CA THR L 139 -45.17 -20.25 -19.68
C THR L 139 -45.34 -20.46 -21.18
N PHE L 140 -45.24 -19.38 -22.02
CA PHE L 140 -45.29 -19.48 -23.49
C PHE L 140 -44.19 -20.45 -23.96
N VAL L 141 -42.98 -20.32 -23.35
CA VAL L 141 -41.79 -21.16 -23.61
C VAL L 141 -42.14 -22.61 -23.34
N GLU L 142 -42.69 -22.90 -22.13
CA GLU L 142 -43.06 -24.26 -21.74
C GLU L 142 -44.00 -24.93 -22.76
N LEU L 143 -45.15 -24.28 -23.09
CA LEU L 143 -46.14 -24.82 -24.02
C LEU L 143 -45.63 -24.88 -25.47
N TYR L 144 -44.77 -23.93 -25.91
CA TYR L 144 -44.24 -23.98 -27.28
C TYR L 144 -42.97 -24.85 -27.39
#